data_7L28
#
_entry.id   7L28
#
_cell.length_a   83.240
_cell.length_b   59.650
_cell.length_c   158.120
_cell.angle_alpha   90.000
_cell.angle_beta   90.480
_cell.angle_gamma   90.000
#
_symmetry.space_group_name_H-M   'P 1 21 1'
#
loop_
_entity.id
_entity.type
_entity.pdbx_description
1 polymer "cGMP-inhibited 3',5'-cyclic phosphodiesterase A"
2 non-polymer (2E)-9,10-dimethoxy-3-methyl-2-[(2,4,6-trimethylphenyl)imino]-2,3,6,7-tetrahydro-4H-pyrimido[6,1-a]isoquinolin-4-one
3 non-polymer 'MANGANESE (II) ION'
4 non-polymer 'MAGNESIUM ION'
5 non-polymer 'ACETATE ION'
6 water water
#
_entity_poly.entity_id   1
_entity_poly.type   'polypeptide(L)'
_entity_poly.pdbx_seq_one_letter_code
;GKPILAPEPLVMDNLDSIMEQLNTWNFPIFDLVENIGRKCGRILSQVSYRLFEDMGLFEAFKIPIREFMNYFHALEIGYR
DIPYHNRIHATDVLHAVWYLTTQPIPGLSTVIGGSGGSYVFSKTYNVTDDKYGCLSGNIPALELMALYVAAAMHDYDHPG
RTNAFLVATSAPQAVLYNDRSVLENHHAAAAWNLFMSRPEYNFLINLDHVEFKHFRFLVIEAILATDLKKHFDFVAKFNG
KVNDDVGIDWTNENDRLLVCQMCIKLADINGPAKCKELHLQWTDGIVNEFYEQGDEEASLGLPISPFMDRSAPQLANLQE
SFISHIVGPLCNSYDSAGLMPGKWVEGGSGGSRRKIYCQITQHLLQNHKMWKKVIEEEQR
;
_entity_poly.pdbx_strand_id   A,B,C,D
#
# COMPACT_ATOMS: atom_id res chain seq x y z
N LYS A 2 -14.13 -19.93 52.15
CA LYS A 2 -15.34 -20.21 52.96
C LYS A 2 -16.41 -19.14 52.68
N PRO A 3 -17.62 -19.53 52.23
CA PRO A 3 -18.69 -18.57 52.01
C PRO A 3 -19.41 -18.13 53.29
N ILE A 4 -20.03 -16.96 53.25
CA ILE A 4 -20.87 -16.51 54.40
C ILE A 4 -22.26 -17.11 54.17
N LEU A 5 -22.69 -17.96 55.09
CA LEU A 5 -23.99 -18.64 54.93
C LEU A 5 -24.95 -18.10 55.99
N ALA A 6 -26.25 -18.20 55.72
CA ALA A 6 -27.25 -17.70 56.67
C ALA A 6 -27.29 -18.58 57.91
N PRO A 7 -27.48 -18.00 59.12
CA PRO A 7 -27.63 -18.80 60.32
C PRO A 7 -28.63 -19.96 60.11
N GLU A 8 -28.25 -21.18 60.53
CA GLU A 8 -29.05 -22.41 60.29
C GLU A 8 -30.56 -22.24 60.49
N PRO A 9 -31.11 -21.79 61.65
CA PRO A 9 -32.54 -21.50 61.72
C PRO A 9 -32.74 -20.26 60.84
N LEU A 10 -32.99 -20.44 59.54
CA LEU A 10 -33.08 -19.33 58.56
C LEU A 10 -34.02 -18.20 59.03
N VAL A 11 -35.26 -18.52 59.42
CA VAL A 11 -36.22 -17.53 59.89
C VAL A 11 -36.21 -17.44 61.42
N MET A 12 -36.01 -16.24 61.93
CA MET A 12 -36.06 -16.02 63.40
C MET A 12 -37.53 -16.03 63.84
N ASP A 13 -37.80 -16.35 65.10
CA ASP A 13 -39.22 -16.50 65.53
C ASP A 13 -39.57 -15.48 66.60
N ASN A 14 -38.58 -14.71 67.08
CA ASN A 14 -38.82 -13.79 68.23
C ASN A 14 -39.21 -12.38 67.77
N LEU A 15 -39.41 -12.16 66.46
CA LEU A 15 -39.62 -10.78 65.94
C LEU A 15 -41.07 -10.62 65.46
N ASP A 16 -41.95 -11.55 65.78
CA ASP A 16 -43.30 -11.56 65.17
C ASP A 16 -44.12 -10.33 65.56
N SER A 17 -43.85 -9.71 66.72
CA SER A 17 -44.69 -8.57 67.17
C SER A 17 -44.36 -7.33 66.35
N ILE A 18 -43.13 -7.26 65.81
CA ILE A 18 -42.70 -6.06 65.04
C ILE A 18 -42.90 -6.33 63.56
N MET A 19 -42.65 -7.56 63.10
CA MET A 19 -42.72 -7.86 61.66
C MET A 19 -44.15 -7.70 61.12
N GLU A 20 -45.17 -7.88 61.94
CA GLU A 20 -46.55 -7.70 61.49
C GLU A 20 -46.88 -6.24 61.21
N GLN A 21 -46.10 -5.33 61.82
CA GLN A 21 -46.25 -3.89 61.66
C GLN A 21 -45.50 -3.31 60.42
N LEU A 22 -44.99 -4.19 59.54
CA LEU A 22 -44.34 -3.76 58.32
C LEU A 22 -45.28 -2.98 57.40
N ASN A 23 -46.58 -3.28 57.45
CA ASN A 23 -47.55 -2.60 56.59
C ASN A 23 -48.03 -1.23 57.10
N THR A 24 -47.23 -0.62 57.99
CA THR A 24 -47.38 0.78 58.34
C THR A 24 -46.22 1.58 57.72
N TRP A 25 -46.46 2.87 57.46
CA TRP A 25 -45.44 3.75 56.89
C TRP A 25 -44.34 3.98 57.92
N ASN A 26 -44.73 4.31 59.15
CA ASN A 26 -43.79 4.56 60.22
C ASN A 26 -43.45 3.27 60.99
N PHE A 27 -43.01 2.25 60.23
CA PHE A 27 -42.50 1.00 60.76
C PHE A 27 -41.45 1.29 61.83
N PRO A 28 -41.60 0.73 63.06
CA PRO A 28 -40.65 1.04 64.14
C PRO A 28 -39.36 0.24 63.97
N ILE A 29 -38.51 0.69 63.03
CA ILE A 29 -37.35 -0.07 62.57
C ILE A 29 -36.27 -0.15 63.64
N PHE A 30 -36.16 0.91 64.45
CA PHE A 30 -35.19 0.95 65.54
C PHE A 30 -35.57 0.04 66.71
N ASP A 31 -36.88 -0.18 66.90
CA ASP A 31 -37.34 -1.19 67.85
C ASP A 31 -36.95 -2.58 67.34
N LEU A 32 -37.02 -2.82 66.03
CA LEU A 32 -36.60 -4.14 65.50
C LEU A 32 -35.09 -4.31 65.70
N VAL A 33 -34.32 -3.23 65.51
CA VAL A 33 -32.89 -3.31 65.74
C VAL A 33 -32.60 -3.85 67.14
N GLU A 34 -33.29 -3.30 68.14
CA GLU A 34 -33.13 -3.68 69.54
C GLU A 34 -33.62 -5.11 69.81
N ASN A 35 -34.72 -5.50 69.16
CA ASN A 35 -35.23 -6.89 69.29
C ASN A 35 -34.16 -7.87 68.79
N ILE A 36 -33.65 -7.70 67.57
CA ILE A 36 -32.70 -8.66 66.95
C ILE A 36 -31.34 -8.56 67.63
N GLY A 37 -30.95 -7.36 68.06
CA GLY A 37 -29.60 -7.16 68.58
C GLY A 37 -28.81 -6.25 67.63
N ARG A 38 -28.24 -5.18 68.20
CA ARG A 38 -27.68 -4.05 67.45
C ARG A 38 -26.76 -4.42 66.28
N LYS A 39 -25.73 -5.23 66.55
CA LYS A 39 -24.74 -5.63 65.55
C LYS A 39 -24.78 -7.14 65.29
N CYS A 40 -25.99 -7.70 65.39
CA CYS A 40 -26.25 -9.10 65.13
C CYS A 40 -26.12 -9.41 63.63
N GLY A 41 -26.49 -8.41 62.81
CA GLY A 41 -26.31 -8.42 61.38
C GLY A 41 -27.25 -9.36 60.67
N ARG A 42 -28.55 -9.28 60.98
CA ARG A 42 -29.57 -10.19 60.38
C ARG A 42 -30.84 -9.43 60.00
N ILE A 43 -30.91 -8.14 60.30
CA ILE A 43 -32.12 -7.34 60.07
C ILE A 43 -32.57 -7.33 58.60
N LEU A 44 -31.62 -7.15 57.67
CA LEU A 44 -31.93 -7.04 56.24
C LEU A 44 -32.46 -8.36 55.66
N SER A 45 -31.80 -9.47 55.99
CA SER A 45 -32.22 -10.80 55.52
C SER A 45 -33.59 -11.23 56.08
N GLN A 46 -33.83 -10.92 57.35
CA GLN A 46 -35.12 -11.26 58.00
C GLN A 46 -36.26 -10.45 57.37
N VAL A 47 -36.10 -9.14 57.23
CA VAL A 47 -37.13 -8.33 56.57
C VAL A 47 -37.35 -8.75 55.12
N SER A 48 -36.26 -9.03 54.40
CA SER A 48 -36.34 -9.44 53.01
C SER A 48 -37.16 -10.74 52.87
N TYR A 49 -36.88 -11.71 53.75
CA TYR A 49 -37.66 -12.93 53.80
C TYR A 49 -39.16 -12.63 53.90
N ARG A 50 -39.53 -11.82 54.88
CA ARG A 50 -40.97 -11.55 55.15
C ARG A 50 -41.63 -10.85 53.95
N LEU A 51 -40.97 -9.86 53.36
CA LEU A 51 -41.56 -9.11 52.25
C LEU A 51 -41.69 -9.96 51.00
N PHE A 52 -40.69 -10.79 50.71
CA PHE A 52 -40.74 -11.71 49.56
C PHE A 52 -41.82 -12.78 49.76
N GLU A 53 -41.94 -13.26 51.00
CA GLU A 53 -43.00 -14.18 51.40
C GLU A 53 -44.38 -13.50 51.25
N ASP A 54 -44.50 -12.27 51.77
CA ASP A 54 -45.73 -11.49 51.67
C ASP A 54 -46.22 -11.26 50.24
N MET A 55 -45.29 -11.21 49.29
CA MET A 55 -45.62 -10.93 47.89
C MET A 55 -45.75 -12.19 47.05
N GLY A 56 -45.45 -13.35 47.64
CA GLY A 56 -45.44 -14.61 46.93
C GLY A 56 -44.36 -14.72 45.86
N LEU A 57 -43.26 -13.98 46.05
CA LEU A 57 -42.20 -13.93 45.06
C LEU A 57 -41.40 -15.25 45.02
N PHE A 58 -41.26 -15.90 46.18
CA PHE A 58 -40.62 -17.22 46.28
C PHE A 58 -41.28 -18.22 45.33
N GLU A 59 -42.63 -18.26 45.35
CA GLU A 59 -43.39 -19.16 44.51
C GLU A 59 -43.35 -18.71 43.05
N ALA A 60 -43.52 -17.41 42.82
CA ALA A 60 -43.56 -16.83 41.47
C ALA A 60 -42.31 -17.08 40.63
N PHE A 61 -41.15 -17.24 41.29
CA PHE A 61 -39.89 -17.48 40.58
C PHE A 61 -39.09 -18.70 41.08
N LYS A 62 -39.79 -19.64 41.73
CA LYS A 62 -39.17 -20.88 42.24
C LYS A 62 -37.84 -20.55 42.91
N ILE A 63 -37.84 -19.54 43.75
CA ILE A 63 -36.63 -19.12 44.45
C ILE A 63 -36.36 -20.10 45.58
N PRO A 64 -35.19 -20.77 45.62
CA PRO A 64 -34.82 -21.55 46.79
C PRO A 64 -34.47 -20.63 47.95
N ILE A 65 -35.16 -20.83 49.08
CA ILE A 65 -35.05 -19.97 50.27
C ILE A 65 -33.67 -19.98 50.88
N ARG A 66 -32.98 -21.12 50.86
CA ARG A 66 -31.66 -21.18 51.48
C ARG A 66 -30.66 -20.27 50.75
N GLU A 67 -30.63 -20.36 49.41
CA GLU A 67 -29.74 -19.54 48.61
C GLU A 67 -30.09 -18.03 48.73
N PHE A 68 -31.39 -17.73 48.74
CA PHE A 68 -31.90 -16.40 49.02
C PHE A 68 -31.32 -15.88 50.32
N MET A 69 -31.52 -16.63 51.41
CA MET A 69 -31.06 -16.19 52.73
C MET A 69 -29.55 -16.14 52.84
N ASN A 70 -28.86 -17.02 52.11
CA ASN A 70 -27.38 -16.98 52.05
C ASN A 70 -26.90 -15.63 51.48
N TYR A 71 -27.45 -15.27 50.30
CA TYR A 71 -27.04 -14.05 49.64
C TYR A 71 -27.35 -12.82 50.47
N PHE A 72 -28.59 -12.72 50.95
CA PHE A 72 -28.99 -11.56 51.73
C PHE A 72 -28.24 -11.40 53.06
N HIS A 73 -27.75 -12.51 53.61
CA HIS A 73 -26.92 -12.42 54.83
C HIS A 73 -25.52 -11.95 54.43
N ALA A 74 -24.94 -12.57 53.41
CA ALA A 74 -23.64 -12.10 52.91
C ALA A 74 -23.69 -10.59 52.60
N LEU A 75 -24.77 -10.17 51.92
CA LEU A 75 -24.99 -8.78 51.55
C LEU A 75 -25.03 -7.88 52.79
N GLU A 76 -25.87 -8.22 53.76
CA GLU A 76 -26.00 -7.39 54.94
C GLU A 76 -24.73 -7.35 55.79
N ILE A 77 -23.99 -8.46 55.82
CA ILE A 77 -22.68 -8.50 56.49
C ILE A 77 -21.72 -7.48 55.87
N GLY A 78 -21.81 -7.29 54.56
CA GLY A 78 -20.97 -6.34 53.83
C GLY A 78 -21.34 -4.87 53.93
N TYR A 79 -22.49 -4.56 54.54
CA TYR A 79 -22.77 -3.20 54.96
C TYR A 79 -21.94 -2.91 56.20
N ARG A 80 -21.29 -1.75 56.25
CA ARG A 80 -20.39 -1.39 57.33
C ARG A 80 -21.13 -0.81 58.52
N ASP A 81 -20.45 -0.80 59.67
CA ASP A 81 -20.96 -0.24 60.92
C ASP A 81 -20.56 1.22 60.96
N ILE A 82 -21.31 2.03 60.20
CA ILE A 82 -21.15 3.48 60.16
C ILE A 82 -22.53 4.02 60.52
N PRO A 83 -22.64 5.31 60.88
CA PRO A 83 -23.89 5.86 61.42
C PRO A 83 -25.17 5.80 60.57
N TYR A 84 -25.04 5.95 59.24
CA TYR A 84 -26.21 6.09 58.36
C TYR A 84 -26.30 5.03 57.26
N HIS A 85 -25.28 4.94 56.40
CA HIS A 85 -25.27 4.02 55.26
C HIS A 85 -24.92 2.61 55.68
N ASN A 86 -25.77 2.05 56.55
CA ASN A 86 -25.59 0.73 57.13
C ASN A 86 -26.76 -0.14 56.71
N ARG A 87 -26.77 -1.38 57.20
CA ARG A 87 -27.77 -2.36 56.84
C ARG A 87 -29.16 -2.01 57.33
N ILE A 88 -29.25 -1.07 58.29
CA ILE A 88 -30.53 -0.59 58.80
C ILE A 88 -31.17 0.38 57.77
N HIS A 89 -30.35 1.29 57.24
CA HIS A 89 -30.77 2.12 56.11
C HIS A 89 -31.22 1.26 54.94
N ALA A 90 -30.45 0.23 54.59
CA ALA A 90 -30.81 -0.63 53.46
C ALA A 90 -32.17 -1.27 53.70
N THR A 91 -32.40 -1.74 54.92
CA THR A 91 -33.67 -2.36 55.29
C THR A 91 -34.81 -1.34 55.19
N ASP A 92 -34.55 -0.12 55.66
CA ASP A 92 -35.50 0.98 55.60
C ASP A 92 -35.93 1.31 54.17
N VAL A 93 -34.95 1.36 53.26
CA VAL A 93 -35.18 1.64 51.85
C VAL A 93 -36.00 0.52 51.20
N LEU A 94 -35.68 -0.74 51.54
CA LEU A 94 -36.45 -1.87 51.01
C LEU A 94 -37.92 -1.81 51.52
N HIS A 95 -38.09 -1.52 52.81
CA HIS A 95 -39.43 -1.39 53.36
C HIS A 95 -40.23 -0.29 52.64
N ALA A 96 -39.58 0.85 52.36
CA ALA A 96 -40.23 1.95 51.67
C ALA A 96 -40.70 1.64 50.24
N VAL A 97 -39.83 1.01 49.43
CA VAL A 97 -40.22 0.67 48.06
C VAL A 97 -41.33 -0.38 48.04
N TRP A 98 -41.31 -1.27 49.04
CA TRP A 98 -42.36 -2.28 49.18
C TRP A 98 -43.69 -1.58 49.54
N TYR A 99 -43.64 -0.70 50.54
CA TYR A 99 -44.80 0.07 50.95
C TYR A 99 -45.39 0.86 49.80
N LEU A 100 -44.52 1.58 49.08
CA LEU A 100 -44.95 2.43 47.97
C LEU A 100 -45.57 1.66 46.82
N THR A 101 -45.14 0.40 46.63
CA THR A 101 -45.57 -0.42 45.50
C THR A 101 -46.73 -1.37 45.81
N THR A 102 -47.04 -1.54 47.10
CA THR A 102 -48.02 -2.55 47.52
C THR A 102 -49.28 -1.99 48.19
N GLN A 103 -49.18 -0.76 48.73
CA GLN A 103 -50.23 -0.14 49.49
C GLN A 103 -51.22 0.63 48.63
N PRO A 104 -52.48 0.79 49.11
CA PRO A 104 -53.55 1.37 48.30
C PRO A 104 -53.22 2.81 47.87
N ILE A 105 -53.42 3.07 46.58
CA ILE A 105 -53.28 4.39 46.00
C ILE A 105 -54.66 4.84 45.52
N PRO A 106 -55.22 5.94 46.08
CA PRO A 106 -56.57 6.37 45.71
C PRO A 106 -56.67 6.70 44.24
N GLY A 107 -57.63 6.05 43.55
CA GLY A 107 -57.96 6.37 42.17
C GLY A 107 -56.94 5.98 41.10
N LEU A 108 -56.07 5.03 41.45
CA LEU A 108 -55.13 4.44 40.52
C LEU A 108 -55.83 3.32 39.76
N SER A 109 -55.76 3.35 38.42
CA SER A 109 -56.22 2.20 37.60
C SER A 109 -55.34 0.95 37.76
N THR A 110 -55.95 -0.20 38.08
CA THR A 110 -55.17 -1.45 38.26
C THR A 110 -55.22 -2.29 36.99
N VAL A 111 -54.10 -2.91 36.61
CA VAL A 111 -54.04 -3.75 35.38
C VAL A 111 -54.02 -5.23 35.80
N SER A 118 -46.84 -11.38 34.08
CA SER A 118 -47.54 -11.73 35.29
C SER A 118 -47.19 -10.77 36.46
N TYR A 119 -48.10 -10.71 37.45
CA TYR A 119 -48.12 -9.72 38.52
C TYR A 119 -48.32 -10.39 39.87
N VAL A 120 -47.81 -9.75 40.92
CA VAL A 120 -48.05 -10.17 42.31
C VAL A 120 -48.73 -9.08 43.12
N PHE A 121 -49.28 -9.47 44.27
CA PHE A 121 -49.95 -8.56 45.21
C PHE A 121 -49.62 -8.93 46.64
N SER A 122 -49.57 -7.94 47.52
CA SER A 122 -49.29 -8.17 48.93
C SER A 122 -50.47 -8.87 49.58
N LYS A 123 -50.18 -9.78 50.52
CA LYS A 123 -51.20 -10.34 51.39
C LYS A 123 -51.98 -9.25 52.16
N THR A 124 -51.30 -8.15 52.46
CA THR A 124 -51.87 -6.99 53.16
C THR A 124 -52.84 -6.16 52.28
N TYR A 125 -52.97 -6.50 51.00
CA TYR A 125 -53.83 -5.79 50.05
C TYR A 125 -55.17 -6.48 49.76
N ASN A 126 -56.27 -5.90 50.25
CA ASN A 126 -57.61 -6.43 49.90
C ASN A 126 -57.94 -5.93 48.48
N VAL A 127 -58.69 -6.71 47.70
CA VAL A 127 -58.99 -6.33 46.29
C VAL A 127 -60.46 -5.92 46.20
N THR A 128 -61.13 -5.76 47.35
CA THR A 128 -62.57 -5.42 47.36
C THR A 128 -62.76 -3.94 46.99
N ASP A 129 -61.84 -3.07 47.42
CA ASP A 129 -62.01 -1.62 47.18
C ASP A 129 -61.56 -1.26 45.75
N ASP A 130 -62.51 -0.97 44.87
CA ASP A 130 -62.18 -0.59 43.46
C ASP A 130 -61.64 0.84 43.44
N LYS A 131 -62.07 1.67 44.39
CA LYS A 131 -61.60 3.07 44.47
C LYS A 131 -60.08 3.21 44.75
N TYR A 132 -59.38 2.09 44.87
CA TYR A 132 -57.94 2.05 45.09
C TYR A 132 -57.29 1.09 44.12
N GLY A 133 -56.04 1.40 43.75
CA GLY A 133 -55.14 0.46 43.08
C GLY A 133 -53.82 0.41 43.82
N CYS A 134 -52.86 -0.34 43.29
CA CYS A 134 -51.49 -0.35 43.79
C CYS A 134 -50.52 -0.61 42.64
N LEU A 135 -49.29 -0.08 42.77
CA LEU A 135 -48.29 -0.20 41.69
C LEU A 135 -48.01 -1.64 41.27
N SER A 136 -48.11 -2.58 42.22
CA SER A 136 -47.84 -4.00 41.96
C SER A 136 -48.85 -4.64 40.99
N GLY A 137 -49.96 -3.94 40.75
CA GLY A 137 -50.96 -4.30 39.76
C GLY A 137 -50.65 -3.79 38.36
N ASN A 138 -49.75 -2.80 38.27
CA ASN A 138 -49.35 -2.17 37.01
C ASN A 138 -47.90 -2.47 36.58
N ILE A 139 -47.12 -3.06 37.50
CA ILE A 139 -45.71 -3.37 37.27
C ILE A 139 -45.46 -4.87 37.43
N PRO A 140 -45.03 -5.57 36.35
CA PRO A 140 -44.84 -7.02 36.39
C PRO A 140 -43.90 -7.48 37.49
N ALA A 141 -44.16 -8.68 38.01
CA ALA A 141 -43.41 -9.22 39.15
C ALA A 141 -41.89 -9.16 39.00
N LEU A 142 -41.37 -9.45 37.80
CA LEU A 142 -39.93 -9.44 37.53
C LEU A 142 -39.32 -8.06 37.84
N GLU A 143 -39.98 -7.01 37.35
CA GLU A 143 -39.56 -5.63 37.55
C GLU A 143 -39.68 -5.19 39.01
N LEU A 144 -40.72 -5.68 39.69
CA LEU A 144 -40.92 -5.37 41.10
C LEU A 144 -39.82 -6.00 41.94
N MET A 145 -39.53 -7.27 41.64
CA MET A 145 -38.48 -8.01 42.32
C MET A 145 -37.10 -7.34 42.11
N ALA A 146 -36.86 -6.86 40.88
CA ALA A 146 -35.65 -6.11 40.55
C ALA A 146 -35.49 -4.89 41.45
N LEU A 147 -36.57 -4.13 41.61
CA LEU A 147 -36.61 -2.94 42.43
C LEU A 147 -36.28 -3.27 43.89
N TYR A 148 -36.84 -4.37 44.40
CA TYR A 148 -36.65 -4.77 45.80
C TYR A 148 -35.22 -5.22 46.09
N VAL A 149 -34.66 -6.01 45.18
CA VAL A 149 -33.27 -6.45 45.28
C VAL A 149 -32.33 -5.26 45.19
N ALA A 150 -32.61 -4.34 44.25
CA ALA A 150 -31.85 -3.08 44.15
C ALA A 150 -31.81 -2.33 45.48
N ALA A 151 -32.97 -2.18 46.12
CA ALA A 151 -33.04 -1.46 47.40
C ALA A 151 -32.15 -2.12 48.44
N ALA A 152 -32.18 -3.45 48.49
CA ALA A 152 -31.33 -4.19 49.42
C ALA A 152 -29.84 -3.98 49.14
N MET A 153 -29.48 -3.98 47.85
CA MET A 153 -28.08 -3.83 47.40
C MET A 153 -27.55 -2.42 47.39
N HIS A 154 -28.45 -1.43 47.33
CA HIS A 154 -28.13 -0.11 46.77
C HIS A 154 -27.01 0.69 47.44
N ASP A 155 -26.63 0.35 48.69
CA ASP A 155 -25.59 1.10 49.45
C ASP A 155 -24.54 0.14 49.99
N TYR A 156 -24.42 -1.05 49.41
CA TYR A 156 -23.49 -2.09 49.83
C TYR A 156 -22.05 -1.61 49.85
N ASP A 157 -21.39 -1.84 50.99
CA ASP A 157 -19.99 -1.49 51.22
C ASP A 157 -19.73 0.01 51.14
N HIS A 158 -20.71 0.76 51.64
CA HIS A 158 -20.59 2.23 51.70
C HIS A 158 -19.47 2.62 52.69
N PRO A 159 -18.50 3.49 52.35
CA PRO A 159 -17.46 3.91 53.30
C PRO A 159 -17.78 5.15 54.13
N GLY A 160 -19.01 5.61 54.15
CA GLY A 160 -19.44 6.78 54.90
C GLY A 160 -18.87 8.11 54.44
N ARG A 161 -18.52 8.20 53.15
CA ARG A 161 -18.05 9.44 52.51
C ARG A 161 -18.90 9.68 51.27
N THR A 162 -19.06 10.95 50.88
CA THR A 162 -19.76 11.31 49.65
C THR A 162 -18.90 11.07 48.40
N ASN A 163 -19.53 11.10 47.23
CA ASN A 163 -18.79 10.94 45.96
C ASN A 163 -17.83 12.13 45.82
N ALA A 164 -18.30 13.35 46.10
CA ALA A 164 -17.45 14.53 46.00
C ALA A 164 -16.14 14.41 46.77
N PHE A 165 -16.22 13.82 47.97
CA PHE A 165 -15.03 13.56 48.79
C PHE A 165 -14.06 12.57 48.12
N LEU A 166 -14.61 11.47 47.58
CA LEU A 166 -13.81 10.45 46.93
C LEU A 166 -13.12 11.02 45.69
N VAL A 167 -13.85 11.87 44.97
CA VAL A 167 -13.34 12.55 43.79
C VAL A 167 -12.23 13.53 44.17
N ALA A 168 -12.51 14.42 45.14
CA ALA A 168 -11.55 15.43 45.59
C ALA A 168 -10.22 14.84 46.07
N THR A 169 -10.26 13.67 46.72
CA THR A 169 -9.07 13.02 47.25
C THR A 169 -8.48 11.92 46.37
N SER A 170 -8.90 11.85 45.10
CA SER A 170 -8.45 10.81 44.15
C SER A 170 -8.41 9.45 44.80
N ALA A 171 -9.51 9.07 45.47
CA ALA A 171 -9.61 7.77 46.11
C ALA A 171 -9.55 6.71 45.03
N PRO A 172 -9.03 5.49 45.32
CA PRO A 172 -8.95 4.43 44.31
C PRO A 172 -10.27 4.14 43.61
N GLN A 173 -11.39 4.25 44.33
CA GLN A 173 -12.72 4.03 43.77
C GLN A 173 -13.09 5.09 42.70
N ALA A 174 -12.76 6.36 42.98
CA ALA A 174 -13.03 7.47 42.08
C ALA A 174 -12.20 7.37 40.80
N VAL A 175 -10.97 6.87 40.93
CA VAL A 175 -10.08 6.67 39.78
C VAL A 175 -10.62 5.49 38.97
N LEU A 176 -11.07 4.45 39.68
CA LEU A 176 -11.59 3.25 39.07
C LEU A 176 -12.82 3.49 38.21
N TYR A 177 -13.73 4.35 38.70
CA TYR A 177 -14.96 4.69 38.00
C TYR A 177 -14.93 6.07 37.31
N ASN A 178 -13.72 6.61 37.06
CA ASN A 178 -13.57 7.84 36.31
C ASN A 178 -14.45 8.99 36.83
N ASP A 179 -14.61 9.07 38.15
CA ASP A 179 -15.38 10.17 38.81
C ASP A 179 -16.89 10.12 38.51
N ARG A 180 -17.36 9.07 37.83
CA ARG A 180 -18.80 8.98 37.45
C ARG A 180 -19.57 8.05 38.39
N SER A 181 -20.56 8.59 39.12
CA SER A 181 -21.38 7.80 40.09
C SER A 181 -20.50 6.76 40.77
N VAL A 182 -19.45 7.21 41.44
CA VAL A 182 -18.44 6.29 42.02
C VAL A 182 -19.06 5.28 42.98
N LEU A 183 -19.75 5.77 43.99
CA LEU A 183 -20.28 4.86 45.02
C LEU A 183 -21.37 3.98 44.44
N GLU A 184 -22.28 4.55 43.66
CA GLU A 184 -23.42 3.77 43.13
C GLU A 184 -22.91 2.69 42.18
N ASN A 185 -21.90 3.01 41.38
CA ASN A 185 -21.28 1.98 40.50
C ASN A 185 -20.68 0.89 41.39
N HIS A 186 -20.01 1.28 42.47
CA HIS A 186 -19.40 0.34 43.39
C HIS A 186 -20.43 -0.58 44.07
N HIS A 187 -21.51 0.02 44.60
CA HIS A 187 -22.54 -0.75 45.30
C HIS A 187 -23.08 -1.85 44.37
N ALA A 188 -23.48 -1.46 43.15
CA ALA A 188 -24.01 -2.39 42.17
C ALA A 188 -23.02 -3.47 41.77
N ALA A 189 -21.77 -3.06 41.54
CA ALA A 189 -20.73 -3.97 41.02
C ALA A 189 -20.26 -4.95 42.09
N ALA A 190 -19.99 -4.43 43.29
CA ALA A 190 -19.61 -5.24 44.42
C ALA A 190 -20.73 -6.22 44.81
N ALA A 191 -21.99 -5.77 44.82
CA ALA A 191 -23.11 -6.64 45.18
C ALA A 191 -23.35 -7.73 44.14
N TRP A 192 -23.19 -7.40 42.86
CA TRP A 192 -23.29 -8.41 41.80
C TRP A 192 -22.12 -9.39 41.82
N ASN A 193 -20.92 -8.89 42.12
CA ASN A 193 -19.75 -9.73 42.24
C ASN A 193 -19.98 -10.73 43.36
N LEU A 194 -20.49 -10.25 44.50
CA LEU A 194 -20.83 -11.11 45.62
C LEU A 194 -21.77 -12.20 45.18
N PHE A 195 -22.86 -11.82 44.50
CA PHE A 195 -23.87 -12.78 44.04
C PHE A 195 -23.27 -13.89 43.18
N MET A 196 -22.41 -13.50 42.24
CA MET A 196 -21.85 -14.40 41.25
C MET A 196 -20.73 -15.28 41.82
N SER A 197 -20.14 -14.84 42.94
CA SER A 197 -18.97 -15.50 43.51
C SER A 197 -19.22 -16.94 44.02
N ARG A 198 -20.47 -17.21 44.40
CA ARG A 198 -20.81 -18.51 45.02
C ARG A 198 -22.13 -19.13 44.49
N PRO A 199 -22.21 -20.44 44.08
CA PRO A 199 -23.48 -21.07 43.78
C PRO A 199 -24.47 -21.17 44.96
N GLU A 200 -23.95 -21.06 46.19
CA GLU A 200 -24.77 -21.01 47.41
C GLU A 200 -25.61 -19.73 47.51
N TYR A 201 -25.28 -18.73 46.67
CA TYR A 201 -26.01 -17.48 46.59
C TYR A 201 -27.01 -17.39 45.43
N ASN A 202 -27.04 -18.40 44.55
CA ASN A 202 -27.81 -18.28 43.33
C ASN A 202 -29.33 -18.50 43.49
N PHE A 203 -30.00 -17.54 44.14
CA PHE A 203 -31.44 -17.58 44.35
C PHE A 203 -32.25 -17.30 43.06
N LEU A 204 -31.56 -16.90 41.99
CA LEU A 204 -32.19 -16.62 40.71
C LEU A 204 -32.04 -17.75 39.70
N ILE A 205 -31.61 -18.92 40.18
CA ILE A 205 -31.34 -20.10 39.35
C ILE A 205 -32.43 -20.45 38.34
N ASN A 206 -33.70 -20.17 38.69
CA ASN A 206 -34.83 -20.49 37.81
C ASN A 206 -35.40 -19.38 36.90
N LEU A 207 -34.69 -18.26 36.77
CA LEU A 207 -34.95 -17.31 35.67
C LEU A 207 -34.27 -17.91 34.46
N ASP A 208 -34.85 -17.76 33.27
CA ASP A 208 -34.12 -18.12 32.06
C ASP A 208 -33.06 -17.03 31.78
N HIS A 209 -32.25 -17.24 30.73
CA HIS A 209 -31.13 -16.35 30.42
C HIS A 209 -31.62 -14.95 30.09
N VAL A 210 -32.69 -14.86 29.30
CA VAL A 210 -33.29 -13.59 28.91
C VAL A 210 -33.80 -12.80 30.14
N GLU A 211 -34.57 -13.46 31.00
CA GLU A 211 -35.09 -12.90 32.24
C GLU A 211 -33.97 -12.41 33.16
N PHE A 212 -32.92 -13.22 33.30
CA PHE A 212 -31.84 -12.89 34.21
C PHE A 212 -31.12 -11.62 33.73
N LYS A 213 -30.84 -11.54 32.43
CA LYS A 213 -30.17 -10.39 31.83
C LYS A 213 -31.00 -9.14 32.01
N HIS A 214 -32.30 -9.24 31.77
CA HIS A 214 -33.19 -8.11 31.93
C HIS A 214 -33.27 -7.68 33.39
N PHE A 215 -33.32 -8.66 34.30
CA PHE A 215 -33.35 -8.43 35.75
C PHE A 215 -32.13 -7.61 36.19
N ARG A 216 -30.95 -8.03 35.74
CA ARG A 216 -29.67 -7.44 36.13
C ARG A 216 -29.61 -5.98 35.66
N PHE A 217 -30.06 -5.73 34.43
CA PHE A 217 -30.14 -4.40 33.86
C PHE A 217 -31.05 -3.50 34.73
N LEU A 218 -32.24 -4.00 35.07
CA LEU A 218 -33.18 -3.27 35.91
C LEU A 218 -32.60 -2.93 37.28
N VAL A 219 -31.93 -3.89 37.90
CA VAL A 219 -31.33 -3.70 39.21
C VAL A 219 -30.28 -2.60 39.15
N ILE A 220 -29.43 -2.65 38.13
CA ILE A 220 -28.37 -1.68 37.95
C ILE A 220 -28.94 -0.26 37.75
N GLU A 221 -29.94 -0.14 36.86
CA GLU A 221 -30.62 1.14 36.60
C GLU A 221 -31.25 1.74 37.85
N ALA A 222 -31.85 0.89 38.70
CA ALA A 222 -32.41 1.35 39.95
C ALA A 222 -31.36 1.85 40.92
N ILE A 223 -30.26 1.09 41.10
CA ILE A 223 -29.17 1.49 42.00
C ILE A 223 -28.51 2.78 41.54
N LEU A 224 -28.23 2.88 40.24
CA LEU A 224 -27.52 4.08 39.71
C LEU A 224 -28.44 5.30 39.81
N ALA A 225 -29.75 5.11 39.74
CA ALA A 225 -30.69 6.20 39.92
C ALA A 225 -30.62 6.86 41.32
N THR A 226 -29.95 6.24 42.30
CA THR A 226 -29.81 6.83 43.62
C THR A 226 -28.72 7.88 43.76
N ASP A 227 -27.98 8.12 42.67
CA ASP A 227 -26.96 9.20 42.66
C ASP A 227 -27.67 10.55 42.69
N LEU A 228 -27.48 11.31 43.77
CA LEU A 228 -28.17 12.60 43.91
C LEU A 228 -27.73 13.64 42.85
N LYS A 229 -26.55 13.46 42.27
CA LYS A 229 -26.11 14.28 41.15
C LYS A 229 -27.09 14.29 39.99
N LYS A 230 -27.84 13.20 39.83
CA LYS A 230 -28.81 13.06 38.70
C LYS A 230 -30.24 13.34 39.18
N HIS A 231 -30.41 13.80 40.42
CA HIS A 231 -31.72 14.01 40.99
C HIS A 231 -32.66 14.88 40.17
N PHE A 232 -32.17 16.04 39.73
CA PHE A 232 -33.01 17.01 39.01
C PHE A 232 -33.40 16.53 37.61
N ASP A 233 -32.48 15.81 36.96
CA ASP A 233 -32.76 15.19 35.66
C ASP A 233 -33.90 14.21 35.75
N PHE A 234 -33.88 13.36 36.77
CA PHE A 234 -34.95 12.35 36.94
C PHE A 234 -36.30 13.04 37.21
N VAL A 235 -36.29 14.06 38.07
CA VAL A 235 -37.53 14.73 38.44
C VAL A 235 -38.14 15.45 37.22
N ALA A 236 -37.28 16.14 36.45
CA ALA A 236 -37.67 16.78 35.20
C ALA A 236 -38.27 15.78 34.22
N LYS A 237 -37.57 14.66 34.03
CA LYS A 237 -37.99 13.66 33.07
C LYS A 237 -39.35 13.08 33.46
N PHE A 238 -39.55 12.86 34.77
CA PHE A 238 -40.79 12.28 35.25
C PHE A 238 -41.94 13.28 35.13
N ASN A 239 -41.69 14.53 35.52
CA ASN A 239 -42.64 15.62 35.32
C ASN A 239 -43.02 15.73 33.83
N GLY A 240 -42.00 15.60 32.95
CA GLY A 240 -42.20 15.54 31.51
C GLY A 240 -43.24 14.52 31.08
N LYS A 241 -43.07 13.26 31.49
CA LYS A 241 -43.98 12.16 31.06
C LYS A 241 -45.37 12.36 31.65
N VAL A 242 -45.46 12.93 32.85
CA VAL A 242 -46.75 13.14 33.50
C VAL A 242 -47.52 14.25 32.78
N ASN A 243 -46.88 15.41 32.58
CA ASN A 243 -47.57 16.58 31.99
C ASN A 243 -47.59 16.50 30.47
N ASP A 244 -47.04 15.42 29.90
CA ASP A 244 -47.14 15.26 28.42
C ASP A 244 -48.49 14.61 28.10
N ASP A 245 -48.80 14.42 26.82
CA ASP A 245 -50.04 13.69 26.46
C ASP A 245 -50.02 12.25 26.92
N VAL A 246 -51.18 11.59 26.99
CA VAL A 246 -51.33 10.15 27.39
C VAL A 246 -50.76 9.82 28.79
N GLY A 247 -50.05 10.74 29.43
CA GLY A 247 -49.48 10.51 30.77
C GLY A 247 -48.59 9.28 30.85
N ILE A 248 -48.61 8.60 32.00
CA ILE A 248 -47.77 7.38 32.19
C ILE A 248 -48.44 6.22 31.45
N ASP A 249 -47.69 5.58 30.54
CA ASP A 249 -48.20 4.41 29.79
C ASP A 249 -47.72 3.14 30.49
N TRP A 250 -48.56 2.52 31.32
CA TRP A 250 -48.18 1.32 32.04
C TRP A 250 -47.81 0.13 31.15
N THR A 251 -48.08 0.26 29.83
CA THR A 251 -47.73 -0.75 28.83
C THR A 251 -46.34 -0.54 28.26
N ASN A 252 -45.75 0.62 28.57
CA ASN A 252 -44.39 0.95 28.07
C ASN A 252 -43.35 0.60 29.14
N GLU A 253 -42.29 -0.11 28.75
CA GLU A 253 -41.26 -0.56 29.72
C GLU A 253 -40.47 0.63 30.25
N ASN A 254 -40.15 1.59 29.39
CA ASN A 254 -39.32 2.76 29.79
C ASN A 254 -40.12 3.68 30.71
N ASP A 255 -41.45 3.64 30.63
CA ASP A 255 -42.31 4.43 31.53
C ASP A 255 -42.35 3.76 32.90
N ARG A 256 -42.31 2.43 32.93
CA ARG A 256 -42.34 1.69 34.21
C ARG A 256 -40.98 1.78 34.89
N LEU A 257 -39.90 1.84 34.12
CA LEU A 257 -38.55 2.00 34.70
C LEU A 257 -38.48 3.33 35.43
N LEU A 258 -38.96 4.41 34.81
CA LEU A 258 -38.88 5.75 35.44
C LEU A 258 -39.72 5.75 36.73
N VAL A 259 -40.88 5.10 36.70
CA VAL A 259 -41.69 4.98 37.95
C VAL A 259 -40.86 4.25 39.01
N CYS A 260 -40.25 3.10 38.66
CA CYS A 260 -39.44 2.34 39.60
C CYS A 260 -38.26 3.15 40.16
N GLN A 261 -37.59 3.90 39.28
CA GLN A 261 -36.48 4.77 39.67
C GLN A 261 -36.95 5.89 40.62
N MET A 262 -38.11 6.50 40.32
CA MET A 262 -38.67 7.57 41.19
C MET A 262 -39.06 6.94 42.53
N CYS A 263 -39.47 5.68 42.51
CA CYS A 263 -39.88 4.98 43.75
C CYS A 263 -38.63 4.74 44.62
N ILE A 264 -37.56 4.21 44.02
CA ILE A 264 -36.32 3.89 44.81
C ILE A 264 -35.67 5.19 45.27
N LYS A 265 -35.82 6.27 44.51
CA LYS A 265 -35.31 7.59 44.92
C LYS A 265 -36.06 8.14 46.11
N LEU A 266 -37.40 8.09 46.07
CA LEU A 266 -38.23 8.54 47.19
C LEU A 266 -37.91 7.72 48.46
N ALA A 267 -37.85 6.40 48.31
CA ALA A 267 -37.50 5.49 49.39
C ALA A 267 -36.13 5.76 50.00
N ASP A 268 -35.14 6.07 49.16
CA ASP A 268 -33.79 6.32 49.62
C ASP A 268 -33.73 7.49 50.60
N ILE A 269 -34.47 8.57 50.33
CA ILE A 269 -34.42 9.79 51.15
C ILE A 269 -35.74 10.04 51.90
N ASN A 270 -36.41 8.94 52.29
CA ASN A 270 -37.75 8.98 52.90
C ASN A 270 -37.82 9.61 54.30
N GLY A 271 -36.68 9.73 54.97
CA GLY A 271 -36.59 10.15 56.36
C GLY A 271 -37.41 11.39 56.73
N PRO A 272 -37.22 12.53 56.02
CA PRO A 272 -38.02 13.72 56.25
C PRO A 272 -39.52 13.58 56.03
N ALA A 273 -39.96 12.48 55.39
CA ALA A 273 -41.38 12.19 55.19
C ALA A 273 -41.93 11.14 56.16
N LYS A 274 -41.16 10.84 57.22
CA LYS A 274 -41.58 10.00 58.33
C LYS A 274 -42.01 10.85 59.54
N CYS A 275 -42.60 10.21 60.54
CA CYS A 275 -42.91 10.86 61.82
C CYS A 275 -41.66 11.50 62.41
N LYS A 276 -41.87 12.53 63.23
CA LYS A 276 -40.80 13.27 63.87
C LYS A 276 -39.72 12.35 64.44
N GLU A 277 -40.15 11.31 65.15
CA GLU A 277 -39.26 10.45 65.93
C GLU A 277 -38.24 9.72 65.03
N LEU A 278 -38.76 9.04 64.01
CA LEU A 278 -37.93 8.36 63.02
C LEU A 278 -37.02 9.35 62.30
N HIS A 279 -37.61 10.43 61.80
CA HIS A 279 -36.92 11.49 61.07
C HIS A 279 -35.71 11.99 61.85
N LEU A 280 -35.91 12.25 63.14
CA LEU A 280 -34.85 12.79 64.00
C LEU A 280 -33.75 11.77 64.27
N GLN A 281 -34.12 10.50 64.46
CA GLN A 281 -33.12 9.44 64.57
C GLN A 281 -32.24 9.32 63.30
N TRP A 282 -32.86 9.32 62.13
CA TRP A 282 -32.12 9.26 60.87
C TRP A 282 -31.24 10.47 60.67
N THR A 283 -31.74 11.64 61.06
CA THR A 283 -30.96 12.88 61.06
C THR A 283 -29.65 12.78 61.83
N ASP A 284 -29.71 12.20 63.03
CA ASP A 284 -28.52 12.01 63.86
C ASP A 284 -27.50 11.19 63.10
N GLY A 285 -27.96 10.11 62.47
CA GLY A 285 -27.12 9.23 61.67
C GLY A 285 -26.39 9.98 60.56
N ILE A 286 -27.15 10.71 59.74
CA ILE A 286 -26.56 11.33 58.56
C ILE A 286 -25.59 12.43 58.96
N VAL A 287 -25.98 13.28 59.92
CA VAL A 287 -25.07 14.35 60.38
C VAL A 287 -23.78 13.82 61.02
N ASN A 288 -23.88 12.66 61.68
CA ASN A 288 -22.70 11.99 62.24
C ASN A 288 -21.71 11.54 61.17
N GLU A 289 -22.22 11.00 60.06
CA GLU A 289 -21.37 10.69 58.90
C GLU A 289 -20.75 11.95 58.31
N PHE A 290 -21.56 13.01 58.16
CA PHE A 290 -21.04 14.26 57.64
C PHE A 290 -19.88 14.84 58.48
N TYR A 291 -20.03 14.83 59.81
CA TYR A 291 -18.96 15.30 60.70
C TYR A 291 -17.71 14.45 60.65
N GLU A 292 -17.87 13.12 60.55
CA GLU A 292 -16.71 12.23 60.37
C GLU A 292 -15.92 12.58 59.08
N GLN A 293 -16.65 13.00 58.03
CA GLN A 293 -16.03 13.39 56.77
C GLN A 293 -15.34 14.74 56.96
N GLY A 294 -16.04 15.65 57.65
CA GLY A 294 -15.51 16.96 57.98
C GLY A 294 -14.17 16.86 58.72
N ASP A 295 -14.11 15.94 59.69
CA ASP A 295 -12.88 15.64 60.40
C ASP A 295 -11.77 15.28 59.41
N GLU A 296 -12.00 14.25 58.58
CA GLU A 296 -11.00 13.81 57.61
C GLU A 296 -10.60 14.92 56.61
N GLU A 297 -11.56 15.73 56.20
CA GLU A 297 -11.26 16.85 55.27
C GLU A 297 -10.28 17.79 55.94
N ALA A 298 -10.39 17.98 57.26
CA ALA A 298 -9.53 18.93 57.98
C ALA A 298 -8.23 18.25 58.36
N SER A 299 -8.23 16.92 58.42
CA SER A 299 -6.96 16.18 58.65
C SER A 299 -6.10 16.45 57.41
N LEU A 300 -6.75 16.65 56.27
CA LEU A 300 -6.01 17.03 55.04
C LEU A 300 -6.13 18.55 54.97
N GLY A 301 -5.79 19.16 53.84
CA GLY A 301 -5.84 20.64 53.81
C GLY A 301 -7.11 21.09 53.12
N LEU A 302 -8.07 20.18 53.01
CA LEU A 302 -9.30 20.51 52.23
C LEU A 302 -10.25 21.35 53.07
N PRO A 303 -10.95 22.32 52.47
CA PRO A 303 -11.96 23.07 53.19
C PRO A 303 -13.09 22.12 53.63
N ILE A 304 -13.56 22.25 54.87
CA ILE A 304 -14.66 21.42 55.34
C ILE A 304 -15.91 21.74 54.52
N SER A 305 -16.57 20.69 54.01
CA SER A 305 -17.74 20.83 53.14
C SER A 305 -18.92 21.43 53.92
N PRO A 306 -19.83 22.18 53.25
CA PRO A 306 -21.04 22.67 53.89
C PRO A 306 -21.79 21.65 54.75
N PHE A 307 -22.22 22.10 55.93
CA PHE A 307 -22.97 21.31 56.91
C PHE A 307 -22.19 20.15 57.52
N MET A 308 -20.87 20.13 57.32
CA MET A 308 -20.04 19.01 57.79
C MET A 308 -19.07 19.41 58.89
N ASP A 309 -19.18 20.64 59.38
CA ASP A 309 -18.33 21.12 60.51
C ASP A 309 -19.07 20.94 61.83
N ARG A 310 -18.58 20.07 62.70
CA ARG A 310 -19.26 19.79 63.98
C ARG A 310 -19.02 20.98 64.89
N SER A 311 -17.90 21.67 64.67
CA SER A 311 -17.56 22.86 65.48
C SER A 311 -18.30 24.08 64.93
N ALA A 312 -19.12 23.91 63.90
CA ALA A 312 -19.95 25.02 63.37
C ALA A 312 -21.14 24.43 62.63
N PRO A 313 -22.15 23.85 63.32
CA PRO A 313 -23.25 23.19 62.63
C PRO A 313 -24.42 24.06 62.16
N GLN A 314 -24.94 23.77 60.96
CA GLN A 314 -26.14 24.50 60.44
C GLN A 314 -27.23 23.44 60.26
N LEU A 315 -27.54 22.70 61.32
CA LEU A 315 -28.46 21.58 61.28
C LEU A 315 -29.81 21.92 60.69
N ALA A 316 -30.41 23.01 61.18
CA ALA A 316 -31.74 23.42 60.75
C ALA A 316 -31.71 23.84 59.29
N ASN A 317 -30.64 24.53 58.88
CA ASN A 317 -30.50 24.95 57.49
C ASN A 317 -30.37 23.74 56.54
N LEU A 318 -29.49 22.80 56.91
CA LEU A 318 -29.33 21.52 56.21
C LEU A 318 -30.69 20.87 55.98
N GLN A 319 -31.42 20.66 57.07
CA GLN A 319 -32.71 19.99 57.02
C GLN A 319 -33.72 20.74 56.15
N GLU A 320 -33.85 22.04 56.39
CA GLU A 320 -34.81 22.86 55.67
C GLU A 320 -34.50 22.93 54.17
N SER A 321 -33.23 23.17 53.82
CA SER A 321 -32.82 23.27 52.41
C SER A 321 -32.93 21.90 51.71
N PHE A 322 -32.55 20.81 52.41
CA PHE A 322 -32.69 19.47 51.86
C PHE A 322 -34.14 19.15 51.51
N ILE A 323 -35.07 19.53 52.39
CA ILE A 323 -36.49 19.32 52.13
C ILE A 323 -36.97 20.19 50.97
N SER A 324 -36.56 21.47 50.97
CA SER A 324 -37.05 22.43 49.98
C SER A 324 -36.49 22.19 48.57
N HIS A 325 -35.18 21.86 48.49
CA HIS A 325 -34.51 21.65 47.18
C HIS A 325 -34.57 20.23 46.60
N ILE A 326 -34.70 19.21 47.47
CA ILE A 326 -34.56 17.81 47.05
C ILE A 326 -35.82 17.01 47.31
N VAL A 327 -36.17 16.81 48.58
CA VAL A 327 -37.28 15.91 48.96
C VAL A 327 -38.64 16.44 48.51
N GLY A 328 -38.89 17.74 48.78
CA GLY A 328 -40.15 18.40 48.47
C GLY A 328 -40.50 18.29 46.99
N PRO A 329 -39.64 18.75 46.06
CA PRO A 329 -39.92 18.61 44.64
C PRO A 329 -40.16 17.16 44.21
N LEU A 330 -39.42 16.23 44.82
CA LEU A 330 -39.56 14.82 44.49
C LEU A 330 -40.93 14.28 44.91
N CYS A 331 -41.35 14.60 46.13
CA CYS A 331 -42.69 14.21 46.61
C CYS A 331 -43.81 14.85 45.80
N ASN A 332 -43.66 16.14 45.50
CA ASN A 332 -44.61 16.89 44.68
C ASN A 332 -44.76 16.24 43.30
N SER A 333 -43.63 15.96 42.65
CA SER A 333 -43.61 15.29 41.37
C SER A 333 -44.36 13.95 41.44
N TYR A 334 -44.06 13.16 42.47
CA TYR A 334 -44.59 11.81 42.63
C TYR A 334 -46.08 11.83 42.96
N ASP A 335 -46.48 12.79 43.80
CA ASP A 335 -47.89 13.03 44.12
C ASP A 335 -48.68 13.47 42.89
N SER A 336 -48.10 14.38 42.10
CA SER A 336 -48.73 14.91 40.86
C SER A 336 -49.09 13.84 39.87
N ALA A 337 -48.29 12.76 39.83
CA ALA A 337 -48.56 11.60 38.99
C ALA A 337 -49.65 10.74 39.61
N GLY A 338 -50.00 11.02 40.86
CA GLY A 338 -51.01 10.29 41.61
C GLY A 338 -50.56 8.93 42.12
N LEU A 339 -49.27 8.78 42.45
CA LEU A 339 -48.71 7.49 42.89
C LEU A 339 -48.57 7.36 44.42
N MET A 340 -48.82 8.44 45.14
CA MET A 340 -48.68 8.50 46.58
C MET A 340 -49.76 7.64 47.24
N PRO A 341 -49.40 6.68 48.11
CA PRO A 341 -50.41 6.03 48.96
C PRO A 341 -51.17 7.08 49.76
N GLY A 342 -52.43 6.81 50.06
CA GLY A 342 -53.31 7.74 50.77
C GLY A 342 -54.72 7.17 50.89
N LYS A 343 -55.59 7.88 51.60
CA LYS A 343 -56.96 7.45 51.87
C LYS A 343 -57.96 8.51 51.40
N TRP A 344 -59.05 8.05 50.77
CA TRP A 344 -60.21 8.88 50.48
C TRP A 344 -60.88 9.23 51.81
N VAL A 345 -61.08 10.52 52.08
CA VAL A 345 -61.66 10.98 53.34
C VAL A 345 -62.79 11.94 53.06
N ARG A 354 -64.51 13.54 48.02
CA ARG A 354 -63.59 13.81 46.93
C ARG A 354 -62.19 14.21 47.40
N LYS A 355 -61.97 14.16 48.73
CA LYS A 355 -60.70 14.56 49.35
C LYS A 355 -59.82 13.32 49.60
N ILE A 356 -58.51 13.52 49.61
CA ILE A 356 -57.54 12.47 49.88
C ILE A 356 -56.68 12.87 51.07
N TYR A 357 -56.60 12.00 52.08
CA TYR A 357 -55.63 12.17 53.14
C TYR A 357 -54.36 11.38 52.83
N CYS A 358 -53.22 12.08 52.77
CA CYS A 358 -51.93 11.48 52.40
C CYS A 358 -50.90 11.65 53.53
N GLN A 359 -50.70 10.57 54.29
CA GLN A 359 -49.81 10.56 55.44
C GLN A 359 -48.41 11.06 55.12
N ILE A 360 -47.88 10.67 53.96
CA ILE A 360 -46.49 10.92 53.59
C ILE A 360 -46.22 12.41 53.37
N THR A 361 -47.04 13.07 52.55
CA THR A 361 -46.91 14.49 52.33
C THR A 361 -47.26 15.30 53.58
N GLN A 362 -48.23 14.80 54.37
CA GLN A 362 -48.53 15.40 55.67
C GLN A 362 -47.29 15.46 56.57
N HIS A 363 -46.58 14.33 56.73
CA HIS A 363 -45.36 14.29 57.57
C HIS A 363 -44.31 15.25 57.05
N LEU A 364 -44.14 15.31 55.73
CA LEU A 364 -43.11 16.13 55.12
C LEU A 364 -43.38 17.62 55.41
N LEU A 365 -44.65 18.03 55.29
CA LEU A 365 -45.08 19.37 55.63
C LEU A 365 -44.77 19.72 57.09
N GLN A 366 -45.16 18.85 58.01
CA GLN A 366 -44.95 19.08 59.44
C GLN A 366 -43.47 19.18 59.78
N ASN A 367 -42.67 18.26 59.25
CA ASN A 367 -41.22 18.27 59.49
C ASN A 367 -40.58 19.53 58.90
N HIS A 368 -41.10 19.99 57.76
CA HIS A 368 -40.62 21.22 57.14
C HIS A 368 -40.93 22.44 58.01
N LYS A 369 -42.18 22.54 58.48
CA LYS A 369 -42.61 23.57 59.41
C LYS A 369 -41.70 23.59 60.61
N MET A 370 -41.47 22.43 61.22
CA MET A 370 -40.67 22.29 62.42
C MET A 370 -39.27 22.92 62.28
N TRP A 371 -38.60 22.64 61.14
CA TRP A 371 -37.25 23.17 60.90
C TRP A 371 -37.24 24.67 60.57
N LYS A 372 -38.31 25.15 59.91
CA LYS A 372 -38.49 26.58 59.65
C LYS A 372 -38.57 27.35 60.95
N LYS A 373 -39.47 26.91 61.84
CA LYS A 373 -39.61 27.47 63.19
C LYS A 373 -38.26 27.57 63.89
N VAL A 374 -37.47 26.49 63.85
CA VAL A 374 -36.15 26.47 64.47
C VAL A 374 -35.20 27.51 63.87
N ILE A 375 -35.29 27.72 62.55
CA ILE A 375 -34.51 28.72 61.85
C ILE A 375 -34.92 30.13 62.32
N GLU A 376 -36.21 30.35 62.54
CA GLU A 376 -36.72 31.69 62.95
C GLU A 376 -36.26 32.01 64.38
N GLU A 377 -36.35 31.03 65.29
CA GLU A 377 -35.97 31.25 66.72
C GLU A 377 -34.53 31.75 66.80
N GLU A 378 -33.71 31.46 65.80
CA GLU A 378 -32.35 32.03 65.74
C GLU A 378 -32.38 33.35 64.92
N LYS B 2 10.32 -1.99 39.90
CA LYS B 2 8.87 -1.92 39.54
C LYS B 2 8.58 -0.89 38.44
N PRO B 3 8.91 0.41 38.59
CA PRO B 3 8.57 1.39 37.55
C PRO B 3 9.27 1.13 36.22
N ILE B 4 8.48 1.25 35.15
CA ILE B 4 8.95 1.12 33.78
C ILE B 4 9.41 2.51 33.38
N LEU B 5 10.69 2.63 33.00
CA LEU B 5 11.26 3.96 32.64
C LEU B 5 11.65 3.97 31.16
N ALA B 6 11.71 5.16 30.55
CA ALA B 6 12.01 5.27 29.11
C ALA B 6 13.44 4.86 28.81
N PRO B 7 13.75 3.93 27.85
CA PRO B 7 15.14 3.46 27.66
C PRO B 7 16.19 4.58 27.51
N GLU B 8 17.43 4.32 27.95
CA GLU B 8 18.53 5.33 27.89
C GLU B 8 18.48 6.20 26.61
N PRO B 9 18.46 5.67 25.36
CA PRO B 9 18.34 6.51 24.16
C PRO B 9 17.31 7.65 24.22
N LEU B 10 16.23 7.51 25.00
CA LEU B 10 15.12 8.50 25.11
C LEU B 10 14.53 8.80 23.74
N VAL B 11 15.04 9.80 23.03
CA VAL B 11 14.56 10.05 21.64
C VAL B 11 15.48 9.28 20.67
N MET B 12 14.94 8.33 19.91
CA MET B 12 15.75 7.60 18.90
C MET B 12 16.19 8.58 17.82
N ASP B 13 17.31 8.31 17.13
CA ASP B 13 17.84 9.31 16.18
C ASP B 13 17.71 8.94 14.70
N ASN B 14 17.72 7.64 14.39
CA ASN B 14 17.73 7.28 12.93
C ASN B 14 16.34 7.21 12.30
N LEU B 15 15.31 7.74 12.95
CA LEU B 15 13.94 7.63 12.40
C LEU B 15 13.55 8.96 11.76
N ASP B 16 14.49 9.90 11.64
CA ASP B 16 14.12 11.26 11.15
C ASP B 16 13.42 11.23 9.79
N SER B 17 13.82 10.37 8.87
CA SER B 17 13.25 10.36 7.49
C SER B 17 11.77 10.02 7.51
N ILE B 18 11.36 9.01 8.28
CA ILE B 18 9.93 8.59 8.31
C ILE B 18 9.15 9.64 9.11
N MET B 19 9.72 10.14 10.20
CA MET B 19 9.04 11.10 11.05
C MET B 19 8.71 12.42 10.37
N GLU B 20 9.50 12.80 9.34
CA GLU B 20 9.23 14.01 8.55
C GLU B 20 7.90 13.91 7.80
N GLN B 21 7.47 12.67 7.54
CA GLN B 21 6.21 12.38 6.84
C GLN B 21 4.96 12.35 7.74
N LEU B 22 5.11 12.75 9.01
CA LEU B 22 3.97 12.77 9.94
C LEU B 22 2.88 13.75 9.48
N ASN B 23 3.27 14.82 8.79
CA ASN B 23 2.31 15.82 8.33
C ASN B 23 1.57 15.47 7.06
N THR B 24 1.51 14.18 6.72
CA THR B 24 0.64 13.66 5.67
C THR B 24 -0.46 12.82 6.32
N TRP B 25 -1.59 12.70 5.63
CA TRP B 25 -2.74 11.92 6.10
C TRP B 25 -2.39 10.45 6.11
N ASN B 26 -1.84 9.96 5.00
CA ASN B 26 -1.47 8.56 4.86
C ASN B 26 -0.03 8.30 5.35
N PHE B 27 0.27 8.74 6.57
CA PHE B 27 1.53 8.45 7.23
C PHE B 27 1.85 6.96 7.15
N PRO B 28 3.05 6.55 6.65
CA PRO B 28 3.34 5.13 6.46
C PRO B 28 3.72 4.47 7.81
N ILE B 29 2.70 4.21 8.64
CA ILE B 29 2.89 3.85 10.04
C ILE B 29 3.50 2.45 10.20
N PHE B 30 3.16 1.55 9.29
CA PHE B 30 3.70 0.20 9.28
C PHE B 30 5.17 0.15 8.83
N ASP B 31 5.59 1.10 8.00
CA ASP B 31 7.01 1.25 7.69
C ASP B 31 7.75 1.71 8.93
N LEU B 32 7.12 2.58 9.74
CA LEU B 32 7.70 3.02 11.00
C LEU B 32 7.85 1.82 11.97
N VAL B 33 6.87 0.94 12.01
CA VAL B 33 6.91 -0.23 12.84
C VAL B 33 8.16 -1.07 12.51
N GLU B 34 8.41 -1.30 11.22
CA GLU B 34 9.55 -2.08 10.74
C GLU B 34 10.88 -1.37 11.01
N ASN B 35 10.92 -0.07 10.75
CA ASN B 35 12.05 0.78 11.08
C ASN B 35 12.50 0.60 12.55
N ILE B 36 11.55 0.79 13.48
CA ILE B 36 11.79 0.73 14.94
C ILE B 36 12.03 -0.69 15.44
N GLY B 37 11.34 -1.66 14.87
CA GLY B 37 11.40 -3.04 15.30
C GLY B 37 10.05 -3.50 15.81
N ARG B 38 9.61 -4.62 15.24
CA ARG B 38 8.33 -5.22 15.68
C ARG B 38 8.47 -5.57 17.15
N LYS B 39 7.49 -5.17 17.93
CA LYS B 39 7.41 -5.43 19.38
C LYS B 39 8.66 -4.95 20.13
N CYS B 40 9.33 -3.93 19.60
CA CYS B 40 10.33 -3.16 20.35
C CYS B 40 9.64 -2.33 21.45
N GLY B 41 8.38 -1.95 21.19
CA GLY B 41 7.60 -1.20 22.18
C GLY B 41 8.10 0.23 22.34
N ARG B 42 8.17 0.99 21.25
CA ARG B 42 8.62 2.39 21.37
C ARG B 42 7.84 3.30 20.41
N ILE B 43 7.13 2.74 19.42
CA ILE B 43 6.41 3.57 18.40
C ILE B 43 5.62 4.72 19.05
N LEU B 44 4.76 4.43 20.05
CA LEU B 44 3.89 5.49 20.63
C LEU B 44 4.75 6.60 21.26
N SER B 45 5.61 6.26 22.23
CA SER B 45 6.40 7.28 22.94
C SER B 45 7.22 8.16 21.99
N GLN B 46 7.79 7.53 20.95
CA GLN B 46 8.57 8.26 19.94
C GLN B 46 7.72 9.23 19.12
N VAL B 47 6.54 8.77 18.64
CA VAL B 47 5.64 9.67 17.92
C VAL B 47 5.07 10.76 18.82
N SER B 48 4.74 10.40 20.06
CA SER B 48 4.23 11.35 21.03
C SER B 48 5.21 12.49 21.27
N TYR B 49 6.48 12.14 21.47
CA TYR B 49 7.54 13.12 21.61
C TYR B 49 7.52 14.11 20.44
N ARG B 50 7.54 13.59 19.19
CA ARG B 50 7.61 14.43 17.99
C ARG B 50 6.43 15.39 17.90
N LEU B 51 5.22 14.87 18.12
CA LEU B 51 4.00 15.67 17.97
C LEU B 51 3.87 16.74 19.05
N PHE B 52 4.25 16.39 20.29
CA PHE B 52 4.26 17.36 21.39
C PHE B 52 5.34 18.45 21.17
N GLU B 53 6.49 18.03 20.65
CA GLU B 53 7.57 18.93 20.23
C GLU B 53 7.08 19.84 19.09
N ASP B 54 6.44 19.25 18.07
CA ASP B 54 5.89 19.99 16.94
C ASP B 54 4.89 21.10 17.33
N MET B 55 4.17 20.87 18.43
CA MET B 55 3.14 21.81 18.88
C MET B 55 3.63 22.78 19.94
N GLY B 56 4.87 22.58 20.40
CA GLY B 56 5.44 23.37 21.48
C GLY B 56 4.75 23.17 22.83
N LEU B 57 4.17 21.98 23.02
CA LEU B 57 3.43 21.67 24.24
C LEU B 57 4.35 21.53 25.45
N PHE B 58 5.56 21.00 25.22
CA PHE B 58 6.59 20.91 26.26
C PHE B 58 6.84 22.28 26.91
N GLU B 59 7.03 23.31 26.09
CA GLU B 59 7.26 24.67 26.59
C GLU B 59 5.99 25.26 27.21
N ALA B 60 4.85 25.08 26.52
CA ALA B 60 3.57 25.64 26.94
C ALA B 60 3.12 25.21 28.33
N PHE B 61 3.53 24.02 28.78
CA PHE B 61 3.15 23.49 30.10
C PHE B 61 4.34 23.01 30.93
N LYS B 62 5.54 23.51 30.64
CA LYS B 62 6.75 23.17 31.40
C LYS B 62 6.80 21.69 31.68
N ILE B 63 6.54 20.88 30.65
CA ILE B 63 6.52 19.44 30.80
C ILE B 63 7.95 18.94 30.85
N PRO B 64 8.37 18.23 31.93
CA PRO B 64 9.66 17.56 31.92
C PRO B 64 9.63 16.36 30.99
N ILE B 65 10.57 16.34 30.03
CA ILE B 65 10.63 15.33 28.98
C ILE B 65 10.86 13.92 29.51
N ARG B 66 11.66 13.78 30.57
CA ARG B 66 11.95 12.46 31.10
C ARG B 66 10.67 11.79 31.66
N GLU B 67 9.90 12.53 32.46
CA GLU B 67 8.67 12.02 33.04
C GLU B 67 7.62 11.73 31.95
N PHE B 68 7.52 12.63 30.96
CA PHE B 68 6.71 12.43 29.77
C PHE B 68 7.05 11.08 29.14
N MET B 69 8.32 10.87 28.80
CA MET B 69 8.74 9.66 28.12
C MET B 69 8.62 8.42 28.99
N ASN B 70 8.78 8.59 30.31
CA ASN B 70 8.56 7.48 31.25
C ASN B 70 7.10 6.99 31.16
N TYR B 71 6.15 7.93 31.28
CA TYR B 71 4.74 7.58 31.27
C TYR B 71 4.32 6.95 29.95
N PHE B 72 4.68 7.62 28.84
CA PHE B 72 4.30 7.12 27.52
C PHE B 72 4.91 5.75 27.17
N HIS B 73 6.06 5.43 27.77
CA HIS B 73 6.66 4.08 27.57
C HIS B 73 5.90 3.08 28.42
N ALA B 74 5.67 3.41 29.70
CA ALA B 74 4.84 2.54 30.54
C ALA B 74 3.50 2.26 29.88
N LEU B 75 2.87 3.32 29.34
CA LEU B 75 1.58 3.24 28.67
C LEU B 75 1.65 2.29 27.48
N GLU B 76 2.62 2.50 26.59
CA GLU B 76 2.71 1.68 25.40
C GLU B 76 3.05 0.22 25.73
N ILE B 77 3.87 0.00 26.76
CA ILE B 77 4.18 -1.36 27.23
C ILE B 77 2.90 -2.10 27.66
N GLY B 78 1.95 -1.35 28.25
CA GLY B 78 0.66 -1.90 28.66
C GLY B 78 -0.38 -2.15 27.60
N TYR B 79 -0.10 -1.73 26.36
CA TYR B 79 -0.88 -2.20 25.21
C TYR B 79 -0.41 -3.59 24.91
N ARG B 80 -1.34 -4.52 24.68
CA ARG B 80 -1.05 -5.90 24.41
C ARG B 80 -0.66 -6.14 22.95
N ASP B 81 -0.03 -7.28 22.73
CA ASP B 81 0.38 -7.72 21.39
C ASP B 81 -0.76 -8.52 20.80
N ILE B 82 -1.80 -7.81 20.35
CA ILE B 82 -2.96 -8.41 19.70
C ILE B 82 -3.02 -7.73 18.33
N PRO B 83 -3.77 -8.29 17.35
CA PRO B 83 -3.70 -7.81 15.97
C PRO B 83 -4.08 -6.34 15.68
N TYR B 84 -5.04 -5.77 16.42
CA TYR B 84 -5.57 -4.43 16.10
C TYR B 84 -5.44 -3.41 17.24
N HIS B 85 -6.01 -3.72 18.41
CA HIS B 85 -6.02 -2.79 19.57
C HIS B 85 -4.71 -2.82 20.32
N ASN B 86 -3.65 -2.46 19.60
CA ASN B 86 -2.28 -2.46 20.10
C ASN B 86 -1.76 -1.04 20.07
N ARG B 87 -0.49 -0.87 20.45
CA ARG B 87 0.14 0.43 20.56
C ARG B 87 0.30 1.11 19.21
N ILE B 88 0.19 0.34 18.12
CA ILE B 88 0.29 0.88 16.76
C ILE B 88 -1.03 1.61 16.41
N HIS B 89 -2.15 0.98 16.74
CA HIS B 89 -3.46 1.63 16.67
C HIS B 89 -3.47 2.91 17.50
N ALA B 90 -2.96 2.85 18.73
CA ALA B 90 -2.95 4.03 19.58
C ALA B 90 -2.15 5.16 18.94
N THR B 91 -1.00 4.81 18.35
CA THR B 91 -0.16 5.79 17.67
C THR B 91 -0.89 6.39 16.46
N ASP B 92 -1.59 5.54 15.72
CA ASP B 92 -2.36 5.92 14.55
C ASP B 92 -3.46 6.92 14.92
N VAL B 93 -4.18 6.65 16.03
CA VAL B 93 -5.24 7.51 16.53
C VAL B 93 -4.70 8.85 16.97
N LEU B 94 -3.54 8.85 17.65
CA LEU B 94 -2.91 10.09 18.07
C LEU B 94 -2.50 10.93 16.83
N HIS B 95 -1.92 10.26 15.84
CA HIS B 95 -1.52 10.96 14.63
C HIS B 95 -2.73 11.59 13.94
N ALA B 96 -3.85 10.87 13.90
CA ALA B 96 -5.08 11.35 13.27
C ALA B 96 -5.67 12.59 13.94
N VAL B 97 -5.79 12.58 15.28
CA VAL B 97 -6.34 13.76 15.98
C VAL B 97 -5.40 14.96 15.85
N TRP B 98 -4.09 14.70 15.77
CA TRP B 98 -3.11 15.76 15.56
C TRP B 98 -3.29 16.36 14.15
N TYR B 99 -3.36 15.49 13.14
CA TYR B 99 -3.59 15.88 11.77
C TYR B 99 -4.89 16.70 11.63
N LEU B 100 -5.98 16.18 12.21
CA LEU B 100 -7.28 16.81 12.12
C LEU B 100 -7.34 18.18 12.79
N THR B 101 -6.50 18.38 13.82
CA THR B 101 -6.53 19.61 14.63
C THR B 101 -5.49 20.65 14.22
N THR B 102 -4.52 20.28 13.38
CA THR B 102 -3.41 21.21 13.03
C THR B 102 -3.35 21.55 11.54
N GLN B 103 -3.99 20.77 10.68
CA GLN B 103 -3.97 20.96 9.25
C GLN B 103 -5.01 21.95 8.74
N PRO B 104 -4.75 22.61 7.58
CA PRO B 104 -5.62 23.66 7.09
C PRO B 104 -7.03 23.18 6.80
N ILE B 105 -8.01 23.94 7.30
CA ILE B 105 -9.41 23.72 7.03
C ILE B 105 -9.95 24.89 6.21
N PRO B 106 -10.41 24.66 4.95
CA PRO B 106 -10.97 25.71 4.13
C PRO B 106 -12.13 26.51 4.71
N GLY B 107 -11.93 27.81 4.90
CA GLY B 107 -12.99 28.69 5.34
C GLY B 107 -13.35 28.62 6.81
N LEU B 108 -12.43 28.10 7.63
CA LEU B 108 -12.61 28.08 9.08
C LEU B 108 -12.15 29.42 9.66
N SER B 109 -13.06 30.05 10.42
CA SER B 109 -12.82 31.30 11.13
C SER B 109 -11.97 31.03 12.38
N THR B 110 -11.04 31.93 12.69
CA THR B 110 -10.32 31.94 13.98
C THR B 110 -11.11 32.74 15.04
N VAL B 111 -11.07 32.25 16.29
CA VAL B 111 -11.93 32.73 17.36
C VAL B 111 -11.45 34.10 17.79
N ILE B 112 -12.42 34.99 18.00
CA ILE B 112 -12.20 36.35 18.41
C ILE B 112 -11.78 36.30 19.86
N GLY B 113 -10.71 37.04 20.20
CA GLY B 113 -10.28 37.24 21.57
C GLY B 113 -9.34 36.20 22.17
N GLY B 114 -8.74 35.39 21.30
CA GLY B 114 -7.84 34.31 21.70
C GLY B 114 -6.33 34.56 21.84
N SER B 115 -5.91 34.90 23.08
CA SER B 115 -4.49 34.91 23.49
C SER B 115 -4.33 34.40 24.93
N SER B 118 -5.32 30.76 25.80
CA SER B 118 -4.03 30.55 25.11
C SER B 118 -3.94 29.21 24.30
N TYR B 119 -3.25 29.33 23.16
CA TYR B 119 -3.37 28.42 22.00
C TYR B 119 -1.99 28.05 21.47
N VAL B 120 -1.88 26.86 20.88
CA VAL B 120 -0.68 26.44 20.17
C VAL B 120 -0.99 26.14 18.69
N PHE B 121 0.08 26.12 17.89
CA PHE B 121 0.03 25.84 16.46
C PHE B 121 1.18 24.94 16.07
N SER B 122 0.95 24.08 15.08
CA SER B 122 1.98 23.18 14.57
C SER B 122 3.03 24.00 13.84
N LYS B 123 4.29 23.57 13.95
CA LYS B 123 5.35 24.16 13.13
C LYS B 123 5.09 23.98 11.63
N THR B 124 4.36 22.91 11.28
CA THR B 124 3.93 22.63 9.90
C THR B 124 2.85 23.60 9.35
N TYR B 125 2.33 24.49 10.22
CA TYR B 125 1.24 25.42 9.86
C TYR B 125 1.76 26.85 9.60
N ASN B 126 2.49 26.98 8.49
CA ASN B 126 3.27 28.18 8.14
C ASN B 126 2.53 29.12 7.15
N VAL B 127 1.33 28.70 6.78
CA VAL B 127 0.49 29.47 5.82
C VAL B 127 0.08 30.82 6.44
N THR B 128 -0.11 31.83 5.61
CA THR B 128 -0.55 33.15 6.10
C THR B 128 -1.89 33.45 5.43
N ASP B 129 -2.73 32.42 5.27
CA ASP B 129 -3.97 32.62 4.51
C ASP B 129 -5.13 32.97 5.44
N ASP B 130 -6.09 33.73 4.92
CA ASP B 130 -7.31 34.08 5.69
C ASP B 130 -8.37 33.10 5.22
N LYS B 131 -8.08 32.39 4.13
CA LYS B 131 -9.05 31.45 3.53
C LYS B 131 -8.92 30.07 4.19
N TYR B 132 -7.97 29.94 5.12
CA TYR B 132 -7.78 28.65 5.82
C TYR B 132 -7.54 28.85 7.32
N GLY B 133 -8.19 28.06 8.16
CA GLY B 133 -7.91 28.04 9.60
C GLY B 133 -7.55 26.62 10.03
N CYS B 134 -7.33 26.42 11.34
CA CYS B 134 -7.15 25.10 11.92
C CYS B 134 -7.71 25.04 13.32
N LEU B 135 -8.15 23.84 13.74
CA LEU B 135 -8.81 23.66 15.04
C LEU B 135 -7.96 24.14 16.22
N SER B 136 -6.64 24.03 16.11
CA SER B 136 -5.72 24.41 17.17
C SER B 136 -5.72 25.93 17.44
N GLY B 137 -6.30 26.69 16.51
CA GLY B 137 -6.52 28.12 16.66
C GLY B 137 -7.81 28.47 17.37
N ASN B 138 -8.74 27.50 17.46
CA ASN B 138 -10.04 27.66 18.08
C ASN B 138 -10.22 26.88 19.39
N ILE B 139 -9.26 25.99 19.70
CA ILE B 139 -9.31 25.13 20.86
C ILE B 139 -8.07 25.36 21.73
N PRO B 140 -8.24 25.85 22.99
CA PRO B 140 -7.11 26.17 23.85
C PRO B 140 -6.16 25.00 24.07
N ALA B 141 -4.88 25.31 24.25
CA ALA B 141 -3.83 24.31 24.35
C ALA B 141 -4.12 23.18 25.36
N LEU B 142 -4.68 23.52 26.53
CA LEU B 142 -5.00 22.53 27.57
C LEU B 142 -5.96 21.46 27.06
N GLU B 143 -7.01 21.89 26.36
CA GLU B 143 -8.02 21.01 25.77
C GLU B 143 -7.45 20.18 24.61
N LEU B 144 -6.53 20.76 23.83
CA LEU B 144 -5.92 20.06 22.74
C LEU B 144 -5.01 18.96 23.29
N MET B 145 -4.23 19.31 24.30
CA MET B 145 -3.36 18.36 24.96
C MET B 145 -4.16 17.21 25.60
N ALA B 146 -5.31 17.53 26.20
CA ALA B 146 -6.21 16.52 26.75
C ALA B 146 -6.65 15.52 25.68
N LEU B 147 -7.06 16.02 24.53
CA LEU B 147 -7.45 15.20 23.39
C LEU B 147 -6.32 14.28 22.93
N TYR B 148 -5.08 14.80 22.87
CA TYR B 148 -3.93 14.02 22.40
C TYR B 148 -3.54 12.91 23.37
N VAL B 149 -3.53 13.24 24.66
CA VAL B 149 -3.26 12.26 25.70
C VAL B 149 -4.35 11.18 25.73
N ALA B 150 -5.62 11.60 25.57
CA ALA B 150 -6.73 10.65 25.46
C ALA B 150 -6.50 9.65 24.33
N ALA B 151 -6.10 10.15 23.16
CA ALA B 151 -5.86 9.27 22.01
C ALA B 151 -4.78 8.23 22.34
N ALA B 152 -3.71 8.68 22.99
CA ALA B 152 -2.63 7.76 23.38
C ALA B 152 -3.13 6.69 24.38
N MET B 153 -3.98 7.11 25.34
CA MET B 153 -4.51 6.23 26.40
C MET B 153 -5.66 5.36 25.98
N HIS B 154 -6.38 5.76 24.92
CA HIS B 154 -7.79 5.37 24.72
C HIS B 154 -8.12 3.88 24.63
N ASP B 155 -7.12 3.03 24.35
CA ASP B 155 -7.36 1.56 24.18
C ASP B 155 -6.39 0.77 25.07
N TYR B 156 -5.82 1.40 26.10
CA TYR B 156 -4.86 0.81 27.02
C TYR B 156 -5.37 -0.48 27.66
N ASP B 157 -4.56 -1.54 27.55
CA ASP B 157 -4.83 -2.87 28.09
C ASP B 157 -6.07 -3.51 27.49
N HIS B 158 -6.32 -3.26 26.21
CA HIS B 158 -7.44 -3.88 25.49
C HIS B 158 -7.18 -5.38 25.37
N PRO B 159 -8.17 -6.24 25.68
CA PRO B 159 -8.01 -7.69 25.58
C PRO B 159 -8.39 -8.33 24.25
N GLY B 160 -8.62 -7.52 23.21
CA GLY B 160 -8.98 -8.05 21.90
C GLY B 160 -10.36 -8.70 21.80
N ARG B 161 -11.27 -8.30 22.70
CA ARG B 161 -12.68 -8.70 22.67
C ARG B 161 -13.54 -7.44 22.73
N THR B 162 -14.75 -7.52 22.15
CA THR B 162 -15.71 -6.42 22.22
C THR B 162 -16.40 -6.33 23.59
N ASN B 163 -17.07 -5.19 23.83
CA ASN B 163 -17.84 -5.03 25.09
C ASN B 163 -18.96 -6.06 25.11
N ALA B 164 -19.67 -6.26 23.99
CA ALA B 164 -20.77 -7.21 23.94
C ALA B 164 -20.35 -8.64 24.39
N PHE B 165 -19.15 -9.05 24.00
CA PHE B 165 -18.57 -10.32 24.43
C PHE B 165 -18.33 -10.38 25.93
N LEU B 166 -17.74 -9.32 26.48
CA LEU B 166 -17.44 -9.24 27.91
C LEU B 166 -18.73 -9.28 28.73
N VAL B 167 -19.76 -8.61 28.22
CA VAL B 167 -21.07 -8.58 28.84
C VAL B 167 -21.73 -9.96 28.78
N ALA B 168 -21.79 -10.55 27.58
CA ALA B 168 -22.41 -11.88 27.39
C ALA B 168 -21.80 -12.97 28.28
N THR B 169 -20.48 -12.90 28.53
CA THR B 169 -19.77 -13.89 29.31
C THR B 169 -19.51 -13.50 30.77
N SER B 170 -20.21 -12.46 31.25
CA SER B 170 -20.03 -11.94 32.62
C SER B 170 -18.58 -11.88 33.02
N ALA B 171 -17.74 -11.29 32.16
CA ALA B 171 -16.32 -11.14 32.44
C ALA B 171 -16.17 -10.22 33.65
N PRO B 172 -15.10 -10.38 34.47
CA PRO B 172 -14.92 -9.55 35.65
C PRO B 172 -14.99 -8.06 35.40
N GLN B 173 -14.52 -7.62 34.22
CA GLN B 173 -14.54 -6.20 33.85
C GLN B 173 -15.97 -5.70 33.63
N ALA B 174 -16.82 -6.52 32.99
CA ALA B 174 -18.20 -6.19 32.71
C ALA B 174 -19.02 -6.10 34.01
N VAL B 175 -18.71 -6.96 34.97
CA VAL B 175 -19.37 -6.95 36.27
C VAL B 175 -18.92 -5.72 37.04
N LEU B 176 -17.62 -5.42 36.94
CA LEU B 176 -17.01 -4.27 37.61
C LEU B 176 -17.61 -2.94 37.19
N TYR B 177 -17.86 -2.79 35.88
CA TYR B 177 -18.42 -1.58 35.29
C TYR B 177 -19.92 -1.68 34.95
N ASN B 178 -20.61 -2.65 35.57
CA ASN B 178 -22.05 -2.79 35.42
C ASN B 178 -22.52 -2.78 33.98
N ASP B 179 -21.75 -3.39 33.10
CA ASP B 179 -22.13 -3.55 31.67
C ASP B 179 -22.19 -2.20 30.92
N ARG B 180 -21.59 -1.15 31.47
CA ARG B 180 -21.64 0.19 30.86
C ARG B 180 -20.26 0.61 30.37
N SER B 181 -20.09 0.81 29.07
CA SER B 181 -18.80 1.23 28.46
C SER B 181 -17.66 0.54 29.20
N VAL B 182 -17.69 -0.79 29.28
CA VAL B 182 -16.73 -1.58 30.09
C VAL B 182 -15.28 -1.31 29.71
N LEU B 183 -14.95 -1.48 28.44
CA LEU B 183 -13.54 -1.33 28.02
C LEU B 183 -13.12 0.13 28.11
N GLU B 184 -13.96 1.05 27.66
CA GLU B 184 -13.60 2.48 27.64
C GLU B 184 -13.38 2.97 29.07
N ASN B 185 -14.24 2.53 29.99
CA ASN B 185 -14.05 2.87 31.43
C ASN B 185 -12.72 2.27 31.90
N HIS B 186 -12.42 1.03 31.51
CA HIS B 186 -11.17 0.38 31.88
C HIS B 186 -9.94 1.09 31.34
N HIS B 187 -9.96 1.46 30.05
CA HIS B 187 -8.83 2.12 29.42
C HIS B 187 -8.49 3.40 30.18
N ALA B 188 -9.51 4.23 30.42
CA ALA B 188 -9.35 5.50 31.12
C ALA B 188 -8.86 5.29 32.55
N ALA B 189 -9.45 4.32 33.25
CA ALA B 189 -9.18 4.11 34.68
C ALA B 189 -7.80 3.49 34.91
N ALA B 190 -7.49 2.47 34.12
CA ALA B 190 -6.18 1.84 34.16
C ALA B 190 -5.07 2.81 33.76
N ALA B 191 -5.28 3.61 32.73
CA ALA B 191 -4.25 4.57 32.29
C ALA B 191 -4.03 5.68 33.30
N TRP B 192 -5.11 6.14 33.95
CA TRP B 192 -4.95 7.13 35.03
C TRP B 192 -4.29 6.54 36.26
N ASN B 193 -4.64 5.29 36.57
CA ASN B 193 -4.04 4.62 37.70
C ASN B 193 -2.55 4.48 37.48
N LEU B 194 -2.17 4.09 36.25
CA LEU B 194 -0.76 4.03 35.85
C LEU B 194 -0.07 5.34 36.11
N PHE B 195 -0.66 6.43 35.61
CA PHE B 195 -0.09 7.77 35.76
C PHE B 195 0.18 8.13 37.23
N MET B 196 -0.81 7.85 38.08
CA MET B 196 -0.77 8.25 39.48
C MET B 196 0.13 7.34 40.33
N SER B 197 0.43 6.14 39.83
CA SER B 197 1.20 5.15 40.56
C SER B 197 2.67 5.55 40.87
N ARG B 198 3.25 6.49 40.09
CA ARG B 198 4.63 6.89 40.24
C ARG B 198 4.88 8.37 39.98
N PRO B 199 5.69 9.05 40.83
CA PRO B 199 6.13 10.42 40.53
C PRO B 199 7.06 10.54 39.31
N GLU B 200 7.68 9.42 38.90
CA GLU B 200 8.48 9.35 37.67
C GLU B 200 7.65 9.52 36.40
N TYR B 201 6.32 9.42 36.53
CA TYR B 201 5.36 9.59 35.44
C TYR B 201 4.70 10.97 35.41
N ASN B 202 4.94 11.81 36.43
CA ASN B 202 4.18 13.03 36.56
C ASN B 202 4.65 14.17 35.64
N PHE B 203 4.36 14.01 34.34
CA PHE B 203 4.69 15.02 33.32
C PHE B 203 3.78 16.24 33.38
N LEU B 204 2.73 16.18 34.21
CA LEU B 204 1.78 17.28 34.38
C LEU B 204 2.03 18.08 35.65
N ILE B 205 3.20 17.89 36.24
CA ILE B 205 3.58 18.53 37.51
C ILE B 205 3.33 20.03 37.61
N ASN B 206 3.40 20.73 36.48
CA ASN B 206 3.20 22.19 36.44
C ASN B 206 1.82 22.73 36.06
N LEU B 207 0.81 21.86 35.98
CA LEU B 207 -0.59 22.30 35.95
C LEU B 207 -0.91 22.60 37.42
N ASP B 208 -1.74 23.61 37.69
CA ASP B 208 -2.27 23.81 39.04
C ASP B 208 -3.38 22.75 39.28
N HIS B 209 -3.92 22.72 40.49
CA HIS B 209 -4.90 21.72 40.88
C HIS B 209 -6.17 21.81 40.03
N VAL B 210 -6.64 23.03 39.80
CA VAL B 210 -7.82 23.30 38.97
C VAL B 210 -7.62 22.80 37.52
N GLU B 211 -6.50 23.18 36.90
CA GLU B 211 -6.13 22.76 35.56
C GLU B 211 -6.06 21.25 35.44
N PHE B 212 -5.42 20.59 36.43
CA PHE B 212 -5.24 19.16 36.37
C PHE B 212 -6.59 18.45 36.41
N LYS B 213 -7.49 18.89 37.30
CA LYS B 213 -8.83 18.33 37.43
C LYS B 213 -9.62 18.49 36.14
N HIS B 214 -9.55 19.67 35.53
CA HIS B 214 -10.25 19.92 34.29
C HIS B 214 -9.67 19.06 33.16
N PHE B 215 -8.34 18.94 33.13
CA PHE B 215 -7.61 18.11 32.16
C PHE B 215 -8.10 16.65 32.22
N ARG B 216 -8.17 16.11 33.44
CA ARG B 216 -8.54 14.72 33.69
C ARG B 216 -9.96 14.45 33.21
N PHE B 217 -10.87 15.39 33.50
CA PHE B 217 -12.24 15.34 33.04
C PHE B 217 -12.31 15.27 31.53
N LEU B 218 -11.58 16.16 30.86
CA LEU B 218 -11.55 16.19 29.38
C LEU B 218 -11.03 14.89 28.81
N VAL B 219 -9.95 14.35 29.38
CA VAL B 219 -9.36 13.10 28.90
C VAL B 219 -10.38 11.95 29.01
N ILE B 220 -11.05 11.87 30.15
CA ILE B 220 -12.03 10.84 30.40
C ILE B 220 -13.21 10.93 29.41
N GLU B 221 -13.74 12.15 29.21
CA GLU B 221 -14.84 12.38 28.27
C GLU B 221 -14.48 11.98 26.86
N ALA B 222 -13.23 12.27 26.45
CA ALA B 222 -12.75 11.88 25.15
C ALA B 222 -12.67 10.36 24.98
N ILE B 223 -12.07 9.67 25.96
CA ILE B 223 -11.94 8.20 25.91
C ILE B 223 -13.30 7.53 25.91
N LEU B 224 -14.20 7.96 26.79
CA LEU B 224 -15.54 7.33 26.89
C LEU B 224 -16.33 7.57 25.61
N ALA B 225 -16.10 8.67 24.91
CA ALA B 225 -16.74 8.94 23.63
C ALA B 225 -16.39 7.91 22.52
N THR B 226 -15.35 7.09 22.74
CA THR B 226 -14.98 6.05 21.76
C THR B 226 -15.84 4.79 21.78
N ASP B 227 -16.77 4.68 22.72
CA ASP B 227 -17.73 3.54 22.78
C ASP B 227 -18.67 3.61 21.57
N LEU B 228 -18.57 2.65 20.68
CA LEU B 228 -19.39 2.62 19.48
C LEU B 228 -20.88 2.48 19.77
N LYS B 229 -21.22 1.92 20.92
CA LYS B 229 -22.62 1.85 21.35
C LYS B 229 -23.28 3.22 21.38
N LYS B 230 -22.50 4.26 21.62
CA LYS B 230 -23.04 5.64 21.71
C LYS B 230 -22.76 6.42 20.43
N HIS B 231 -22.30 5.75 19.38
CA HIS B 231 -21.95 6.40 18.12
C HIS B 231 -23.07 7.28 17.55
N PHE B 232 -24.29 6.72 17.47
CA PHE B 232 -25.42 7.44 16.87
C PHE B 232 -25.89 8.63 17.70
N ASP B 233 -25.82 8.50 19.03
CA ASP B 233 -26.11 9.61 19.94
C ASP B 233 -25.19 10.79 19.72
N PHE B 234 -23.89 10.52 19.59
CA PHE B 234 -22.92 11.60 19.37
C PHE B 234 -23.17 12.28 18.02
N VAL B 235 -23.43 11.48 16.98
CA VAL B 235 -23.61 12.04 15.64
C VAL B 235 -24.87 12.91 15.59
N ALA B 236 -25.97 12.40 16.18
CA ALA B 236 -27.21 13.16 16.31
C ALA B 236 -26.99 14.48 17.05
N LYS B 237 -26.30 14.42 18.20
CA LYS B 237 -26.09 15.59 19.02
C LYS B 237 -25.27 16.64 18.28
N PHE B 238 -24.24 16.19 17.55
CA PHE B 238 -23.39 17.13 16.79
C PHE B 238 -24.22 17.73 15.65
N ASN B 239 -24.85 16.86 14.86
CA ASN B 239 -25.74 17.34 13.79
C ASN B 239 -26.74 18.35 14.34
N GLY B 240 -27.28 18.12 15.52
CA GLY B 240 -28.21 19.09 16.12
C GLY B 240 -27.61 20.47 16.26
N LYS B 241 -26.39 20.55 16.76
CA LYS B 241 -25.75 21.86 17.01
C LYS B 241 -25.45 22.58 15.69
N VAL B 242 -25.36 21.85 14.58
CA VAL B 242 -25.03 22.50 13.29
C VAL B 242 -26.32 22.79 12.52
N ASN B 243 -27.40 22.09 12.85
CA ASN B 243 -28.65 22.27 12.05
C ASN B 243 -29.65 23.12 12.82
N ASP B 244 -29.97 22.71 14.05
CA ASP B 244 -30.94 23.45 14.90
C ASP B 244 -30.27 24.67 15.55
N ASP B 245 -28.95 24.63 15.75
CA ASP B 245 -28.32 25.73 16.53
C ASP B 245 -27.54 26.71 15.67
N VAL B 246 -26.86 27.65 16.35
CA VAL B 246 -26.12 28.73 15.64
C VAL B 246 -24.79 28.18 15.12
N GLY B 247 -24.54 26.88 15.35
CA GLY B 247 -23.29 26.27 14.89
C GLY B 247 -22.30 26.13 16.04
N ILE B 248 -21.05 25.84 15.72
CA ILE B 248 -20.08 25.60 16.83
C ILE B 248 -19.69 26.94 17.43
N ASP B 249 -20.10 27.16 18.68
CA ASP B 249 -19.66 28.38 19.39
C ASP B 249 -18.30 28.07 19.98
N TRP B 250 -17.23 28.50 19.32
CA TRP B 250 -15.86 28.19 19.79
C TRP B 250 -15.59 28.87 21.13
N THR B 251 -16.52 29.72 21.58
CA THR B 251 -16.40 30.35 22.90
C THR B 251 -17.06 29.52 24.00
N ASN B 252 -17.86 28.54 23.60
CA ASN B 252 -18.57 27.65 24.51
C ASN B 252 -17.73 26.39 24.79
N GLU B 253 -17.45 26.14 26.07
CA GLU B 253 -16.66 24.97 26.51
C GLU B 253 -17.27 23.62 26.10
N ASN B 254 -18.61 23.51 26.14
CA ASN B 254 -19.30 22.26 25.80
C ASN B 254 -19.30 21.99 24.31
N ASP B 255 -19.29 23.04 23.51
CA ASP B 255 -19.24 22.87 22.04
C ASP B 255 -17.85 22.39 21.66
N ARG B 256 -16.82 22.94 22.30
CA ARG B 256 -15.46 22.53 22.06
C ARG B 256 -15.25 21.05 22.47
N LEU B 257 -15.81 20.67 23.61
CA LEU B 257 -15.76 19.29 24.07
C LEU B 257 -16.35 18.37 23.01
N LEU B 258 -17.53 18.71 22.51
CA LEU B 258 -18.22 17.90 21.52
C LEU B 258 -17.44 17.78 20.20
N VAL B 259 -16.74 18.84 19.80
CA VAL B 259 -15.87 18.77 18.60
C VAL B 259 -14.72 17.82 18.91
N CYS B 260 -14.11 17.93 20.10
CA CYS B 260 -13.02 17.05 20.49
C CYS B 260 -13.43 15.57 20.45
N GLN B 261 -14.62 15.27 20.97
CA GLN B 261 -15.18 13.92 20.96
C GLN B 261 -15.42 13.40 19.53
N MET B 262 -15.96 14.26 18.66
CA MET B 262 -16.20 13.87 17.27
C MET B 262 -14.87 13.65 16.58
N CYS B 263 -13.89 14.47 16.94
CA CYS B 263 -12.54 14.37 16.43
C CYS B 263 -11.84 13.02 16.79
N ILE B 264 -11.86 12.67 18.09
CA ILE B 264 -11.30 11.39 18.49
C ILE B 264 -12.07 10.21 17.91
N LYS B 265 -13.39 10.34 17.77
CA LYS B 265 -14.19 9.28 17.14
C LYS B 265 -13.79 9.05 15.68
N LEU B 266 -13.66 10.14 14.91
CA LEU B 266 -13.21 10.03 13.52
C LEU B 266 -11.81 9.37 13.43
N ALA B 267 -10.88 9.86 14.26
CA ALA B 267 -9.54 9.33 14.36
C ALA B 267 -9.52 7.81 14.72
N ASP B 268 -10.40 7.41 15.64
CA ASP B 268 -10.45 6.04 16.08
C ASP B 268 -10.73 5.05 14.96
N ILE B 269 -11.65 5.41 14.05
CA ILE B 269 -12.09 4.52 12.98
C ILE B 269 -11.69 5.07 11.60
N ASN B 270 -10.53 5.72 11.55
CA ASN B 270 -10.01 6.38 10.35
C ASN B 270 -9.61 5.46 9.18
N GLY B 271 -9.42 4.17 9.46
CA GLY B 271 -8.89 3.20 8.51
C GLY B 271 -9.53 3.23 7.12
N PRO B 272 -10.87 3.09 7.04
CA PRO B 272 -11.59 3.18 5.75
C PRO B 272 -11.45 4.49 5.01
N ALA B 273 -10.96 5.54 5.69
CA ALA B 273 -10.71 6.84 5.10
C ALA B 273 -9.24 7.10 4.77
N LYS B 274 -8.43 6.04 4.80
CA LYS B 274 -7.03 6.05 4.37
C LYS B 274 -6.92 5.46 2.96
N CYS B 275 -5.73 5.61 2.36
CA CYS B 275 -5.38 4.95 1.10
C CYS B 275 -5.60 3.43 1.22
N LYS B 276 -5.85 2.81 0.07
CA LYS B 276 -6.13 1.39 -0.02
C LYS B 276 -5.18 0.55 0.85
N GLU B 277 -3.88 0.85 0.74
CA GLU B 277 -2.84 0.03 1.36
C GLU B 277 -2.97 -0.03 2.90
N LEU B 278 -3.01 1.14 3.52
CA LEU B 278 -3.23 1.27 4.95
C LEU B 278 -4.55 0.63 5.37
N HIS B 279 -5.63 0.98 4.67
CA HIS B 279 -6.96 0.48 4.94
C HIS B 279 -6.99 -1.03 4.99
N LEU B 280 -6.36 -1.66 4.00
CA LEU B 280 -6.36 -3.13 3.89
C LEU B 280 -5.52 -3.79 5.01
N GLN B 281 -4.38 -3.17 5.35
CA GLN B 281 -3.60 -3.64 6.50
C GLN B 281 -4.38 -3.59 7.83
N TRP B 282 -5.06 -2.47 8.08
CA TRP B 282 -5.88 -2.33 9.30
C TRP B 282 -7.03 -3.31 9.32
N THR B 283 -7.63 -3.53 8.14
CA THR B 283 -8.68 -4.53 7.97
C THR B 283 -8.25 -5.92 8.43
N ASP B 284 -7.04 -6.35 8.01
CA ASP B 284 -6.50 -7.65 8.39
C ASP B 284 -6.46 -7.76 9.91
N GLY B 285 -5.96 -6.69 10.56
CA GLY B 285 -5.88 -6.61 12.00
C GLY B 285 -7.22 -6.82 12.67
N ILE B 286 -8.22 -6.03 12.28
CA ILE B 286 -9.49 -6.05 12.99
C ILE B 286 -10.21 -7.38 12.77
N VAL B 287 -10.22 -7.88 11.52
CA VAL B 287 -10.90 -9.16 11.25
C VAL B 287 -10.22 -10.33 11.95
N ASN B 288 -8.90 -10.26 12.15
CA ASN B 288 -8.17 -11.27 12.93
C ASN B 288 -8.63 -11.29 14.39
N GLU B 289 -8.82 -10.12 15.01
CA GLU B 289 -9.39 -10.04 16.37
C GLU B 289 -10.81 -10.60 16.40
N PHE B 290 -11.63 -10.24 15.40
CA PHE B 290 -12.99 -10.75 15.34
C PHE B 290 -13.07 -12.27 15.26
N TYR B 291 -12.23 -12.89 14.41
CA TYR B 291 -12.20 -14.34 14.30
C TYR B 291 -11.69 -15.03 15.57
N GLU B 292 -10.70 -14.43 16.24
CA GLU B 292 -10.25 -14.94 17.54
C GLU B 292 -11.41 -14.95 18.56
N GLN B 293 -12.29 -13.95 18.48
CA GLN B 293 -13.44 -13.87 19.38
C GLN B 293 -14.45 -14.92 18.98
N GLY B 294 -14.67 -15.05 17.66
CA GLY B 294 -15.56 -16.05 17.09
C GLY B 294 -15.18 -17.46 17.55
N ASP B 295 -13.88 -17.76 17.53
CA ASP B 295 -13.35 -19.01 18.04
C ASP B 295 -13.81 -19.22 19.49
N GLU B 296 -13.47 -18.27 20.37
CA GLU B 296 -13.83 -18.38 21.78
C GLU B 296 -15.35 -18.47 22.01
N GLU B 297 -16.14 -17.69 21.28
CA GLU B 297 -17.61 -17.76 21.36
C GLU B 297 -18.15 -19.17 21.07
N ALA B 298 -17.62 -19.79 20.01
CA ALA B 298 -18.00 -21.15 19.59
C ALA B 298 -17.67 -22.15 20.68
N SER B 299 -16.41 -22.14 21.12
CA SER B 299 -15.93 -23.05 22.15
C SER B 299 -16.72 -22.92 23.45
N LEU B 300 -17.31 -21.76 23.69
CA LEU B 300 -18.17 -21.52 24.85
C LEU B 300 -19.66 -21.77 24.61
N GLY B 301 -20.03 -22.25 23.42
CA GLY B 301 -21.42 -22.59 23.14
C GLY B 301 -22.35 -21.41 22.89
N LEU B 302 -21.76 -20.22 22.80
CA LEU B 302 -22.48 -19.01 22.42
C LEU B 302 -22.54 -18.91 20.90
N PRO B 303 -23.60 -18.30 20.31
CA PRO B 303 -23.67 -18.13 18.85
C PRO B 303 -22.55 -17.18 18.40
N ILE B 304 -21.87 -17.52 17.30
CA ILE B 304 -20.80 -16.67 16.78
C ILE B 304 -21.42 -15.33 16.31
N SER B 305 -20.81 -14.22 16.75
CA SER B 305 -21.30 -12.88 16.41
C SER B 305 -21.16 -12.62 14.91
N PRO B 306 -22.07 -11.80 14.32
CA PRO B 306 -21.93 -11.41 12.91
C PRO B 306 -20.53 -10.97 12.50
N PHE B 307 -20.09 -11.44 11.32
CA PHE B 307 -18.78 -11.15 10.73
C PHE B 307 -17.59 -11.67 11.51
N MET B 308 -17.84 -12.57 12.47
CA MET B 308 -16.77 -13.09 13.31
C MET B 308 -16.51 -14.59 13.09
N ASP B 309 -17.14 -15.15 12.07
CA ASP B 309 -16.91 -16.58 11.73
C ASP B 309 -15.89 -16.69 10.60
N ARG B 310 -14.75 -17.32 10.87
CA ARG B 310 -13.75 -17.53 9.79
C ARG B 310 -14.38 -18.39 8.69
N SER B 311 -15.22 -19.34 9.07
CA SER B 311 -15.85 -20.26 8.09
C SER B 311 -16.72 -19.46 7.13
N ALA B 312 -17.54 -18.55 7.66
CA ALA B 312 -18.35 -17.67 6.79
C ALA B 312 -17.97 -16.22 7.09
N PRO B 313 -16.95 -15.64 6.41
CA PRO B 313 -16.46 -14.31 6.76
C PRO B 313 -17.29 -13.07 6.43
N GLN B 314 -17.92 -13.00 5.24
CA GLN B 314 -18.68 -11.80 4.79
C GLN B 314 -17.82 -10.54 4.99
N LEU B 315 -16.54 -10.61 4.64
CA LEU B 315 -15.59 -9.50 4.74
C LEU B 315 -16.06 -8.26 4.02
N ALA B 316 -16.51 -8.42 2.77
CA ALA B 316 -16.93 -7.31 1.95
C ALA B 316 -18.18 -6.65 2.52
N ASN B 317 -19.10 -7.47 3.04
CA ASN B 317 -20.33 -6.96 3.66
C ASN B 317 -20.03 -6.14 4.92
N LEU B 318 -19.18 -6.71 5.80
CA LEU B 318 -18.65 -6.03 6.99
C LEU B 318 -18.14 -4.64 6.61
N GLN B 319 -17.19 -4.60 5.66
CA GLN B 319 -16.55 -3.37 5.24
C GLN B 319 -17.53 -2.37 4.66
N GLU B 320 -18.39 -2.83 3.74
CA GLU B 320 -19.37 -1.98 3.07
C GLU B 320 -20.38 -1.39 4.06
N SER B 321 -20.92 -2.24 4.93
CA SER B 321 -21.91 -1.80 5.92
C SER B 321 -21.29 -0.89 6.99
N PHE B 322 -20.07 -1.21 7.43
CA PHE B 322 -19.35 -0.37 8.36
C PHE B 322 -19.14 1.04 7.82
N ILE B 323 -18.77 1.14 6.55
CA ILE B 323 -18.60 2.45 5.91
C ILE B 323 -19.94 3.17 5.76
N SER B 324 -20.97 2.44 5.34
CA SER B 324 -22.28 3.07 5.05
C SER B 324 -23.03 3.48 6.32
N HIS B 325 -23.01 2.64 7.36
CA HIS B 325 -23.75 2.88 8.62
C HIS B 325 -23.01 3.67 9.72
N ILE B 326 -21.67 3.64 9.70
CA ILE B 326 -20.87 4.21 10.79
C ILE B 326 -19.96 5.31 10.30
N VAL B 327 -18.98 4.98 9.46
CA VAL B 327 -17.94 5.93 9.06
C VAL B 327 -18.49 7.05 8.20
N GLY B 328 -19.29 6.68 7.19
CA GLY B 328 -19.88 7.62 6.24
C GLY B 328 -20.67 8.72 6.95
N PRO B 329 -21.69 8.37 7.75
CA PRO B 329 -22.45 9.39 8.50
C PRO B 329 -21.57 10.26 9.40
N LEU B 330 -20.53 9.67 9.99
CA LEU B 330 -19.62 10.42 10.86
C LEU B 330 -18.82 11.43 10.08
N CYS B 331 -18.27 11.03 8.93
CA CYS B 331 -17.57 11.96 8.05
C CYS B 331 -18.48 13.07 7.51
N ASN B 332 -19.68 12.68 7.08
CA ASN B 332 -20.70 13.63 6.62
C ASN B 332 -21.03 14.67 7.67
N SER B 333 -21.31 14.20 8.88
CA SER B 333 -21.56 15.07 10.02
C SER B 333 -20.42 16.06 10.24
N TYR B 334 -19.19 15.54 10.22
CA TYR B 334 -17.99 16.31 10.52
C TYR B 334 -17.69 17.33 9.41
N ASP B 335 -17.89 16.90 8.16
CA ASP B 335 -17.77 17.76 6.98
C ASP B 335 -18.81 18.89 7.02
N SER B 336 -20.06 18.55 7.38
CA SER B 336 -21.17 19.52 7.45
C SER B 336 -20.90 20.68 8.39
N ALA B 337 -20.15 20.40 9.46
CA ALA B 337 -19.70 21.43 10.40
C ALA B 337 -18.57 22.25 9.83
N GLY B 338 -18.00 21.78 8.71
CA GLY B 338 -16.90 22.42 8.04
C GLY B 338 -15.56 22.24 8.72
N LEU B 339 -15.35 21.09 9.37
CA LEU B 339 -14.10 20.82 10.12
C LEU B 339 -13.10 19.95 9.36
N MET B 340 -13.51 19.44 8.19
CA MET B 340 -12.72 18.50 7.41
C MET B 340 -11.56 19.27 6.81
N PRO B 341 -10.30 18.82 7.01
CA PRO B 341 -9.17 19.36 6.24
C PRO B 341 -9.46 19.18 4.75
N GLY B 342 -8.95 20.12 3.96
CA GLY B 342 -9.21 20.10 2.50
C GLY B 342 -8.50 21.23 1.79
N LYS B 343 -8.77 21.41 0.50
CA LYS B 343 -8.07 22.44 -0.31
C LYS B 343 -9.09 23.14 -1.22
N TRP B 344 -9.03 24.46 -1.31
CA TRP B 344 -9.90 25.20 -2.26
C TRP B 344 -9.50 24.83 -3.69
N VAL B 345 -10.45 24.38 -4.50
CA VAL B 345 -10.12 24.10 -5.91
C VAL B 345 -10.04 25.44 -6.69
N GLU B 346 -8.86 25.68 -7.29
CA GLU B 346 -8.59 26.82 -8.21
C GLU B 346 -9.10 28.21 -7.81
N ARG B 354 -17.18 28.66 -4.05
CA ARG B 354 -16.09 27.78 -4.45
C ARG B 354 -16.22 26.29 -4.02
N LYS B 355 -15.43 25.44 -4.70
CA LYS B 355 -15.37 24.02 -4.43
C LYS B 355 -14.20 23.69 -3.51
N ILE B 356 -14.36 22.59 -2.77
CA ILE B 356 -13.35 22.09 -1.84
C ILE B 356 -12.98 20.67 -2.23
N TYR B 357 -11.67 20.42 -2.37
CA TYR B 357 -11.17 19.05 -2.52
C TYR B 357 -10.80 18.47 -1.14
N CYS B 358 -11.43 17.35 -0.78
CA CYS B 358 -11.26 16.70 0.51
C CYS B 358 -10.71 15.27 0.40
N GLN B 359 -9.41 15.13 0.66
CA GLN B 359 -8.71 13.84 0.58
C GLN B 359 -9.39 12.73 1.37
N ILE B 360 -9.90 13.06 2.56
CA ILE B 360 -10.45 12.06 3.49
C ILE B 360 -11.72 11.42 2.96
N THR B 361 -12.69 12.24 2.56
CA THR B 361 -13.93 11.73 1.99
C THR B 361 -13.67 11.09 0.60
N GLN B 362 -12.69 11.59 -0.13
CA GLN B 362 -12.36 10.94 -1.42
C GLN B 362 -11.85 9.51 -1.18
N HIS B 363 -10.94 9.30 -0.21
CA HIS B 363 -10.48 7.92 0.10
C HIS B 363 -11.64 7.03 0.51
N LEU B 364 -12.54 7.58 1.32
CA LEU B 364 -13.68 6.80 1.84
C LEU B 364 -14.59 6.35 0.71
N LEU B 365 -14.85 7.24 -0.24
CA LEU B 365 -15.62 6.92 -1.45
C LEU B 365 -14.98 5.80 -2.25
N GLN B 366 -13.68 5.93 -2.53
CA GLN B 366 -12.96 4.92 -3.33
C GLN B 366 -12.95 3.57 -2.64
N ASN B 367 -12.68 3.54 -1.33
CA ASN B 367 -12.69 2.30 -0.57
C ASN B 367 -14.08 1.68 -0.54
N HIS B 368 -15.11 2.53 -0.48
CA HIS B 368 -16.50 2.04 -0.50
C HIS B 368 -16.81 1.38 -1.86
N LYS B 369 -16.45 2.07 -2.95
CA LYS B 369 -16.58 1.54 -4.31
C LYS B 369 -15.92 0.20 -4.42
N MET B 370 -14.68 0.12 -3.96
CA MET B 370 -13.87 -1.09 -4.02
C MET B 370 -14.58 -2.31 -3.40
N TRP B 371 -15.17 -2.13 -2.21
CA TRP B 371 -15.88 -3.21 -1.52
C TRP B 371 -17.23 -3.56 -2.18
N LYS B 372 -17.89 -2.57 -2.76
CA LYS B 372 -19.17 -2.84 -3.45
C LYS B 372 -18.88 -3.71 -4.67
N LYS B 373 -17.67 -3.60 -5.22
CA LYS B 373 -17.33 -4.37 -6.45
C LYS B 373 -17.14 -5.83 -6.05
N VAL B 374 -16.47 -6.07 -4.93
CA VAL B 374 -16.24 -7.46 -4.43
C VAL B 374 -17.60 -8.10 -4.18
N ILE B 375 -18.58 -7.31 -3.73
CA ILE B 375 -19.93 -7.84 -3.39
C ILE B 375 -20.62 -8.39 -4.64
N GLU B 376 -20.61 -7.62 -5.74
CA GLU B 376 -21.24 -8.10 -6.99
C GLU B 376 -20.49 -9.34 -7.48
N GLU B 377 -19.17 -9.27 -7.50
CA GLU B 377 -18.36 -10.39 -8.04
C GLU B 377 -18.62 -11.68 -7.26
N GLU B 378 -18.98 -11.57 -5.99
CA GLU B 378 -19.16 -12.78 -5.15
C GLU B 378 -20.62 -13.21 -5.20
N GLN B 379 -21.45 -12.46 -5.93
CA GLN B 379 -22.89 -12.78 -5.99
C GLN B 379 -23.27 -13.17 -7.42
N LYS C 2 -1.31 22.62 -33.67
CA LYS C 2 -1.50 21.74 -34.86
C LYS C 2 -1.29 20.25 -34.50
N PRO C 3 -0.13 19.71 -33.98
CA PRO C 3 -0.12 18.27 -33.69
C PRO C 3 -0.81 17.86 -32.40
N ILE C 4 -0.16 17.01 -31.60
CA ILE C 4 -0.74 16.56 -30.30
C ILE C 4 -0.11 17.40 -29.18
N LEU C 5 -0.92 18.26 -28.55
CA LEU C 5 -0.41 19.15 -27.49
C LEU C 5 -1.08 18.76 -26.16
N ALA C 6 -0.45 19.05 -25.01
CA ALA C 6 -0.97 18.75 -23.68
C ALA C 6 -2.22 19.57 -23.47
N PRO C 7 -3.34 19.04 -22.92
CA PRO C 7 -4.56 19.83 -22.84
C PRO C 7 -4.83 20.72 -21.62
N GLU C 8 -5.69 21.74 -21.76
CA GLU C 8 -6.19 22.56 -20.60
C GLU C 8 -5.04 23.03 -19.71
N PRO C 9 -5.26 23.44 -18.44
CA PRO C 9 -4.14 23.66 -17.53
C PRO C 9 -3.16 22.50 -17.71
N LEU C 10 -1.89 22.79 -17.98
CA LEU C 10 -0.90 21.72 -18.25
C LEU C 10 -0.89 20.72 -17.08
N VAL C 11 -0.84 21.24 -15.86
CA VAL C 11 -0.83 20.37 -14.65
C VAL C 11 -2.24 20.30 -14.06
N MET C 12 -2.75 19.10 -13.85
CA MET C 12 -4.09 18.91 -13.26
C MET C 12 -4.02 19.15 -11.75
N ASP C 13 -5.00 19.85 -11.17
CA ASP C 13 -4.95 20.19 -9.72
C ASP C 13 -5.79 19.22 -8.89
N ASN C 14 -6.68 18.47 -9.54
CA ASN C 14 -7.60 17.54 -8.82
C ASN C 14 -6.81 16.39 -8.20
N LEU C 15 -5.54 16.24 -8.53
CA LEU C 15 -4.71 15.16 -7.97
C LEU C 15 -4.03 15.72 -6.73
N ASP C 16 -2.69 15.71 -6.66
CA ASP C 16 -1.91 16.26 -5.52
C ASP C 16 -2.04 15.33 -4.30
N SER C 17 -3.25 14.84 -4.01
CA SER C 17 -3.46 13.91 -2.88
C SER C 17 -3.06 12.49 -3.27
N ILE C 18 -3.34 12.07 -4.50
CA ILE C 18 -2.85 10.72 -4.94
C ILE C 18 -1.36 10.83 -5.23
N MET C 19 -0.91 12.00 -5.67
CA MET C 19 0.51 12.20 -6.03
C MET C 19 1.41 12.24 -4.79
N GLU C 20 0.84 12.36 -3.60
CA GLU C 20 1.68 12.31 -2.37
C GLU C 20 2.09 10.88 -2.06
N GLN C 21 1.36 9.91 -2.61
CA GLN C 21 1.69 8.48 -2.40
C GLN C 21 2.71 8.04 -3.45
N LEU C 22 3.25 8.96 -4.25
CA LEU C 22 4.25 8.46 -5.23
C LEU C 22 5.48 7.91 -4.52
N ASN C 23 5.82 8.45 -3.32
CA ASN C 23 7.00 7.95 -2.61
C ASN C 23 6.74 6.70 -1.76
N THR C 24 5.69 5.94 -2.11
CA THR C 24 5.47 4.59 -1.63
C THR C 24 5.68 3.60 -2.78
N TRP C 25 6.07 2.38 -2.43
CA TRP C 25 6.32 1.33 -3.38
C TRP C 25 5.02 0.91 -4.03
N ASN C 26 3.99 0.67 -3.23
CA ASN C 26 2.70 0.23 -3.74
C ASN C 26 1.79 1.44 -4.09
N PHE C 27 2.31 2.35 -4.91
CA PHE C 27 1.57 3.48 -5.43
C PHE C 27 0.23 3.01 -6.02
N PRO C 28 -0.91 3.58 -5.59
CA PRO C 28 -2.22 3.08 -6.04
C PRO C 28 -2.55 3.63 -7.43
N ILE C 29 -1.90 3.06 -8.45
CA ILE C 29 -1.89 3.61 -9.79
C ILE C 29 -3.27 3.48 -10.49
N PHE C 30 -4.02 2.42 -10.15
CA PHE C 30 -5.36 2.23 -10.69
C PHE C 30 -6.39 3.21 -10.11
N ASP C 31 -6.16 3.63 -8.87
CA ASP C 31 -6.96 4.68 -8.26
C ASP C 31 -6.66 6.00 -8.98
N LEU C 32 -5.41 6.22 -9.40
CA LEU C 32 -5.03 7.39 -10.17
C LEU C 32 -5.75 7.40 -11.54
N VAL C 33 -5.84 6.22 -12.15
CA VAL C 33 -6.53 6.08 -13.43
C VAL C 33 -7.98 6.58 -13.30
N GLU C 34 -8.66 6.15 -12.24
CA GLU C 34 -10.04 6.53 -11.96
C GLU C 34 -10.19 8.01 -11.63
N ASN C 35 -9.26 8.57 -10.88
CA ASN C 35 -9.29 10.02 -10.57
C ASN C 35 -9.18 10.84 -11.86
N ILE C 36 -8.22 10.50 -12.71
CA ILE C 36 -7.99 11.25 -13.95
C ILE C 36 -9.08 11.01 -14.99
N GLY C 37 -9.60 9.78 -15.06
CA GLY C 37 -10.57 9.38 -16.07
C GLY C 37 -10.00 8.29 -16.94
N ARG C 38 -10.73 7.17 -17.05
CA ARG C 38 -10.22 5.90 -17.59
C ARG C 38 -9.42 5.99 -18.88
N LYS C 39 -10.01 6.59 -19.92
CA LYS C 39 -9.37 6.71 -21.24
C LYS C 39 -9.11 8.18 -21.60
N CYS C 40 -8.84 8.98 -20.57
CA CYS C 40 -8.54 10.41 -20.70
C CYS C 40 -7.16 10.61 -21.33
N GLY C 41 -6.24 9.68 -21.03
CA GLY C 41 -4.95 9.58 -21.69
C GLY C 41 -3.99 10.66 -21.24
N ARG C 42 -3.88 10.87 -19.93
CA ARG C 42 -3.02 11.94 -19.38
C ARG C 42 -2.19 11.43 -18.19
N ILE C 43 -2.30 10.16 -17.81
CA ILE C 43 -1.63 9.61 -16.63
C ILE C 43 -0.10 9.71 -16.69
N LEU C 44 0.47 9.34 -17.84
CA LEU C 44 1.92 9.29 -18.01
C LEU C 44 2.55 10.68 -17.96
N SER C 45 1.93 11.65 -18.67
CA SER C 45 2.42 13.03 -18.68
C SER C 45 2.35 13.70 -17.31
N GLN C 46 1.25 13.45 -16.58
CA GLN C 46 1.04 13.99 -15.24
C GLN C 46 2.05 13.46 -14.23
N VAL C 47 2.26 12.14 -14.21
CA VAL C 47 3.27 11.54 -13.33
C VAL C 47 4.69 11.99 -13.71
N SER C 48 4.97 12.06 -15.02
CA SER C 48 6.29 12.49 -15.51
C SER C 48 6.60 13.90 -15.03
N TYR C 49 5.63 14.81 -15.09
CA TYR C 49 5.86 16.19 -14.60
C TYR C 49 6.23 16.16 -13.13
N ARG C 50 5.46 15.44 -12.31
CA ARG C 50 5.69 15.43 -10.85
C ARG C 50 7.08 14.86 -10.52
N LEU C 51 7.49 13.78 -11.19
CA LEU C 51 8.78 13.14 -10.84
C LEU C 51 9.94 14.00 -11.34
N PHE C 52 9.82 14.60 -12.51
CA PHE C 52 10.85 15.51 -13.01
C PHE C 52 10.97 16.76 -12.14
N GLU C 53 9.81 17.26 -11.68
CA GLU C 53 9.73 18.37 -10.72
C GLU C 53 10.39 17.96 -9.40
N ASP C 54 10.03 16.77 -8.88
CA ASP C 54 10.59 16.25 -7.64
C ASP C 54 12.13 16.13 -7.64
N MET C 55 12.70 15.89 -8.83
CA MET C 55 14.13 15.68 -8.96
C MET C 55 14.89 16.94 -9.36
N GLY C 56 14.15 18.01 -9.64
CA GLY C 56 14.72 19.26 -10.13
C GLY C 56 15.35 19.15 -11.51
N LEU C 57 14.84 18.20 -12.32
CA LEU C 57 15.41 17.95 -13.64
C LEU C 57 15.10 19.09 -14.62
N PHE C 58 13.93 19.72 -14.47
CA PHE C 58 13.55 20.89 -15.25
C PHE C 58 14.62 21.99 -15.16
N GLU C 59 15.03 22.30 -13.93
CA GLU C 59 16.06 23.32 -13.70
C GLU C 59 17.44 22.83 -14.16
N ALA C 60 17.77 21.60 -13.82
CA ALA C 60 19.08 21.00 -14.13
C ALA C 60 19.43 20.99 -15.62
N PHE C 61 18.42 20.91 -16.50
CA PHE C 61 18.64 20.86 -17.95
C PHE C 61 17.82 21.91 -18.74
N LYS C 62 17.40 22.99 -18.06
CA LYS C 62 16.66 24.08 -18.68
C LYS C 62 15.59 23.54 -19.61
N ILE C 63 14.84 22.56 -19.13
CA ILE C 63 13.79 21.94 -19.91
C ILE C 63 12.58 22.87 -19.93
N PRO C 64 12.09 23.29 -21.13
CA PRO C 64 10.82 24.00 -21.21
C PRO C 64 9.66 23.06 -20.95
N ILE C 65 8.83 23.41 -19.97
CA ILE C 65 7.72 22.57 -19.48
C ILE C 65 6.66 22.30 -20.57
N ARG C 66 6.40 23.28 -21.43
CA ARG C 66 5.38 23.10 -22.46
C ARG C 66 5.78 22.00 -23.46
N GLU C 67 7.03 22.05 -23.93
CA GLU C 67 7.54 21.06 -24.89
C GLU C 67 7.62 19.66 -24.25
N PHE C 68 8.06 19.61 -22.97
CA PHE C 68 8.06 18.41 -22.17
C PHE C 68 6.66 17.80 -22.17
N MET C 69 5.67 18.59 -21.75
CA MET C 69 4.29 18.07 -21.66
C MET C 69 3.68 17.74 -23.01
N ASN C 70 4.09 18.46 -24.06
CA ASN C 70 3.65 18.15 -25.42
C ASN C 70 4.13 16.72 -25.82
N TYR C 71 5.43 16.46 -25.65
CA TYR C 71 6.00 15.18 -26.03
C TYR C 71 5.40 14.05 -25.25
N PHE C 72 5.38 14.18 -23.91
CA PHE C 72 4.84 13.11 -23.06
C PHE C 72 3.36 12.82 -23.29
N HIS C 73 2.60 13.84 -23.73
CA HIS C 73 1.19 13.63 -24.10
C HIS C 73 1.08 12.90 -25.43
N ALA C 74 1.86 13.34 -26.42
CA ALA C 74 1.94 12.64 -27.72
C ALA C 74 2.34 11.17 -27.52
N LEU C 75 3.35 10.97 -26.67
CA LEU C 75 3.87 9.64 -26.33
C LEU C 75 2.78 8.76 -25.74
N GLU C 76 2.11 9.27 -24.69
CA GLU C 76 1.09 8.48 -24.03
C GLU C 76 -0.12 8.19 -24.93
N ILE C 77 -0.47 9.15 -25.79
CA ILE C 77 -1.54 8.95 -26.77
C ILE C 77 -1.20 7.78 -27.71
N GLY C 78 0.08 7.60 -28.04
CA GLY C 78 0.55 6.52 -28.88
C GLY C 78 0.67 5.13 -28.25
N TYR C 79 0.47 5.05 -26.92
CA TYR C 79 0.27 3.75 -26.28
C TYR C 79 -1.16 3.33 -26.61
N ARG C 80 -1.35 2.06 -26.97
CA ARG C 80 -2.64 1.52 -27.32
C ARG C 80 -3.47 1.16 -26.11
N ASP C 81 -4.78 1.03 -26.35
CA ASP C 81 -5.74 0.62 -25.35
C ASP C 81 -5.83 -0.90 -25.39
N ILE C 82 -4.83 -1.56 -24.83
CA ILE C 82 -4.76 -3.01 -24.72
C ILE C 82 -4.60 -3.28 -23.23
N PRO C 83 -4.86 -4.53 -22.76
CA PRO C 83 -4.92 -4.80 -21.31
C PRO C 83 -3.69 -4.53 -20.45
N TYR C 84 -2.47 -4.72 -20.99
CA TYR C 84 -1.24 -4.64 -20.18
C TYR C 84 -0.23 -3.60 -20.67
N HIS C 85 0.22 -3.72 -21.94
CA HIS C 85 1.25 -2.84 -22.51
C HIS C 85 0.66 -1.51 -22.96
N ASN C 86 0.09 -0.80 -21.98
CA ASN C 86 -0.58 0.47 -22.19
C ASN C 86 0.16 1.54 -21.42
N ARG C 87 -0.37 2.77 -21.47
CA ARG C 87 0.26 3.92 -20.84
C ARG C 87 0.28 3.82 -19.33
N ILE C 88 -0.54 2.94 -18.75
CA ILE C 88 -0.58 2.75 -17.31
C ILE C 88 0.64 1.89 -16.89
N HIS C 89 0.93 0.83 -17.64
CA HIS C 89 2.16 0.08 -17.48
C HIS C 89 3.38 1.00 -17.60
N ALA C 90 3.40 1.86 -18.63
CA ALA C 90 4.54 2.75 -18.82
C ALA C 90 4.72 3.65 -17.60
N THR C 91 3.61 4.17 -17.08
CA THR C 91 3.63 5.02 -15.88
C THR C 91 4.17 4.24 -14.69
N ASP C 92 3.71 2.99 -14.54
CA ASP C 92 4.13 2.09 -13.48
C ASP C 92 5.66 1.85 -13.48
N VAL C 93 6.20 1.60 -14.69
CA VAL C 93 7.63 1.37 -14.89
C VAL C 93 8.44 2.62 -14.55
N LEU C 94 7.94 3.79 -14.96
CA LEU C 94 8.60 5.05 -14.65
C LEU C 94 8.63 5.28 -13.12
N HIS C 95 7.48 5.04 -12.47
CA HIS C 95 7.41 5.20 -11.03
C HIS C 95 8.43 4.27 -10.33
N ALA C 96 8.53 3.03 -10.80
CA ALA C 96 9.44 2.05 -10.21
C ALA C 96 10.93 2.43 -10.32
N VAL C 97 11.38 2.87 -11.51
CA VAL C 97 12.78 3.26 -11.66
C VAL C 97 13.11 4.52 -10.83
N TRP C 98 12.11 5.40 -10.69
CA TRP C 98 12.27 6.58 -9.86
C TRP C 98 12.40 6.16 -8.37
N TYR C 99 11.49 5.30 -7.93
CA TYR C 99 11.52 4.78 -6.58
C TYR C 99 12.86 4.09 -6.27
N LEU C 100 13.30 3.22 -7.19
CA LEU C 100 14.51 2.44 -6.99
C LEU C 100 15.77 3.30 -6.96
N THR C 101 15.73 4.45 -7.64
CA THR C 101 16.89 5.32 -7.76
C THR C 101 16.95 6.47 -6.77
N THR C 102 15.84 6.72 -6.08
CA THR C 102 15.71 7.91 -5.22
C THR C 102 15.53 7.60 -3.73
N GLN C 103 15.06 6.38 -3.43
CA GLN C 103 14.75 5.96 -2.09
C GLN C 103 15.95 5.39 -1.33
N PRO C 104 15.95 5.51 0.02
CA PRO C 104 17.12 5.17 0.82
C PRO C 104 17.50 3.70 0.69
N ILE C 105 18.79 3.46 0.45
CA ILE C 105 19.37 2.13 0.41
C ILE C 105 20.32 1.96 1.59
N PRO C 106 20.04 1.01 2.52
CA PRO C 106 20.85 0.89 3.73
C PRO C 106 22.30 0.54 3.39
N GLY C 107 23.24 1.36 3.89
CA GLY C 107 24.65 1.08 3.80
C GLY C 107 25.29 1.26 2.43
N LEU C 108 24.63 2.02 1.54
CA LEU C 108 25.17 2.30 0.21
C LEU C 108 26.17 3.47 0.31
N SER C 109 27.38 3.23 -0.21
CA SER C 109 28.46 4.19 -0.27
C SER C 109 28.19 5.24 -1.36
N THR C 110 28.43 6.51 -1.05
CA THR C 110 28.24 7.60 -2.05
C THR C 110 29.61 8.02 -2.60
N VAL C 111 29.81 7.92 -3.91
CA VAL C 111 31.13 8.26 -4.53
C VAL C 111 31.52 9.67 -4.08
N ILE C 112 32.76 9.83 -3.62
CA ILE C 112 33.18 11.15 -3.09
C ILE C 112 33.92 11.91 -4.19
N GLY C 113 34.24 11.22 -5.28
CA GLY C 113 34.97 11.86 -6.40
C GLY C 113 34.15 12.97 -7.05
N GLY C 114 32.82 12.83 -7.04
CA GLY C 114 31.95 13.60 -7.95
C GLY C 114 32.29 13.28 -9.38
N SER C 115 32.76 14.27 -10.17
CA SER C 115 33.33 14.06 -11.54
C SER C 115 32.39 14.02 -12.74
N GLY C 116 32.02 12.82 -13.23
CA GLY C 116 31.27 12.68 -14.50
C GLY C 116 29.90 13.32 -14.61
N GLY C 117 29.76 14.61 -14.33
CA GLY C 117 28.47 15.31 -14.53
C GLY C 117 27.83 15.68 -13.19
N SER C 118 26.80 16.51 -13.22
CA SER C 118 26.11 16.94 -11.97
C SER C 118 25.22 15.80 -11.45
N TYR C 119 24.86 15.84 -10.17
CA TYR C 119 23.98 14.81 -9.58
C TYR C 119 22.68 15.47 -9.10
N VAL C 120 21.59 14.70 -9.02
CA VAL C 120 20.26 15.23 -8.58
C VAL C 120 19.72 14.35 -7.46
N PHE C 121 18.90 14.91 -6.57
CA PHE C 121 18.30 14.17 -5.46
C PHE C 121 16.82 14.54 -5.36
N SER C 122 16.02 13.55 -4.92
CA SER C 122 14.61 13.74 -4.70
C SER C 122 14.37 14.68 -3.54
N LYS C 123 13.33 15.50 -3.64
CA LYS C 123 12.82 16.29 -2.51
C LYS C 123 12.43 15.40 -1.32
N THR C 124 12.00 14.16 -1.61
CA THR C 124 11.66 13.17 -0.58
C THR C 124 12.89 12.61 0.19
N TYR C 125 14.11 12.98 -0.24
CA TYR C 125 15.35 12.43 0.31
C TYR C 125 16.09 13.40 1.24
N ASN C 126 16.19 13.03 2.51
CA ASN C 126 16.98 13.85 3.48
C ASN C 126 18.39 13.25 3.58
N VAL C 127 19.41 14.08 3.39
CA VAL C 127 20.82 13.59 3.40
C VAL C 127 21.32 13.52 4.84
N THR C 128 20.49 13.92 5.80
CA THR C 128 20.88 13.76 7.22
C THR C 128 21.16 12.28 7.48
N ASP C 129 20.31 11.39 6.95
CA ASP C 129 20.50 9.94 7.16
C ASP C 129 21.92 9.57 6.76
N ASP C 130 22.73 9.14 7.74
CA ASP C 130 24.14 8.79 7.44
C ASP C 130 24.21 7.32 7.02
N LYS C 131 23.37 6.45 7.58
CA LYS C 131 23.48 5.00 7.30
C LYS C 131 22.79 4.63 5.98
N TYR C 132 22.53 5.61 5.13
CA TYR C 132 21.78 5.31 3.89
C TYR C 132 22.27 6.15 2.71
N GLY C 133 22.36 5.55 1.52
CA GLY C 133 22.60 6.29 0.29
C GLY C 133 21.37 6.09 -0.63
N CYS C 134 21.45 6.64 -1.85
CA CYS C 134 20.52 6.35 -2.93
C CYS C 134 21.25 6.39 -4.27
N LEU C 135 20.75 5.64 -5.25
CA LEU C 135 21.39 5.54 -6.56
C LEU C 135 21.62 6.87 -7.24
N SER C 136 20.74 7.85 -7.02
CA SER C 136 20.86 9.18 -7.63
C SER C 136 22.07 9.98 -7.13
N GLY C 137 22.71 9.48 -6.06
CA GLY C 137 23.96 9.99 -5.54
C GLY C 137 25.19 9.37 -6.20
N ASN C 138 25.00 8.26 -6.91
CA ASN C 138 26.10 7.50 -7.57
C ASN C 138 25.93 7.49 -9.09
N ILE C 139 24.81 7.99 -9.61
CA ILE C 139 24.51 8.03 -11.05
C ILE C 139 24.21 9.45 -11.50
N PRO C 140 25.04 10.05 -12.41
CA PRO C 140 24.85 11.43 -12.84
C PRO C 140 23.45 11.74 -13.37
N ALA C 141 23.00 12.97 -13.20
CA ALA C 141 21.64 13.37 -13.61
C ALA C 141 21.32 13.01 -15.06
N LEU C 142 22.26 13.21 -15.99
CA LEU C 142 22.02 12.93 -17.41
C LEU C 142 21.62 11.47 -17.63
N GLU C 143 22.34 10.56 -16.98
CA GLU C 143 22.07 9.13 -17.03
C GLU C 143 20.75 8.75 -16.36
N LEU C 144 20.44 9.42 -15.26
CA LEU C 144 19.21 9.16 -14.53
C LEU C 144 18.02 9.59 -15.37
N MET C 145 18.14 10.79 -15.98
CA MET C 145 17.11 11.31 -16.84
C MET C 145 16.89 10.39 -18.06
N ALA C 146 17.97 9.87 -18.62
CA ALA C 146 17.89 8.90 -19.71
C ALA C 146 17.08 7.68 -19.33
N LEU C 147 17.37 7.14 -18.13
CA LEU C 147 16.64 5.99 -17.60
C LEU C 147 15.14 6.26 -17.47
N TYR C 148 14.78 7.46 -16.96
CA TYR C 148 13.37 7.83 -16.75
C TYR C 148 12.61 8.00 -18.06
N VAL C 149 13.23 8.67 -19.03
CA VAL C 149 12.65 8.83 -20.36
C VAL C 149 12.49 7.49 -21.06
N ALA C 150 13.50 6.62 -20.92
CA ALA C 150 13.41 5.25 -21.45
C ALA C 150 12.20 4.50 -20.90
N ALA C 151 11.99 4.59 -19.57
CA ALA C 151 10.86 3.92 -18.94
C ALA C 151 9.54 4.41 -19.55
N ALA C 152 9.43 5.73 -19.73
CA ALA C 152 8.22 6.30 -20.34
C ALA C 152 8.01 5.79 -21.78
N MET C 153 9.09 5.64 -22.55
CA MET C 153 8.97 5.22 -23.98
C MET C 153 9.39 3.76 -24.18
N HIS C 154 9.25 2.88 -23.21
CA HIS C 154 9.78 1.51 -23.39
C HIS C 154 8.79 0.58 -24.10
N ASP C 155 7.50 0.89 -24.10
CA ASP C 155 6.51 -0.04 -24.72
C ASP C 155 5.64 0.74 -25.71
N TYR C 156 6.13 1.89 -26.18
CA TYR C 156 5.37 2.73 -27.11
C TYR C 156 4.90 1.97 -28.34
N ASP C 157 3.60 2.09 -28.62
CA ASP C 157 2.93 1.47 -29.78
C ASP C 157 3.03 -0.06 -29.77
N HIS C 158 3.00 -0.65 -28.58
CA HIS C 158 2.98 -2.10 -28.41
C HIS C 158 1.68 -2.64 -28.97
N PRO C 159 1.70 -3.70 -29.80
CA PRO C 159 0.48 -4.27 -30.38
C PRO C 159 -0.15 -5.40 -29.57
N GLY C 160 0.28 -5.62 -28.34
CA GLY C 160 -0.26 -6.68 -27.50
C GLY C 160 0.05 -8.11 -27.96
N ARG C 161 1.15 -8.25 -28.71
CA ARG C 161 1.68 -9.54 -29.13
C ARG C 161 3.16 -9.63 -28.72
N THR C 162 3.64 -10.85 -28.48
CA THR C 162 5.06 -11.09 -28.17
C THR C 162 5.94 -11.02 -29.42
N ASN C 163 7.25 -10.96 -29.20
CA ASN C 163 8.22 -10.97 -30.33
C ASN C 163 8.09 -12.31 -31.05
N ALA C 164 8.01 -13.41 -30.32
CA ALA C 164 7.92 -14.74 -30.92
C ALA C 164 6.75 -14.85 -31.90
N PHE C 165 5.61 -14.25 -31.54
CA PHE C 165 4.44 -14.20 -32.41
C PHE C 165 4.70 -13.43 -33.71
N LEU C 166 5.33 -12.26 -33.58
CA LEU C 166 5.63 -11.42 -34.75
C LEU C 166 6.61 -12.13 -35.68
N VAL C 167 7.57 -12.83 -35.08
CA VAL C 167 8.56 -13.60 -35.81
C VAL C 167 7.89 -14.79 -36.51
N ALA C 168 7.12 -15.59 -35.77
CA ALA C 168 6.43 -16.77 -36.32
C ALA C 168 5.50 -16.45 -37.50
N THR C 169 4.86 -15.28 -37.48
CA THR C 169 3.92 -14.87 -38.52
C THR C 169 4.52 -13.92 -39.57
N SER C 170 5.86 -13.79 -39.61
CA SER C 170 6.55 -12.88 -40.53
C SER C 170 5.87 -11.54 -40.63
N ALA C 171 5.56 -10.94 -39.47
CA ALA C 171 4.94 -9.63 -39.42
C ALA C 171 5.89 -8.62 -40.03
N PRO C 172 5.40 -7.53 -40.65
CA PRO C 172 6.27 -6.52 -41.25
C PRO C 172 7.34 -5.97 -40.31
N GLN C 173 7.01 -5.86 -39.01
CA GLN C 173 7.97 -5.38 -38.01
C GLN C 173 9.13 -6.35 -37.80
N ALA C 174 8.83 -7.66 -37.78
CA ALA C 174 9.83 -8.70 -37.58
C ALA C 174 10.76 -8.81 -38.79
N VAL C 175 10.22 -8.56 -40.00
CA VAL C 175 11.01 -8.55 -41.22
C VAL C 175 11.89 -7.31 -41.22
N LEU C 176 11.31 -6.18 -40.78
CA LEU C 176 12.01 -4.90 -40.72
C LEU C 176 13.23 -4.92 -39.80
N TYR C 177 13.08 -5.57 -38.64
CA TYR C 177 14.15 -5.68 -37.64
C TYR C 177 14.85 -7.05 -37.63
N ASN C 178 14.72 -7.79 -38.73
CA ASN C 178 15.43 -9.04 -38.91
C ASN C 178 15.32 -9.99 -37.72
N ASP C 179 14.14 -10.03 -37.11
CA ASP C 179 13.84 -10.96 -35.97
C ASP C 179 14.63 -10.62 -34.71
N ARG C 180 15.29 -9.46 -34.66
CA ARG C 180 16.14 -9.12 -33.50
C ARG C 180 15.46 -8.05 -32.65
N SER C 181 15.20 -8.34 -31.37
CA SER C 181 14.48 -7.42 -30.44
C SER C 181 13.45 -6.59 -31.23
N VAL C 182 12.52 -7.27 -31.89
CA VAL C 182 11.56 -6.57 -32.82
C VAL C 182 10.82 -5.43 -32.14
N LEU C 183 10.06 -5.74 -31.09
CA LEU C 183 9.23 -4.69 -30.46
C LEU C 183 10.09 -3.64 -29.77
N GLU C 184 11.13 -4.06 -29.08
CA GLU C 184 11.97 -3.10 -28.32
C GLU C 184 12.63 -2.13 -29.29
N ASN C 185 13.06 -2.62 -30.45
CA ASN C 185 13.64 -1.72 -31.47
C ASN C 185 12.55 -0.77 -31.94
N HIS C 186 11.34 -1.28 -32.15
CA HIS C 186 10.22 -0.46 -32.57
C HIS C 186 9.86 0.63 -31.55
N HIS C 187 9.78 0.25 -30.29
CA HIS C 187 9.38 1.22 -29.24
C HIS C 187 10.37 2.37 -29.24
N ALA C 188 11.66 2.07 -29.19
CA ALA C 188 12.72 3.09 -29.20
C ALA C 188 12.70 3.95 -30.45
N ALA C 189 12.52 3.31 -31.61
CA ALA C 189 12.63 4.00 -32.90
C ALA C 189 11.42 4.86 -33.17
N ALA C 190 10.23 4.30 -32.92
CA ALA C 190 8.99 5.05 -33.04
C ALA C 190 8.93 6.22 -32.06
N ALA C 191 9.37 6.02 -30.81
CA ALA C 191 9.35 7.10 -29.82
C ALA C 191 10.32 8.22 -30.15
N TRP C 192 11.50 7.86 -30.68
CA TRP C 192 12.46 8.87 -31.12
C TRP C 192 11.98 9.59 -32.38
N ASN C 193 11.34 8.87 -33.29
CA ASN C 193 10.78 9.46 -34.49
C ASN C 193 9.72 10.48 -34.11
N LEU C 194 8.85 10.12 -33.15
CA LEU C 194 7.85 11.02 -32.61
C LEU C 194 8.51 12.28 -32.09
N PHE C 195 9.54 12.13 -31.26
CA PHE C 195 10.26 13.27 -30.66
C PHE C 195 10.79 14.23 -31.72
N MET C 196 11.40 13.66 -32.77
CA MET C 196 12.07 14.44 -33.80
C MET C 196 11.09 15.07 -34.80
N SER C 197 9.87 14.53 -34.86
CA SER C 197 8.88 14.97 -35.83
C SER C 197 8.41 16.44 -35.71
N ARG C 198 8.45 16.96 -34.47
CA ARG C 198 7.93 18.32 -34.21
C ARG C 198 8.83 19.15 -33.27
N PRO C 199 9.20 20.44 -33.55
CA PRO C 199 9.93 21.28 -32.59
C PRO C 199 9.14 21.60 -31.29
N GLU C 200 7.83 21.34 -31.30
CA GLU C 200 6.98 21.55 -30.10
C GLU C 200 7.23 20.42 -29.11
N TYR C 201 8.02 19.42 -29.49
CA TYR C 201 8.31 18.28 -28.60
C TYR C 201 9.77 18.35 -28.14
N ASN C 202 10.54 19.35 -28.58
CA ASN C 202 11.96 19.37 -28.27
C ASN C 202 12.29 19.91 -26.86
N PHE C 203 11.98 19.09 -25.85
CA PHE C 203 12.25 19.43 -24.46
C PHE C 203 13.71 19.32 -24.08
N LEU C 204 14.53 18.79 -25.00
CA LEU C 204 15.97 18.62 -24.78
C LEU C 204 16.80 19.69 -25.48
N ILE C 205 16.13 20.75 -25.93
CA ILE C 205 16.77 21.83 -26.70
C ILE C 205 18.08 22.37 -26.11
N ASN C 206 18.21 22.35 -24.78
CA ASN C 206 19.39 22.88 -24.10
C ASN C 206 20.47 21.87 -23.63
N LEU C 207 20.39 20.62 -24.11
CA LEU C 207 21.56 19.74 -24.08
C LEU C 207 22.47 20.21 -25.21
N ASP C 208 23.79 20.15 -25.01
CA ASP C 208 24.70 20.36 -26.13
C ASP C 208 24.69 19.10 -27.01
N HIS C 209 25.42 19.14 -28.13
CA HIS C 209 25.40 18.05 -29.10
C HIS C 209 25.94 16.76 -28.51
N VAL C 210 27.03 16.88 -27.74
CA VAL C 210 27.67 15.75 -27.07
C VAL C 210 26.70 15.07 -26.07
N GLU C 211 26.10 15.88 -25.18
CA GLU C 211 25.11 15.43 -24.21
C GLU C 211 23.92 14.74 -24.88
N PHE C 212 23.40 15.34 -25.96
CA PHE C 212 22.22 14.80 -26.63
C PHE C 212 22.51 13.41 -27.20
N LYS C 213 23.67 13.28 -27.85
CA LYS C 213 24.10 12.01 -28.45
C LYS C 213 24.24 10.94 -27.38
N HIS C 214 24.88 11.30 -26.27
CA HIS C 214 25.09 10.37 -25.19
C HIS C 214 23.75 9.96 -24.55
N PHE C 215 22.86 10.95 -24.39
CA PHE C 215 21.50 10.75 -23.85
C PHE C 215 20.73 9.72 -24.66
N ARG C 216 20.76 9.90 -25.99
CA ARG C 216 19.99 9.06 -26.93
C ARG C 216 20.50 7.62 -26.86
N PHE C 217 21.83 7.47 -26.80
CA PHE C 217 22.47 6.16 -26.67
C PHE C 217 22.00 5.46 -25.39
N LEU C 218 22.06 6.18 -24.26
CA LEU C 218 21.60 5.64 -22.98
C LEU C 218 20.13 5.20 -23.01
N VAL C 219 19.27 6.03 -23.59
CA VAL C 219 17.84 5.71 -23.69
C VAL C 219 17.62 4.43 -24.48
N ILE C 220 18.31 4.32 -25.61
CA ILE C 220 18.20 3.15 -26.48
C ILE C 220 18.67 1.87 -25.77
N GLU C 221 19.83 1.95 -25.10
CA GLU C 221 20.39 0.82 -24.35
C GLU C 221 19.44 0.35 -23.24
N ALA C 222 18.80 1.30 -22.56
CA ALA C 222 17.83 0.97 -21.52
C ALA C 222 16.61 0.27 -22.08
N ILE C 223 16.02 0.81 -23.16
CA ILE C 223 14.83 0.22 -23.80
C ILE C 223 15.12 -1.17 -24.31
N LEU C 224 16.22 -1.34 -25.04
CA LEU C 224 16.54 -2.66 -25.64
C LEU C 224 16.85 -3.68 -24.55
N ALA C 225 17.36 -3.24 -23.39
CA ALA C 225 17.55 -4.15 -22.27
C ALA C 225 16.27 -4.81 -21.71
N THR C 226 15.09 -4.29 -22.10
CA THR C 226 13.83 -4.88 -21.66
C THR C 226 13.39 -6.13 -22.43
N ASP C 227 14.18 -6.54 -23.43
CA ASP C 227 13.88 -7.78 -24.18
C ASP C 227 14.16 -8.98 -23.28
N LEU C 228 13.11 -9.72 -22.93
CA LEU C 228 13.26 -10.85 -22.00
C LEU C 228 14.12 -11.97 -22.57
N LYS C 229 14.22 -12.05 -23.90
CA LYS C 229 15.12 -13.00 -24.55
C LYS C 229 16.57 -12.85 -24.06
N LYS C 230 16.97 -11.64 -23.67
CA LYS C 230 18.35 -11.39 -23.19
C LYS C 230 18.40 -11.36 -21.66
N HIS C 231 17.33 -11.72 -20.97
CA HIS C 231 17.25 -11.64 -19.52
C HIS C 231 18.39 -12.32 -18.79
N PHE C 232 18.67 -13.56 -19.16
CA PHE C 232 19.68 -14.38 -18.47
C PHE C 232 21.10 -13.85 -18.68
N ASP C 233 21.38 -13.34 -19.88
CA ASP C 233 22.67 -12.72 -20.19
C ASP C 233 22.92 -11.51 -19.30
N PHE C 234 21.91 -10.64 -19.16
CA PHE C 234 22.07 -9.47 -18.30
C PHE C 234 22.32 -9.87 -16.83
N VAL C 235 21.57 -10.86 -16.35
CA VAL C 235 21.65 -11.24 -14.94
C VAL C 235 23.03 -11.89 -14.67
N ALA C 236 23.48 -12.77 -15.57
CA ALA C 236 24.83 -13.33 -15.51
C ALA C 236 25.90 -12.24 -15.49
N LYS C 237 25.80 -11.28 -16.42
CA LYS C 237 26.78 -10.21 -16.51
C LYS C 237 26.81 -9.37 -15.23
N PHE C 238 25.64 -9.10 -14.66
CA PHE C 238 25.54 -8.30 -13.43
C PHE C 238 26.10 -9.07 -12.23
N ASN C 239 25.78 -10.35 -12.17
CA ASN C 239 26.29 -11.20 -11.08
C ASN C 239 27.80 -11.31 -11.23
N GLY C 240 28.29 -11.35 -12.47
CA GLY C 240 29.74 -11.46 -12.69
C GLY C 240 30.47 -10.16 -12.39
N LYS C 241 29.76 -9.05 -12.27
CA LYS C 241 30.46 -7.81 -11.90
C LYS C 241 30.47 -7.71 -10.38
N VAL C 242 29.40 -8.19 -9.75
CA VAL C 242 29.29 -8.05 -8.27
C VAL C 242 30.19 -9.08 -7.60
N ASN C 243 30.13 -10.33 -8.05
CA ASN C 243 30.85 -11.41 -7.34
C ASN C 243 32.27 -11.60 -7.86
N ASP C 244 32.52 -11.39 -9.16
CA ASP C 244 33.92 -11.49 -9.62
C ASP C 244 34.58 -10.12 -9.51
N ASP C 245 35.85 -10.08 -9.12
CA ASP C 245 36.61 -8.81 -9.04
C ASP C 245 36.19 -7.94 -7.86
N VAL C 246 36.44 -6.63 -7.95
CA VAL C 246 36.18 -5.71 -6.82
C VAL C 246 34.71 -5.26 -6.80
N GLY C 247 33.89 -5.68 -7.77
CA GLY C 247 32.47 -5.30 -7.67
C GLY C 247 32.11 -4.11 -8.53
N ILE C 248 30.96 -3.51 -8.25
CA ILE C 248 30.47 -2.36 -9.08
C ILE C 248 31.37 -1.15 -8.87
N ASP C 249 31.86 -0.59 -9.97
CA ASP C 249 32.69 0.61 -9.95
C ASP C 249 31.90 1.83 -10.43
N TRP C 250 31.42 2.64 -9.50
CA TRP C 250 30.56 3.81 -9.86
C TRP C 250 31.32 4.88 -10.64
N THR C 251 32.63 4.73 -10.85
CA THR C 251 33.38 5.71 -11.68
C THR C 251 33.45 5.19 -13.11
N ASN C 252 32.97 3.97 -13.34
CA ASN C 252 32.99 3.37 -14.66
C ASN C 252 31.60 3.54 -15.34
N GLU C 253 31.60 4.14 -16.54
CA GLU C 253 30.41 4.37 -17.34
C GLU C 253 29.61 3.09 -17.65
N ASN C 254 30.30 1.99 -17.98
CA ASN C 254 29.65 0.73 -18.32
C ASN C 254 29.03 0.03 -17.13
N ASP C 255 29.66 0.15 -15.97
CA ASP C 255 29.10 -0.41 -14.76
C ASP C 255 27.79 0.31 -14.41
N ARG C 256 27.80 1.65 -14.52
CA ARG C 256 26.59 2.45 -14.23
C ARG C 256 25.49 2.11 -15.23
N LEU C 257 25.82 1.96 -16.51
CA LEU C 257 24.85 1.57 -17.53
C LEU C 257 24.18 0.27 -17.14
N LEU C 258 24.99 -0.72 -16.74
CA LEU C 258 24.47 -2.03 -16.37
C LEU C 258 23.54 -1.99 -15.14
N VAL C 259 23.87 -1.13 -14.17
CA VAL C 259 22.98 -0.86 -13.03
C VAL C 259 21.65 -0.28 -13.50
N CYS C 260 21.71 0.70 -14.40
CA CYS C 260 20.52 1.31 -14.97
C CYS C 260 19.63 0.29 -15.70
N GLN C 261 20.26 -0.58 -16.49
CA GLN C 261 19.58 -1.67 -17.19
C GLN C 261 18.91 -2.67 -16.23
N MET C 262 19.60 -3.04 -15.16
CA MET C 262 19.05 -3.98 -14.15
C MET C 262 17.88 -3.28 -13.47
N CYS C 263 18.03 -1.99 -13.24
CA CYS C 263 16.98 -1.18 -12.66
C CYS C 263 15.69 -1.10 -13.51
N ILE C 264 15.84 -0.78 -14.81
CA ILE C 264 14.68 -0.76 -15.69
C ILE C 264 14.08 -2.14 -15.88
N LYS C 265 14.92 -3.18 -15.89
CA LYS C 265 14.43 -4.55 -15.97
C LYS C 265 13.57 -4.92 -14.77
N LEU C 266 14.06 -4.63 -13.56
CA LEU C 266 13.30 -4.91 -12.32
C LEU C 266 11.96 -4.12 -12.34
N ALA C 267 12.02 -2.84 -12.71
CA ALA C 267 10.84 -2.00 -12.84
C ALA C 267 9.82 -2.54 -13.85
N ASP C 268 10.30 -3.05 -14.98
CA ASP C 268 9.43 -3.59 -16.02
C ASP C 268 8.55 -4.71 -15.52
N ILE C 269 9.13 -5.62 -14.72
CA ILE C 269 8.42 -6.82 -14.26
C ILE C 269 8.18 -6.79 -12.74
N ASN C 270 7.97 -5.59 -12.21
CA ASN C 270 7.82 -5.34 -10.77
C ASN C 270 6.56 -5.94 -10.11
N GLY C 271 5.54 -6.27 -10.91
CA GLY C 271 4.24 -6.69 -10.43
C GLY C 271 4.24 -7.74 -9.32
N PRO C 272 4.92 -8.89 -9.51
CA PRO C 272 5.04 -9.91 -8.47
C PRO C 272 5.76 -9.47 -7.20
N ALA C 273 6.41 -8.32 -7.21
CA ALA C 273 7.07 -7.75 -6.04
C ALA C 273 6.28 -6.60 -5.40
N LYS C 274 5.01 -6.45 -5.80
CA LYS C 274 4.06 -5.52 -5.21
C LYS C 274 3.13 -6.27 -4.24
N CYS C 275 2.34 -5.52 -3.47
CA CYS C 275 1.26 -6.07 -2.64
C CYS C 275 0.34 -6.94 -3.48
N LYS C 276 -0.31 -7.90 -2.81
CA LYS C 276 -1.22 -8.83 -3.45
C LYS C 276 -2.17 -8.14 -4.45
N GLU C 277 -2.76 -7.03 -4.00
CA GLU C 277 -3.83 -6.36 -4.71
C GLU C 277 -3.37 -5.85 -6.09
N LEU C 278 -2.28 -5.08 -6.09
CA LEU C 278 -1.66 -4.61 -7.33
C LEU C 278 -1.23 -5.74 -8.21
N HIS C 279 -0.50 -6.70 -7.63
CA HIS C 279 0.02 -7.88 -8.32
C HIS C 279 -1.08 -8.59 -9.08
N LEU C 280 -2.22 -8.79 -8.43
CA LEU C 280 -3.35 -9.52 -9.02
C LEU C 280 -4.03 -8.72 -10.12
N GLN C 281 -4.16 -7.40 -9.95
CA GLN C 281 -4.65 -6.53 -11.02
C GLN C 281 -3.76 -6.60 -12.28
N TRP C 282 -2.44 -6.51 -12.10
CA TRP C 282 -1.50 -6.57 -13.22
C TRP C 282 -1.54 -7.92 -13.90
N THR C 283 -1.68 -8.98 -13.09
CA THR C 283 -1.86 -10.34 -13.59
C THR C 283 -3.03 -10.48 -14.56
N ASP C 284 -4.18 -9.88 -14.21
CA ASP C 284 -5.37 -9.92 -15.05
C ASP C 284 -5.05 -9.32 -16.42
N GLY C 285 -4.35 -8.17 -16.40
CA GLY C 285 -3.92 -7.49 -17.61
C GLY C 285 -3.08 -8.37 -18.51
N ILE C 286 -2.01 -8.95 -17.96
CA ILE C 286 -1.07 -9.69 -18.79
C ILE C 286 -1.71 -10.95 -19.35
N VAL C 287 -2.44 -11.70 -18.51
CA VAL C 287 -3.11 -12.93 -18.99
C VAL C 287 -4.17 -12.63 -20.06
N ASN C 288 -4.84 -11.47 -19.96
CA ASN C 288 -5.79 -11.03 -20.99
C ASN C 288 -5.12 -10.78 -22.34
N GLU C 289 -3.93 -10.17 -22.34
CA GLU C 289 -3.15 -10.05 -23.58
C GLU C 289 -2.71 -11.40 -24.11
N PHE C 290 -2.25 -12.28 -23.23
CA PHE C 290 -1.88 -13.64 -23.65
C PHE C 290 -3.03 -14.39 -24.33
N TYR C 291 -4.23 -14.33 -23.75
CA TYR C 291 -5.40 -14.97 -24.35
C TYR C 291 -5.81 -14.36 -25.67
N GLU C 292 -5.72 -13.04 -25.81
CA GLU C 292 -5.98 -12.37 -27.10
C GLU C 292 -5.03 -12.88 -28.19
N GLN C 293 -3.78 -13.20 -27.80
CA GLN C 293 -2.79 -13.72 -28.74
C GLN C 293 -3.15 -15.16 -29.06
N GLY C 294 -3.51 -15.91 -28.01
CA GLY C 294 -3.95 -17.30 -28.14
C GLY C 294 -5.10 -17.43 -29.13
N ASP C 295 -6.08 -16.53 -29.03
CA ASP C 295 -7.18 -16.45 -29.98
C ASP C 295 -6.65 -16.33 -31.41
N GLU C 296 -5.85 -15.29 -31.67
CA GLU C 296 -5.31 -15.09 -33.01
C GLU C 296 -4.45 -16.27 -33.51
N GLU C 297 -3.63 -16.86 -32.63
CA GLU C 297 -2.81 -18.02 -32.97
C GLU C 297 -3.65 -19.20 -33.47
N ALA C 298 -4.75 -19.47 -32.75
CA ALA C 298 -5.68 -20.54 -33.09
C ALA C 298 -6.32 -20.30 -34.46
N SER C 299 -6.91 -19.12 -34.62
CA SER C 299 -7.57 -18.73 -35.87
C SER C 299 -6.61 -18.79 -37.07
N LEU C 300 -5.31 -18.65 -36.82
CA LEU C 300 -4.29 -18.77 -37.86
C LEU C 300 -3.69 -20.16 -38.02
N GLY C 301 -4.19 -21.15 -37.27
CA GLY C 301 -3.71 -22.52 -37.39
C GLY C 301 -2.35 -22.81 -36.80
N LEU C 302 -1.81 -21.82 -36.07
CA LEU C 302 -0.59 -21.99 -35.30
C LEU C 302 -0.93 -22.61 -33.94
N PRO C 303 0.00 -23.39 -33.33
CA PRO C 303 -0.23 -23.93 -31.99
C PRO C 303 -0.31 -22.79 -30.97
N ILE C 304 -1.28 -22.85 -30.06
CA ILE C 304 -1.43 -21.84 -29.02
C ILE C 304 -0.21 -21.92 -28.09
N SER C 305 0.42 -20.77 -27.83
CA SER C 305 1.62 -20.67 -27.02
C SER C 305 1.34 -21.05 -25.57
N PRO C 306 2.33 -21.60 -24.82
CA PRO C 306 2.16 -21.89 -23.40
C PRO C 306 1.52 -20.75 -22.59
N PHE C 307 0.58 -21.11 -21.70
CA PHE C 307 -0.16 -20.21 -20.84
C PHE C 307 -1.07 -19.21 -21.55
N MET C 308 -1.32 -19.43 -22.85
CA MET C 308 -2.09 -18.45 -23.64
C MET C 308 -3.45 -19.02 -24.12
N ASP C 309 -3.85 -20.18 -23.60
CA ASP C 309 -5.20 -20.71 -23.93
C ASP C 309 -6.19 -20.32 -22.84
N ARG C 310 -7.29 -19.66 -23.21
CA ARG C 310 -8.34 -19.31 -22.22
C ARG C 310 -9.08 -20.58 -21.80
N SER C 311 -9.11 -21.57 -22.70
CA SER C 311 -9.81 -22.85 -22.43
C SER C 311 -8.89 -23.78 -21.65
N ALA C 312 -7.65 -23.36 -21.38
CA ALA C 312 -6.72 -24.18 -20.58
C ALA C 312 -5.79 -23.26 -19.80
N PRO C 313 -6.27 -22.54 -18.77
CA PRO C 313 -5.43 -21.59 -18.07
C PRO C 313 -4.52 -22.18 -16.98
N GLN C 314 -3.20 -22.16 -17.19
CA GLN C 314 -2.26 -22.60 -16.12
C GLN C 314 -1.79 -21.34 -15.40
N LEU C 315 -2.72 -20.60 -14.83
CA LEU C 315 -2.44 -19.33 -14.16
C LEU C 315 -1.41 -19.44 -13.05
N ALA C 316 -1.62 -20.39 -12.14
CA ALA C 316 -0.75 -20.57 -11.00
C ALA C 316 0.65 -20.99 -11.44
N ASN C 317 0.71 -21.86 -12.44
CA ASN C 317 2.00 -22.31 -12.98
C ASN C 317 2.78 -21.16 -13.63
N LEU C 318 2.09 -20.39 -14.48
CA LEU C 318 2.62 -19.18 -15.11
C LEU C 318 3.27 -18.30 -14.06
N GLN C 319 2.47 -17.93 -13.03
CA GLN C 319 2.93 -17.05 -11.98
C GLN C 319 4.13 -17.60 -11.23
N GLU C 320 4.03 -18.85 -10.79
CA GLU C 320 5.08 -19.49 -10.01
C GLU C 320 6.38 -19.63 -10.80
N SER C 321 6.29 -20.11 -12.04
CA SER C 321 7.48 -20.28 -12.88
C SER C 321 8.10 -18.93 -13.28
N PHE C 322 7.25 -17.94 -13.59
CA PHE C 322 7.75 -16.61 -13.90
C PHE C 322 8.54 -16.02 -12.74
N ILE C 323 8.04 -16.19 -11.51
CA ILE C 323 8.75 -15.70 -10.34
C ILE C 323 10.05 -16.50 -10.12
N SER C 324 9.99 -17.82 -10.27
CA SER C 324 11.14 -18.68 -9.96
C SER C 324 12.26 -18.57 -10.99
N HIS C 325 11.90 -18.50 -12.28
CA HIS C 325 12.89 -18.45 -13.37
C HIS C 325 13.39 -17.03 -13.75
N ILE C 326 12.56 -16.01 -13.54
CA ILE C 326 12.79 -14.67 -14.05
C ILE C 326 12.93 -13.64 -12.94
N VAL C 327 11.83 -13.36 -12.24
CA VAL C 327 11.77 -12.25 -11.28
C VAL C 327 12.65 -12.50 -10.06
N GLY C 328 12.55 -13.71 -9.50
CA GLY C 328 13.27 -14.13 -8.30
C GLY C 328 14.77 -13.95 -8.46
N PRO C 329 15.40 -14.59 -9.48
CA PRO C 329 16.83 -14.42 -9.69
C PRO C 329 17.22 -12.94 -9.90
N LEU C 330 16.37 -12.18 -10.57
CA LEU C 330 16.65 -10.77 -10.82
C LEU C 330 16.65 -9.96 -9.53
N CYS C 331 15.64 -10.16 -8.68
CA CYS C 331 15.61 -9.50 -7.36
C CYS C 331 16.76 -9.93 -6.46
N ASN C 332 17.03 -11.23 -6.43
CA ASN C 332 18.14 -11.79 -5.65
C ASN C 332 19.48 -11.18 -6.09
N SER C 333 19.71 -11.15 -7.41
CA SER C 333 20.90 -10.53 -7.99
C SER C 333 21.02 -9.08 -7.55
N TYR C 334 19.92 -8.34 -7.64
CA TYR C 334 19.90 -6.90 -7.36
C TYR C 334 20.08 -6.63 -5.86
N ASP C 335 19.45 -7.46 -5.03
CA ASP C 335 19.63 -7.43 -3.56
C ASP C 335 21.09 -7.73 -3.17
N SER C 336 21.67 -8.76 -3.80
CA SER C 336 23.06 -9.19 -3.53
C SER C 336 24.08 -8.09 -3.77
N ALA C 337 23.80 -7.22 -4.74
CA ALA C 337 24.62 -6.04 -5.01
C ALA C 337 24.40 -4.96 -3.98
N GLY C 338 23.35 -5.12 -3.16
CA GLY C 338 22.97 -4.18 -2.13
C GLY C 338 22.31 -2.91 -2.63
N LEU C 339 21.55 -3.02 -3.72
CA LEU C 339 20.88 -1.85 -4.32
C LEU C 339 19.38 -1.72 -3.94
N MET C 340 18.82 -2.78 -3.34
CA MET C 340 17.36 -2.78 -3.05
C MET C 340 17.03 -1.82 -1.91
N PRO C 341 16.06 -0.89 -2.07
CA PRO C 341 15.62 -0.02 -0.98
C PRO C 341 15.17 -0.83 0.25
N GLY C 342 15.42 -0.31 1.45
CA GLY C 342 15.11 -1.03 2.68
C GLY C 342 15.44 -0.16 3.89
N LYS C 343 15.08 -0.65 5.08
CA LYS C 343 15.28 0.08 6.32
C LYS C 343 16.08 -0.76 7.30
N TRP C 344 16.95 -0.07 8.05
CA TRP C 344 17.69 -0.74 9.13
C TRP C 344 16.74 -0.90 10.32
N VAL C 345 16.63 -2.11 10.89
CA VAL C 345 15.84 -2.28 12.13
C VAL C 345 16.62 -1.60 13.26
N GLU C 346 16.05 -0.60 13.92
CA GLU C 346 16.79 0.16 14.97
C GLU C 346 16.47 -0.45 16.34
N GLY C 347 15.99 -1.69 16.37
CA GLY C 347 15.68 -2.36 17.64
C GLY C 347 15.05 -3.72 17.44
N SER C 352 25.27 -6.79 18.20
CA SER C 352 24.35 -7.78 17.59
C SER C 352 23.50 -7.09 16.51
N ARG C 353 22.26 -7.56 16.27
CA ARG C 353 21.32 -6.87 15.34
C ARG C 353 21.89 -6.59 13.94
N ARG C 354 21.90 -5.31 13.53
CA ARG C 354 22.31 -4.90 12.15
C ARG C 354 21.36 -5.56 11.14
N LYS C 355 20.06 -5.45 11.37
CA LYS C 355 19.08 -6.15 10.50
C LYS C 355 18.48 -5.17 9.48
N ILE C 356 18.07 -5.68 8.33
CA ILE C 356 17.48 -4.81 7.26
C ILE C 356 16.07 -5.30 6.91
N TYR C 357 15.07 -4.42 7.01
CA TYR C 357 13.73 -4.75 6.52
C TYR C 357 13.59 -4.27 5.07
N CYS C 358 13.27 -5.20 4.17
CA CYS C 358 13.15 -4.91 2.74
C CYS C 358 11.75 -5.28 2.21
N GLN C 359 10.91 -4.26 2.06
CA GLN C 359 9.53 -4.42 1.62
C GLN C 359 9.41 -5.20 0.32
N ILE C 360 10.32 -4.92 -0.63
CA ILE C 360 10.23 -5.46 -2.00
C ILE C 360 10.42 -6.96 -2.03
N THR C 361 11.50 -7.45 -1.42
CA THR C 361 11.76 -8.89 -1.36
C THR C 361 10.73 -9.59 -0.48
N GLN C 362 10.26 -8.92 0.58
CA GLN C 362 9.16 -9.43 1.39
C GLN C 362 7.92 -9.73 0.54
N HIS C 363 7.47 -8.75 -0.26
CA HIS C 363 6.29 -8.95 -1.13
C HIS C 363 6.49 -10.11 -2.10
N LEU C 364 7.69 -10.19 -2.67
CA LEU C 364 7.98 -11.20 -3.68
C LEU C 364 7.89 -12.61 -3.06
N LEU C 365 8.44 -12.76 -1.85
CA LEU C 365 8.36 -14.01 -1.09
C LEU C 365 6.90 -14.41 -0.84
N GLN C 366 6.10 -13.47 -0.32
CA GLN C 366 4.71 -13.76 0.02
C GLN C 366 3.91 -14.14 -1.21
N ASN C 367 4.07 -13.38 -2.31
CA ASN C 367 3.37 -13.69 -3.56
C ASN C 367 3.79 -15.05 -4.11
N HIS C 368 5.07 -15.39 -3.95
CA HIS C 368 5.57 -16.68 -4.40
C HIS C 368 4.94 -17.82 -3.60
N LYS C 369 4.94 -17.67 -2.26
CA LYS C 369 4.29 -18.62 -1.35
C LYS C 369 2.85 -18.83 -1.75
N MET C 370 2.13 -17.73 -1.97
CA MET C 370 0.73 -17.75 -2.31
C MET C 370 0.43 -18.63 -3.53
N TRP C 371 1.22 -18.48 -4.59
CA TRP C 371 1.03 -19.26 -5.82
C TRP C 371 1.42 -20.74 -5.66
N LYS C 372 2.44 -21.01 -4.83
CA LYS C 372 2.83 -22.39 -4.52
C LYS C 372 1.68 -23.13 -3.85
N LYS C 373 1.13 -22.51 -2.79
CA LYS C 373 -0.05 -23.03 -2.09
C LYS C 373 -1.17 -23.37 -3.07
N VAL C 374 -1.47 -22.44 -4.00
CA VAL C 374 -2.50 -22.65 -5.01
C VAL C 374 -2.21 -23.84 -5.92
N ILE C 375 -0.92 -24.05 -6.25
CA ILE C 375 -0.49 -25.18 -7.06
C ILE C 375 -0.72 -26.48 -6.31
N GLU C 376 -0.50 -26.49 -4.99
CA GLU C 376 -0.67 -27.68 -4.19
C GLU C 376 -2.14 -28.10 -3.99
N GLU C 377 -3.03 -27.11 -3.80
CA GLU C 377 -4.45 -27.31 -3.64
C GLU C 377 -5.14 -27.78 -4.94
N GLU C 378 -4.40 -27.73 -6.06
CA GLU C 378 -4.85 -28.26 -7.34
C GLU C 378 -4.14 -29.58 -7.68
N GLN C 379 -3.44 -30.15 -6.70
CA GLN C 379 -2.74 -31.45 -6.92
C GLN C 379 -3.24 -32.43 -5.84
N ARG C 380 -3.26 -31.98 -4.58
CA ARG C 380 -3.78 -32.83 -3.48
C ARG C 380 -4.78 -32.02 -2.66
N LYS D 2 3.11 -4.74 -60.74
CA LYS D 2 4.26 -4.55 -61.69
C LYS D 2 5.56 -5.16 -61.14
N PRO D 3 5.63 -6.49 -60.94
CA PRO D 3 6.91 -7.13 -60.58
C PRO D 3 7.99 -6.90 -61.63
N ILE D 4 9.24 -6.77 -61.17
CA ILE D 4 10.41 -6.78 -62.03
C ILE D 4 10.75 -8.24 -62.29
N LEU D 5 10.73 -8.63 -63.57
CA LEU D 5 10.98 -10.00 -63.99
C LEU D 5 12.30 -10.08 -64.73
N ALA D 6 12.82 -11.30 -64.79
CA ALA D 6 14.11 -11.55 -65.49
C ALA D 6 13.96 -11.26 -66.98
N PRO D 7 14.98 -10.65 -67.63
CA PRO D 7 14.94 -10.43 -69.08
C PRO D 7 14.67 -11.68 -69.93
N GLU D 8 13.93 -11.51 -71.04
CA GLU D 8 13.50 -12.63 -71.93
C GLU D 8 14.46 -13.81 -72.02
N PRO D 9 15.66 -13.77 -72.65
CA PRO D 9 16.53 -14.95 -72.64
C PRO D 9 17.16 -15.04 -71.24
N LEU D 10 16.63 -15.88 -70.36
CA LEU D 10 17.07 -15.92 -68.94
C LEU D 10 18.59 -15.96 -68.83
N VAL D 11 19.24 -16.99 -69.37
CA VAL D 11 20.72 -17.10 -69.35
C VAL D 11 21.29 -16.42 -70.58
N MET D 12 22.23 -15.48 -70.41
CA MET D 12 22.90 -14.85 -71.56
C MET D 12 23.89 -15.88 -72.11
N ASP D 13 24.05 -15.96 -73.43
CA ASP D 13 24.84 -17.07 -74.01
C ASP D 13 26.29 -16.71 -74.39
N ASN D 14 26.49 -15.44 -74.77
CA ASN D 14 27.78 -14.90 -75.16
C ASN D 14 28.90 -14.94 -74.09
N LEU D 15 28.56 -15.13 -72.82
CA LEU D 15 29.58 -14.99 -71.74
C LEU D 15 30.36 -16.26 -71.40
N ASP D 16 30.27 -17.34 -72.18
CA ASP D 16 30.87 -18.64 -71.77
C ASP D 16 32.41 -18.59 -71.62
N SER D 17 33.09 -17.63 -72.25
CA SER D 17 34.58 -17.60 -72.25
C SER D 17 35.14 -16.80 -71.06
N ILE D 18 34.40 -15.76 -70.63
CA ILE D 18 34.77 -15.01 -69.44
C ILE D 18 34.39 -15.81 -68.18
N MET D 19 33.20 -16.43 -68.21
CA MET D 19 32.68 -17.22 -67.09
C MET D 19 33.51 -18.45 -66.75
N GLU D 20 34.26 -18.98 -67.73
CA GLU D 20 35.17 -20.10 -67.49
C GLU D 20 36.33 -19.71 -66.55
N GLN D 21 36.62 -18.41 -66.50
CA GLN D 21 37.65 -17.86 -65.62
C GLN D 21 37.18 -17.56 -64.18
N LEU D 22 35.95 -17.97 -63.82
CA LEU D 22 35.43 -17.73 -62.46
C LEU D 22 36.26 -18.43 -61.40
N ASN D 23 36.86 -19.58 -61.74
CA ASN D 23 37.62 -20.36 -60.77
C ASN D 23 39.08 -19.87 -60.60
N THR D 24 39.33 -18.60 -60.94
CA THR D 24 40.56 -17.90 -60.57
C THR D 24 40.23 -16.84 -59.50
N TRP D 25 41.22 -16.52 -58.66
CA TRP D 25 41.07 -15.54 -57.60
C TRP D 25 40.87 -14.16 -58.19
N ASN D 26 41.73 -13.79 -59.14
CA ASN D 26 41.67 -12.49 -59.79
C ASN D 26 40.74 -12.51 -61.02
N PHE D 27 39.52 -12.98 -60.83
CA PHE D 27 38.48 -12.98 -61.86
C PHE D 27 38.38 -11.59 -62.48
N PRO D 28 38.47 -11.45 -63.83
CA PRO D 28 38.43 -10.14 -64.47
C PRO D 28 37.00 -9.60 -64.53
N ILE D 29 36.52 -9.10 -63.38
CA ILE D 29 35.11 -8.77 -63.19
C ILE D 29 34.71 -7.54 -63.97
N PHE D 30 35.65 -6.61 -64.13
CA PHE D 30 35.42 -5.39 -64.88
C PHE D 30 35.36 -5.64 -66.41
N ASP D 31 36.06 -6.67 -66.88
CA ASP D 31 35.92 -7.13 -68.25
C ASP D 31 34.52 -7.72 -68.46
N LEU D 32 34.00 -8.41 -67.45
CA LEU D 32 32.63 -8.94 -67.52
C LEU D 32 31.61 -7.80 -67.58
N VAL D 33 31.85 -6.74 -66.82
CA VAL D 33 30.98 -5.58 -66.82
C VAL D 33 30.85 -5.03 -68.26
N GLU D 34 32.00 -4.88 -68.93
CA GLU D 34 32.06 -4.35 -70.30
C GLU D 34 31.41 -5.30 -71.31
N ASN D 35 31.71 -6.60 -71.19
CA ASN D 35 31.05 -7.64 -71.95
C ASN D 35 29.51 -7.52 -71.93
N ILE D 36 28.94 -7.50 -70.73
CA ILE D 36 27.48 -7.47 -70.50
C ILE D 36 26.86 -6.11 -70.84
N GLY D 37 27.59 -5.03 -70.56
CA GLY D 37 27.09 -3.67 -70.74
C GLY D 37 27.01 -2.97 -69.40
N ARG D 38 27.65 -1.79 -69.32
CA ARG D 38 27.88 -1.05 -68.07
C ARG D 38 26.62 -0.88 -67.19
N LYS D 39 25.52 -0.39 -67.77
CA LYS D 39 24.28 -0.12 -67.05
C LYS D 39 23.13 -1.04 -67.51
N CYS D 40 23.49 -2.25 -67.93
CA CYS D 40 22.56 -3.26 -68.37
C CYS D 40 21.80 -3.84 -67.17
N GLY D 41 22.50 -3.91 -66.04
CA GLY D 41 21.96 -4.36 -64.76
C GLY D 41 21.61 -5.83 -64.72
N ARG D 42 22.54 -6.70 -65.16
CA ARG D 42 22.29 -8.16 -65.21
C ARG D 42 23.49 -8.96 -64.70
N ILE D 43 24.59 -8.31 -64.33
CA ILE D 43 25.82 -8.98 -63.90
C ILE D 43 25.62 -9.92 -62.71
N LEU D 44 24.89 -9.46 -61.68
CA LEU D 44 24.71 -10.24 -60.46
C LEU D 44 23.87 -11.51 -60.70
N SER D 45 22.76 -11.36 -61.43
CA SER D 45 21.87 -12.51 -61.74
C SER D 45 22.56 -13.56 -62.63
N GLN D 46 23.35 -13.09 -63.61
CA GLN D 46 24.10 -13.96 -64.51
C GLN D 46 25.18 -14.76 -63.79
N VAL D 47 25.97 -14.10 -62.94
CA VAL D 47 26.99 -14.80 -62.14
C VAL D 47 26.34 -15.75 -61.12
N SER D 48 25.25 -15.31 -60.51
CA SER D 48 24.54 -16.13 -59.53
C SER D 48 24.04 -17.43 -60.17
N TYR D 49 23.45 -17.32 -61.37
CA TYR D 49 23.05 -18.47 -62.15
C TYR D 49 24.19 -19.46 -62.31
N ARG D 50 25.34 -18.97 -62.80
CA ARG D 50 26.52 -19.82 -63.05
C ARG D 50 26.99 -20.57 -61.82
N LEU D 51 27.11 -19.84 -60.71
CA LEU D 51 27.67 -20.40 -59.47
C LEU D 51 26.72 -21.41 -58.86
N PHE D 52 25.41 -21.12 -58.90
CA PHE D 52 24.39 -22.06 -58.40
C PHE D 52 24.33 -23.32 -59.26
N GLU D 53 24.46 -23.13 -60.59
CA GLU D 53 24.56 -24.21 -61.55
C GLU D 53 25.81 -25.03 -61.29
N ASP D 54 26.96 -24.35 -61.13
CA ASP D 54 28.24 -25.00 -60.85
C ASP D 54 28.24 -25.87 -59.59
N MET D 55 27.41 -25.52 -58.61
CA MET D 55 27.35 -26.24 -57.34
C MET D 55 26.24 -27.25 -57.27
N GLY D 56 25.40 -27.29 -58.31
CA GLY D 56 24.24 -28.16 -58.34
C GLY D 56 23.16 -27.81 -57.31
N LEU D 57 23.10 -26.53 -56.93
CA LEU D 57 22.17 -26.07 -55.92
C LEU D 57 20.72 -26.08 -56.43
N PHE D 58 20.55 -25.79 -57.73
CA PHE D 58 19.23 -25.86 -58.38
C PHE D 58 18.58 -27.23 -58.16
N GLU D 59 19.35 -28.29 -58.41
CA GLU D 59 18.88 -29.66 -58.25
C GLU D 59 18.71 -30.01 -56.78
N ALA D 60 19.70 -29.64 -55.95
CA ALA D 60 19.72 -29.94 -54.52
C ALA D 60 18.51 -29.41 -53.75
N PHE D 61 17.91 -28.31 -54.20
CA PHE D 61 16.76 -27.71 -53.53
C PHE D 61 15.55 -27.44 -54.46
N LYS D 62 15.48 -28.16 -55.58
CA LYS D 62 14.39 -28.04 -56.54
C LYS D 62 14.03 -26.58 -56.77
N ILE D 63 15.05 -25.75 -56.98
CA ILE D 63 14.86 -24.33 -57.18
C ILE D 63 14.35 -24.11 -58.60
N PRO D 64 13.17 -23.49 -58.78
CA PRO D 64 12.74 -23.06 -60.11
C PRO D 64 13.59 -21.89 -60.59
N ILE D 65 14.22 -22.06 -61.76
CA ILE D 65 15.13 -21.09 -62.34
C ILE D 65 14.49 -19.75 -62.65
N ARG D 66 13.22 -19.75 -63.05
CA ARG D 66 12.59 -18.47 -63.43
C ARG D 66 12.44 -17.60 -62.18
N GLU D 67 11.93 -18.16 -61.09
CA GLU D 67 11.74 -17.42 -59.85
C GLU D 67 13.09 -16.94 -59.27
N PHE D 68 14.10 -17.82 -59.32
CA PHE D 68 15.48 -17.49 -58.98
C PHE D 68 15.91 -16.24 -59.74
N MET D 69 15.83 -16.30 -61.08
CA MET D 69 16.30 -15.19 -61.91
C MET D 69 15.44 -13.94 -61.76
N ASN D 70 14.15 -14.11 -61.45
CA ASN D 70 13.27 -12.97 -61.15
C ASN D 70 13.79 -12.19 -59.92
N TYR D 71 14.00 -12.94 -58.82
CA TYR D 71 14.44 -12.33 -57.58
C TYR D 71 15.81 -11.66 -57.74
N PHE D 72 16.79 -12.39 -58.28
CA PHE D 72 18.13 -11.86 -58.43
C PHE D 72 18.21 -10.65 -59.37
N HIS D 73 17.29 -10.56 -60.34
CA HIS D 73 17.23 -9.37 -61.19
C HIS D 73 16.61 -8.20 -60.45
N ALA D 74 15.50 -8.44 -59.73
CA ALA D 74 14.91 -7.42 -58.86
C ALA D 74 15.95 -6.89 -57.85
N LEU D 75 16.69 -7.83 -57.24
CA LEU D 75 17.74 -7.53 -56.27
C LEU D 75 18.81 -6.63 -56.88
N GLU D 76 19.37 -7.05 -58.02
CA GLU D 76 20.44 -6.28 -58.64
C GLU D 76 19.98 -4.92 -59.12
N ILE D 77 18.72 -4.83 -59.59
CA ILE D 77 18.13 -3.54 -59.99
C ILE D 77 18.09 -2.58 -58.80
N GLY D 78 17.88 -3.10 -57.59
CA GLY D 78 17.84 -2.30 -56.38
C GLY D 78 19.17 -1.87 -55.79
N TYR D 79 20.29 -2.37 -56.34
CA TYR D 79 21.61 -1.80 -56.07
C TYR D 79 21.69 -0.51 -56.86
N ARG D 80 22.20 0.55 -56.23
CA ARG D 80 22.31 1.85 -56.85
C ARG D 80 23.54 1.99 -57.71
N ASP D 81 23.53 2.97 -58.60
CA ASP D 81 24.66 3.31 -59.44
C ASP D 81 25.51 4.31 -58.71
N ILE D 82 26.29 3.81 -57.75
CA ILE D 82 27.24 4.61 -56.99
C ILE D 82 28.60 3.96 -57.23
N PRO D 83 29.73 4.64 -56.92
CA PRO D 83 31.06 4.14 -57.31
C PRO D 83 31.51 2.76 -56.79
N TYR D 84 31.13 2.39 -55.56
CA TYR D 84 31.65 1.18 -54.91
C TYR D 84 30.56 0.18 -54.51
N HIS D 85 29.60 0.60 -53.67
CA HIS D 85 28.56 -0.30 -53.14
C HIS D 85 27.45 -0.52 -54.13
N ASN D 86 27.82 -1.08 -55.28
CA ASN D 86 26.92 -1.32 -56.39
C ASN D 86 26.81 -2.82 -56.65
N ARG D 87 26.07 -3.19 -57.69
CA ARG D 87 25.84 -4.59 -58.01
C ARG D 87 27.10 -5.32 -58.44
N ILE D 88 28.15 -4.57 -58.83
CA ILE D 88 29.42 -5.15 -59.22
C ILE D 88 30.19 -5.60 -57.96
N HIS D 89 30.19 -4.76 -56.93
CA HIS D 89 30.71 -5.16 -55.62
C HIS D 89 29.99 -6.40 -55.11
N ALA D 90 28.65 -6.41 -55.20
CA ALA D 90 27.89 -7.56 -54.70
C ALA D 90 28.32 -8.83 -55.44
N THR D 91 28.49 -8.72 -56.76
CA THR D 91 28.92 -9.84 -57.59
C THR D 91 30.31 -10.31 -57.18
N ASP D 92 31.21 -9.35 -56.94
CA ASP D 92 32.58 -9.61 -56.50
C ASP D 92 32.61 -10.40 -55.18
N VAL D 93 31.78 -9.97 -54.22
CA VAL D 93 31.71 -10.60 -52.91
C VAL D 93 31.15 -12.03 -53.03
N LEU D 94 30.15 -12.22 -53.90
CA LEU D 94 29.59 -13.56 -54.14
C LEU D 94 30.66 -14.48 -54.75
N HIS D 95 31.39 -13.96 -55.74
CA HIS D 95 32.47 -14.73 -56.36
C HIS D 95 33.50 -15.14 -55.33
N ALA D 96 33.86 -14.22 -54.42
CA ALA D 96 34.87 -14.49 -53.39
C ALA D 96 34.47 -15.59 -52.40
N VAL D 97 33.25 -15.52 -51.87
CA VAL D 97 32.77 -16.56 -50.90
C VAL D 97 32.71 -17.91 -51.62
N TRP D 98 32.32 -17.92 -52.90
CA TRP D 98 32.26 -19.15 -53.69
C TRP D 98 33.68 -19.72 -53.87
N TYR D 99 34.62 -18.85 -54.28
CA TYR D 99 36.02 -19.23 -54.42
C TYR D 99 36.57 -19.79 -53.13
N LEU D 100 36.30 -19.14 -52.01
CA LEU D 100 36.89 -19.57 -50.71
C LEU D 100 36.25 -20.88 -50.24
N THR D 101 35.01 -21.16 -50.64
CA THR D 101 34.31 -22.36 -50.13
C THR D 101 34.40 -23.52 -51.11
N THR D 102 34.97 -23.32 -52.29
CA THR D 102 34.98 -24.38 -53.31
C THR D 102 36.37 -24.82 -53.77
N GLN D 103 37.37 -23.94 -53.57
CA GLN D 103 38.73 -24.17 -54.04
C GLN D 103 39.59 -24.95 -53.06
N PRO D 104 40.62 -25.66 -53.56
CA PRO D 104 41.41 -26.57 -52.72
C PRO D 104 42.13 -25.85 -51.60
N ILE D 105 42.00 -26.40 -50.40
CA ILE D 105 42.68 -25.93 -49.22
C ILE D 105 43.67 -27.01 -48.76
N PRO D 106 44.99 -26.70 -48.73
CA PRO D 106 45.98 -27.72 -48.38
C PRO D 106 45.78 -28.24 -46.99
N GLY D 107 45.65 -29.56 -46.85
CA GLY D 107 45.65 -30.25 -45.57
C GLY D 107 44.37 -30.11 -44.76
N LEU D 108 43.26 -29.73 -45.43
CA LEU D 108 41.97 -29.62 -44.79
C LEU D 108 41.31 -31.00 -44.76
N SER D 109 40.89 -31.42 -43.57
CA SER D 109 40.15 -32.68 -43.39
C SER D 109 38.70 -32.51 -43.84
N THR D 110 38.14 -33.49 -44.55
CA THR D 110 36.72 -33.55 -44.89
C THR D 110 35.95 -34.27 -43.75
N VAL D 111 34.73 -33.80 -43.49
CA VAL D 111 33.93 -34.31 -42.39
C VAL D 111 33.44 -35.70 -42.77
N ILE D 112 33.42 -36.59 -41.79
CA ILE D 112 32.89 -37.93 -41.97
C ILE D 112 31.40 -37.72 -42.30
N GLY D 113 30.94 -38.32 -43.41
CA GLY D 113 29.59 -38.12 -43.91
C GLY D 113 29.40 -36.91 -44.81
N GLY D 114 30.51 -36.27 -45.20
CA GLY D 114 30.51 -34.98 -45.87
C GLY D 114 30.75 -35.05 -47.37
N SER D 115 30.31 -36.14 -48.01
CA SER D 115 30.13 -36.23 -49.45
C SER D 115 28.78 -36.91 -49.72
N GLY D 116 27.94 -36.93 -48.67
CA GLY D 116 26.59 -37.45 -48.73
C GLY D 116 25.62 -36.47 -49.37
N GLY D 117 24.32 -36.79 -49.32
CA GLY D 117 23.31 -35.96 -50.02
C GLY D 117 23.25 -34.52 -49.55
N SER D 118 23.73 -34.22 -48.34
CA SER D 118 23.58 -32.85 -47.79
C SER D 118 24.81 -31.99 -48.15
N TYR D 119 25.73 -32.51 -48.96
CA TYR D 119 26.98 -31.75 -49.24
C TYR D 119 27.17 -31.57 -50.75
N VAL D 120 27.41 -30.33 -51.19
CA VAL D 120 27.57 -30.04 -52.63
C VAL D 120 29.04 -29.73 -52.95
N PHE D 121 29.49 -29.99 -54.18
CA PHE D 121 30.84 -29.72 -54.65
C PHE D 121 30.82 -29.01 -55.98
N SER D 122 31.81 -28.16 -56.22
CA SER D 122 31.94 -27.45 -57.48
C SER D 122 32.30 -28.42 -58.57
N LYS D 123 31.77 -28.20 -59.77
CA LYS D 123 32.22 -28.90 -60.98
C LYS D 123 33.73 -28.68 -61.24
N THR D 124 34.24 -27.52 -60.82
CA THR D 124 35.65 -27.18 -60.93
C THR D 124 36.56 -27.94 -59.95
N TYR D 125 35.98 -28.73 -59.04
CA TYR D 125 36.71 -29.44 -57.98
C TYR D 125 36.90 -30.93 -58.31
N ASN D 126 37.80 -31.17 -59.27
CA ASN D 126 38.13 -32.50 -59.79
C ASN D 126 39.36 -33.13 -59.11
N VAL D 127 40.06 -32.33 -58.29
CA VAL D 127 41.28 -32.78 -57.59
C VAL D 127 40.93 -33.72 -56.41
N THR D 128 41.46 -34.95 -56.48
CA THR D 128 41.28 -35.97 -55.44
C THR D 128 42.63 -36.72 -55.20
N ASP D 129 43.33 -36.25 -54.16
CA ASP D 129 44.55 -36.90 -53.64
C ASP D 129 44.62 -36.96 -52.10
N ASP D 130 43.57 -36.44 -51.45
CA ASP D 130 43.46 -36.38 -50.01
C ASP D 130 44.40 -35.40 -49.31
N LYS D 131 45.36 -34.81 -50.05
CA LYS D 131 46.17 -33.70 -49.51
C LYS D 131 45.50 -32.32 -49.62
N TYR D 132 44.32 -32.25 -50.24
CA TYR D 132 43.49 -31.05 -50.27
C TYR D 132 42.07 -31.39 -49.86
N GLY D 133 41.40 -30.42 -49.21
CA GLY D 133 39.96 -30.43 -49.03
C GLY D 133 39.40 -29.11 -49.51
N CYS D 134 38.08 -28.94 -49.35
CA CYS D 134 37.41 -27.66 -49.56
C CYS D 134 36.25 -27.51 -48.58
N LEU D 135 35.91 -26.27 -48.23
CA LEU D 135 34.87 -26.03 -47.18
C LEU D 135 33.52 -26.62 -47.59
N SER D 136 33.23 -26.70 -48.89
CA SER D 136 31.95 -27.26 -49.34
C SER D 136 31.76 -28.74 -48.99
N GLY D 137 32.88 -29.39 -48.60
CA GLY D 137 32.88 -30.74 -48.06
C GLY D 137 32.59 -30.83 -46.59
N ASN D 138 32.74 -29.70 -45.89
CA ASN D 138 32.58 -29.57 -44.44
C ASN D 138 31.34 -28.76 -44.01
N ILE D 139 30.73 -28.07 -44.97
CA ILE D 139 29.60 -27.17 -44.72
C ILE D 139 28.40 -27.61 -45.56
N PRO D 140 27.28 -28.02 -44.93
CA PRO D 140 26.11 -28.51 -45.66
C PRO D 140 25.58 -27.50 -46.67
N ALA D 141 25.01 -28.02 -47.76
CA ALA D 141 24.49 -27.21 -48.85
C ALA D 141 23.57 -26.06 -48.41
N LEU D 142 22.68 -26.31 -47.43
CA LEU D 142 21.76 -25.27 -46.95
C LEU D 142 22.51 -24.03 -46.42
N GLU D 143 23.55 -24.28 -45.62
CA GLU D 143 24.39 -23.24 -45.04
C GLU D 143 25.24 -22.53 -46.09
N LEU D 144 25.73 -23.28 -47.08
CA LEU D 144 26.55 -22.67 -48.15
C LEU D 144 25.64 -21.77 -48.99
N MET D 145 24.45 -22.26 -49.32
CA MET D 145 23.50 -21.48 -50.09
C MET D 145 23.11 -20.20 -49.35
N ALA D 146 22.94 -20.30 -48.03
CA ALA D 146 22.65 -19.13 -47.20
C ALA D 146 23.75 -18.07 -47.33
N LEU D 147 25.01 -18.51 -47.24
CA LEU D 147 26.17 -17.58 -47.40
C LEU D 147 26.16 -16.93 -48.78
N TYR D 148 25.88 -17.70 -49.82
CA TYR D 148 25.92 -17.17 -51.19
C TYR D 148 24.82 -16.13 -51.44
N VAL D 149 23.60 -16.44 -50.97
CA VAL D 149 22.48 -15.51 -51.06
C VAL D 149 22.76 -14.25 -50.22
N ALA D 150 23.33 -14.42 -49.03
CA ALA D 150 23.75 -13.29 -48.20
C ALA D 150 24.70 -12.36 -48.96
N ALA D 151 25.72 -12.93 -49.62
CA ALA D 151 26.68 -12.13 -50.37
C ALA D 151 25.97 -11.32 -51.46
N ALA D 152 25.03 -11.94 -52.16
CA ALA D 152 24.26 -11.24 -53.18
C ALA D 152 23.44 -10.09 -52.61
N MET D 153 22.82 -10.33 -51.44
CA MET D 153 21.96 -9.35 -50.76
C MET D 153 22.68 -8.28 -49.97
N HIS D 154 23.94 -8.54 -49.58
CA HIS D 154 24.55 -7.91 -48.40
C HIS D 154 24.69 -6.39 -48.40
N ASP D 155 24.59 -5.74 -49.58
CA ASP D 155 24.75 -4.26 -49.69
C ASP D 155 23.57 -3.66 -50.45
N TYR D 156 22.44 -4.36 -50.53
CA TYR D 156 21.25 -3.94 -51.24
C TYR D 156 20.74 -2.57 -50.80
N ASP D 157 20.53 -1.69 -51.80
CA ASP D 157 20.05 -0.33 -51.63
C ASP D 157 20.99 0.53 -50.77
N HIS D 158 22.30 0.31 -50.92
CA HIS D 158 23.30 1.11 -50.23
C HIS D 158 23.26 2.54 -50.76
N PRO D 159 23.23 3.58 -49.89
CA PRO D 159 23.20 4.97 -50.33
C PRO D 159 24.55 5.65 -50.52
N GLY D 160 25.65 4.89 -50.47
CA GLY D 160 26.98 5.45 -50.64
C GLY D 160 27.46 6.34 -49.51
N ARG D 161 26.91 6.13 -48.30
CA ARG D 161 27.36 6.80 -47.08
C ARG D 161 27.64 5.73 -46.03
N THR D 162 28.56 6.02 -45.10
CA THR D 162 28.85 5.13 -43.98
C THR D 162 27.76 5.18 -42.90
N ASN D 163 27.82 4.22 -41.98
CA ASN D 163 26.86 4.18 -40.84
C ASN D 163 27.11 5.42 -39.98
N ALA D 164 28.36 5.76 -39.71
CA ALA D 164 28.68 6.92 -38.89
C ALA D 164 28.07 8.22 -39.42
N PHE D 165 28.05 8.39 -40.75
CA PHE D 165 27.42 9.54 -41.38
C PHE D 165 25.92 9.57 -41.16
N LEU D 166 25.26 8.42 -41.34
CA LEU D 166 23.82 8.32 -41.15
C LEU D 166 23.45 8.61 -39.70
N VAL D 167 24.28 8.14 -38.78
CA VAL D 167 24.10 8.37 -37.36
C VAL D 167 24.29 9.85 -37.03
N ALA D 168 25.42 10.43 -37.46
CA ALA D 168 25.74 11.85 -37.20
C ALA D 168 24.67 12.81 -37.69
N THR D 169 24.02 12.50 -38.82
CA THR D 169 23.00 13.36 -39.41
C THR D 169 21.55 12.96 -39.11
N SER D 170 21.35 12.08 -38.11
CA SER D 170 20.01 11.56 -37.75
C SER D 170 19.19 11.22 -38.96
N ALA D 171 19.79 10.46 -39.89
CA ALA D 171 19.08 10.03 -41.10
C ALA D 171 17.95 9.11 -40.68
N PRO D 172 16.82 9.07 -41.44
CA PRO D 172 15.68 8.24 -41.05
C PRO D 172 16.01 6.78 -40.81
N GLN D 173 16.98 6.24 -41.55
CA GLN D 173 17.43 4.85 -41.39
C GLN D 173 18.11 4.61 -40.04
N ALA D 174 18.94 5.57 -39.61
CA ALA D 174 19.67 5.50 -38.35
C ALA D 174 18.71 5.61 -37.16
N VAL D 175 17.65 6.40 -37.31
CA VAL D 175 16.62 6.54 -36.29
C VAL D 175 15.79 5.26 -36.23
N LEU D 176 15.52 4.70 -37.41
CA LEU D 176 14.74 3.48 -37.53
C LEU D 176 15.40 2.29 -36.87
N TYR D 177 16.72 2.18 -37.03
CA TYR D 177 17.52 1.09 -36.45
C TYR D 177 18.29 1.50 -35.17
N ASN D 178 17.88 2.59 -34.53
CA ASN D 178 18.47 3.03 -33.28
C ASN D 178 20.00 3.09 -33.28
N ASP D 179 20.56 3.57 -34.40
CA ASP D 179 22.03 3.77 -34.57
C ASP D 179 22.80 2.45 -34.52
N ARG D 180 22.12 1.32 -34.67
CA ARG D 180 22.80 0.00 -34.54
C ARG D 180 22.87 -0.73 -35.89
N SER D 181 24.09 -1.00 -36.38
CA SER D 181 24.29 -1.67 -37.69
C SER D 181 23.22 -1.21 -38.67
N VAL D 182 23.10 0.10 -38.87
CA VAL D 182 21.98 0.68 -39.66
C VAL D 182 21.89 0.09 -41.07
N LEU D 183 22.95 0.20 -41.85
CA LEU D 183 22.90 -0.25 -43.26
C LEU D 183 22.72 -1.76 -43.36
N GLU D 184 23.47 -2.51 -42.57
CA GLU D 184 23.41 -3.99 -42.66
C GLU D 184 22.01 -4.47 -42.30
N ASN D 185 21.41 -3.85 -41.29
CA ASN D 185 20.00 -4.19 -40.95
C ASN D 185 19.13 -3.84 -42.15
N HIS D 186 19.35 -2.68 -42.76
CA HIS D 186 18.58 -2.27 -43.91
C HIS D 186 18.73 -3.21 -45.10
N HIS D 187 19.99 -3.58 -45.43
CA HIS D 187 20.25 -4.46 -46.56
C HIS D 187 19.48 -5.76 -46.41
N ALA D 188 19.62 -6.39 -45.24
CA ALA D 188 18.93 -7.65 -44.94
C ALA D 188 17.42 -7.51 -44.99
N ALA D 189 16.90 -6.43 -44.39
CA ALA D 189 15.46 -6.26 -44.23
C ALA D 189 14.79 -5.89 -45.55
N ALA D 190 15.39 -4.95 -46.28
CA ALA D 190 14.92 -4.56 -47.59
C ALA D 190 14.98 -5.74 -48.59
N ALA D 191 16.06 -6.52 -48.55
CA ALA D 191 16.19 -7.65 -49.48
C ALA D 191 15.20 -8.77 -49.17
N TRP D 192 14.94 -9.01 -47.88
CA TRP D 192 13.91 -9.99 -47.51
C TRP D 192 12.51 -9.50 -47.83
N ASN D 193 12.27 -8.21 -47.63
CA ASN D 193 10.98 -7.64 -47.96
C ASN D 193 10.71 -7.77 -49.45
N LEU D 194 11.73 -7.49 -50.26
CA LEU D 194 11.66 -7.70 -51.71
C LEU D 194 11.26 -9.12 -52.03
N PHE D 195 11.97 -10.09 -51.43
CA PHE D 195 11.71 -11.51 -51.66
C PHE D 195 10.25 -11.90 -51.37
N MET D 196 9.74 -11.40 -50.24
CA MET D 196 8.42 -11.77 -49.76
C MET D 196 7.30 -11.04 -50.49
N SER D 197 7.62 -9.94 -51.15
CA SER D 197 6.63 -9.12 -51.83
C SER D 197 5.88 -9.80 -53.00
N ARG D 198 6.47 -10.83 -53.62
CA ARG D 198 5.91 -11.46 -54.83
C ARG D 198 6.15 -12.96 -54.88
N PRO D 199 5.13 -13.78 -55.22
CA PRO D 199 5.34 -15.22 -55.44
C PRO D 199 6.21 -15.56 -56.67
N GLU D 200 6.36 -14.60 -57.60
CA GLU D 200 7.28 -14.71 -58.73
C GLU D 200 8.75 -14.72 -58.32
N TYR D 201 9.03 -14.35 -57.06
CA TYR D 201 10.38 -14.35 -56.49
C TYR D 201 10.68 -15.56 -55.62
N ASN D 202 9.68 -16.42 -55.35
CA ASN D 202 9.84 -17.46 -54.36
C ASN D 202 10.62 -18.69 -54.87
N PHE D 203 11.93 -18.51 -55.05
CA PHE D 203 12.82 -19.58 -55.49
C PHE D 203 13.12 -20.62 -54.41
N LEU D 204 12.66 -20.34 -53.18
CA LEU D 204 12.86 -21.24 -52.05
C LEU D 204 11.60 -22.04 -51.72
N ILE D 205 10.65 -22.05 -52.66
CA ILE D 205 9.35 -22.72 -52.49
C ILE D 205 9.43 -24.15 -51.96
N ASN D 206 10.50 -24.87 -52.29
CA ASN D 206 10.67 -26.27 -51.88
C ASN D 206 11.53 -26.56 -50.64
N LEU D 207 11.89 -25.53 -49.88
CA LEU D 207 12.38 -25.72 -48.51
C LEU D 207 11.13 -25.99 -47.68
N ASP D 208 11.24 -26.85 -46.66
CA ASP D 208 10.17 -26.97 -45.69
C ASP D 208 10.22 -25.75 -44.75
N HIS D 209 9.26 -25.66 -43.82
CA HIS D 209 9.15 -24.50 -42.94
C HIS D 209 10.37 -24.38 -42.03
N VAL D 210 10.83 -25.51 -41.49
CA VAL D 210 12.01 -25.56 -40.63
C VAL D 210 13.27 -25.07 -41.37
N GLU D 211 13.52 -25.61 -42.56
CA GLU D 211 14.63 -25.22 -43.42
C GLU D 211 14.59 -23.74 -43.76
N PHE D 212 13.41 -23.23 -44.12
CA PHE D 212 13.29 -21.84 -44.53
C PHE D 212 13.65 -20.91 -43.37
N LYS D 213 13.12 -21.21 -42.18
CA LYS D 213 13.39 -20.41 -40.98
C LYS D 213 14.89 -20.39 -40.67
N HIS D 214 15.52 -21.56 -40.74
CA HIS D 214 16.94 -21.67 -40.45
C HIS D 214 17.75 -20.92 -41.51
N PHE D 215 17.34 -21.05 -42.78
CA PHE D 215 17.97 -20.37 -43.91
C PHE D 215 17.99 -18.86 -43.71
N ARG D 216 16.83 -18.31 -43.35
CA ARG D 216 16.64 -16.87 -43.17
C ARG D 216 17.54 -16.34 -42.05
N PHE D 217 17.59 -17.08 -40.94
CA PHE D 217 18.45 -16.77 -39.81
C PHE D 217 19.92 -16.72 -40.25
N LEU D 218 20.37 -17.75 -40.96
CA LEU D 218 21.76 -17.81 -41.47
C LEU D 218 22.09 -16.63 -42.37
N VAL D 219 21.18 -16.28 -43.29
CA VAL D 219 21.38 -15.18 -44.21
C VAL D 219 21.56 -13.87 -43.45
N ILE D 220 20.67 -13.65 -42.48
CA ILE D 220 20.70 -12.44 -41.65
C ILE D 220 22.01 -12.32 -40.86
N GLU D 221 22.42 -13.42 -40.22
CA GLU D 221 23.66 -13.48 -39.44
C GLU D 221 24.89 -13.16 -40.31
N ALA D 222 24.90 -13.69 -41.53
CA ALA D 222 25.98 -13.40 -42.46
C ALA D 222 26.03 -11.93 -42.86
N ILE D 223 24.89 -11.35 -43.23
CA ILE D 223 24.82 -9.94 -43.65
C ILE D 223 25.23 -9.01 -42.50
N LEU D 224 24.70 -9.26 -41.31
CA LEU D 224 24.97 -8.39 -40.14
C LEU D 224 26.45 -8.51 -39.74
N ALA D 225 27.08 -9.65 -39.99
CA ALA D 225 28.51 -9.80 -39.74
C ALA D 225 29.42 -8.87 -40.57
N THR D 226 28.88 -8.24 -41.62
CA THR D 226 29.67 -7.32 -42.44
C THR D 226 29.85 -5.92 -41.87
N ASP D 227 29.23 -5.63 -40.73
CA ASP D 227 29.41 -4.32 -40.06
C ASP D 227 30.83 -4.23 -39.52
N LEU D 228 31.60 -3.28 -40.05
CA LEU D 228 33.01 -3.13 -39.64
C LEU D 228 33.17 -2.73 -38.17
N LYS D 229 32.14 -2.09 -37.59
CA LYS D 229 32.13 -1.78 -36.18
C LYS D 229 32.31 -3.00 -35.30
N LYS D 230 31.87 -4.17 -35.78
CA LYS D 230 32.01 -5.44 -35.01
C LYS D 230 33.21 -6.27 -35.51
N HIS D 231 34.08 -5.70 -36.34
CA HIS D 231 35.19 -6.43 -36.94
C HIS D 231 36.09 -7.13 -35.94
N PHE D 232 36.53 -6.37 -34.92
CA PHE D 232 37.49 -6.90 -33.93
C PHE D 232 36.87 -7.97 -33.02
N ASP D 233 35.58 -7.82 -32.71
CA ASP D 233 34.83 -8.83 -31.94
C ASP D 233 34.81 -10.16 -32.67
N PHE D 234 34.52 -10.14 -33.97
CA PHE D 234 34.48 -11.38 -34.77
C PHE D 234 35.87 -12.03 -34.82
N VAL D 235 36.91 -11.22 -35.03
CA VAL D 235 38.25 -11.75 -35.18
C VAL D 235 38.73 -12.38 -33.85
N ALA D 236 38.47 -11.68 -32.73
CA ALA D 236 38.74 -12.21 -31.40
C ALA D 236 38.03 -13.54 -31.17
N LYS D 237 36.73 -13.57 -31.46
CA LYS D 237 35.92 -14.76 -31.24
C LYS D 237 36.44 -15.94 -32.05
N PHE D 238 36.84 -15.66 -33.31
CA PHE D 238 37.32 -16.72 -34.19
C PHE D 238 38.71 -17.20 -33.76
N ASN D 239 39.59 -16.27 -33.41
CA ASN D 239 40.88 -16.58 -32.79
C ASN D 239 40.70 -17.42 -31.55
N GLY D 240 39.61 -17.16 -30.81
CA GLY D 240 39.33 -17.91 -29.58
C GLY D 240 39.12 -19.38 -29.84
N LYS D 241 38.33 -19.73 -30.85
CA LYS D 241 38.00 -21.15 -31.12
C LYS D 241 39.20 -21.85 -31.75
N VAL D 242 40.11 -21.11 -32.37
CA VAL D 242 41.28 -21.71 -33.07
C VAL D 242 42.40 -21.89 -32.05
N ASN D 243 42.64 -20.88 -31.21
CA ASN D 243 43.68 -20.98 -30.15
C ASN D 243 43.13 -21.81 -29.00
N ASP D 244 41.96 -22.45 -29.20
CA ASP D 244 41.39 -23.33 -28.16
C ASP D 244 41.99 -24.73 -28.34
N ASP D 245 42.90 -24.89 -29.29
CA ASP D 245 43.60 -26.18 -29.55
C ASP D 245 42.65 -27.19 -30.21
N VAL D 246 41.47 -27.41 -29.63
CA VAL D 246 40.46 -28.31 -30.25
C VAL D 246 40.15 -27.77 -31.66
N GLY D 247 40.26 -26.45 -31.87
CA GLY D 247 40.03 -25.89 -33.21
C GLY D 247 38.62 -25.95 -33.69
N ILE D 248 38.45 -25.77 -35.00
CA ILE D 248 37.12 -25.76 -35.61
C ILE D 248 36.53 -27.16 -35.57
N ASP D 249 35.33 -27.29 -35.00
CA ASP D 249 34.57 -28.53 -35.01
C ASP D 249 33.47 -28.51 -36.09
N TRP D 250 33.75 -29.15 -37.23
CA TRP D 250 32.87 -29.13 -38.38
C TRP D 250 31.50 -29.78 -38.17
N THR D 251 31.32 -30.46 -37.03
CA THR D 251 30.05 -31.06 -36.62
C THR D 251 29.18 -30.11 -35.80
N ASN D 252 29.79 -29.01 -35.34
CA ASN D 252 29.11 -28.00 -34.54
C ASN D 252 28.53 -26.89 -35.45
N GLU D 253 27.22 -26.65 -35.34
CA GLU D 253 26.50 -25.64 -36.09
C GLU D 253 27.04 -24.23 -35.94
N ASN D 254 27.40 -23.86 -34.71
CA ASN D 254 27.88 -22.53 -34.37
C ASN D 254 29.28 -22.27 -34.87
N ASP D 255 30.11 -23.31 -34.88
CA ASP D 255 31.45 -23.21 -35.45
C ASP D 255 31.35 -22.93 -36.95
N ARG D 256 30.47 -23.67 -37.65
CA ARG D 256 30.26 -23.49 -39.07
C ARG D 256 29.73 -22.07 -39.40
N LEU D 257 28.79 -21.58 -38.58
CA LEU D 257 28.28 -20.24 -38.73
C LEU D 257 29.40 -19.22 -38.68
N LEU D 258 30.27 -19.35 -37.67
CA LEU D 258 31.37 -18.44 -37.47
C LEU D 258 32.39 -18.47 -38.63
N VAL D 259 32.61 -19.64 -39.21
CA VAL D 259 33.54 -19.77 -40.37
C VAL D 259 32.90 -19.05 -41.56
N CYS D 260 31.59 -19.19 -41.73
CA CYS D 260 30.87 -18.54 -42.85
C CYS D 260 30.87 -17.01 -42.67
N GLN D 261 30.77 -16.53 -41.44
CA GLN D 261 30.80 -15.07 -41.15
C GLN D 261 32.18 -14.51 -41.48
N MET D 262 33.26 -15.28 -41.22
CA MET D 262 34.63 -14.85 -41.58
C MET D 262 34.76 -14.84 -43.10
N CYS D 263 34.19 -15.84 -43.78
N CYS D 263 34.20 -15.85 -43.77
CA CYS D 263 34.29 -15.94 -45.25
CA CYS D 263 34.29 -15.94 -45.25
C CYS D 263 33.67 -14.71 -45.93
C CYS D 263 33.69 -14.68 -45.91
N ILE D 264 32.50 -14.27 -45.44
CA ILE D 264 31.81 -13.09 -46.04
C ILE D 264 32.56 -11.80 -45.72
N LYS D 265 33.18 -11.71 -44.54
CA LYS D 265 33.95 -10.52 -44.15
C LYS D 265 35.21 -10.43 -45.02
N LEU D 266 35.92 -11.53 -45.22
CA LEU D 266 37.13 -11.55 -46.09
C LEU D 266 36.72 -11.21 -47.52
N ALA D 267 35.63 -11.78 -48.01
CA ALA D 267 35.13 -11.48 -49.37
C ALA D 267 34.71 -10.02 -49.50
N ASP D 268 34.09 -9.46 -48.47
CA ASP D 268 33.60 -8.05 -48.53
C ASP D 268 34.79 -7.12 -48.73
N ILE D 269 35.90 -7.38 -48.06
CA ILE D 269 37.00 -6.45 -48.11
C ILE D 269 38.23 -7.05 -48.82
N ASN D 270 37.97 -7.90 -49.81
CA ASN D 270 38.99 -8.67 -50.52
C ASN D 270 39.93 -7.85 -51.42
N GLY D 271 39.52 -6.63 -51.79
CA GLY D 271 40.23 -5.78 -52.75
C GLY D 271 41.75 -5.69 -52.55
N PRO D 272 42.22 -5.28 -51.36
CA PRO D 272 43.66 -5.27 -51.06
C PRO D 272 44.39 -6.58 -51.17
N ALA D 273 43.66 -7.71 -51.22
CA ALA D 273 44.26 -9.05 -51.38
C ALA D 273 44.13 -9.59 -52.80
N LYS D 274 43.78 -8.71 -53.75
CA LYS D 274 43.75 -9.00 -55.18
C LYS D 274 45.04 -8.43 -55.84
N CYS D 275 45.25 -8.79 -57.11
CA CYS D 275 46.30 -8.22 -57.94
C CYS D 275 46.20 -6.70 -57.93
N LYS D 276 47.34 -6.05 -58.16
CA LYS D 276 47.44 -4.60 -58.16
C LYS D 276 46.30 -3.94 -58.93
N GLU D 277 46.03 -4.47 -60.13
CA GLU D 277 45.10 -3.87 -61.08
C GLU D 277 43.67 -3.78 -60.51
N LEU D 278 43.16 -4.92 -60.06
CA LEU D 278 41.85 -5.00 -59.43
C LEU D 278 41.79 -4.10 -58.18
N HIS D 279 42.79 -4.26 -57.31
CA HIS D 279 42.91 -3.51 -56.07
C HIS D 279 42.78 -2.02 -56.30
N LEU D 280 43.50 -1.52 -57.32
CA LEU D 280 43.53 -0.09 -57.63
C LEU D 280 42.20 0.38 -58.21
N GLN D 281 41.57 -0.42 -59.06
CA GLN D 281 40.21 -0.12 -59.55
C GLN D 281 39.19 0.02 -58.38
N TRP D 282 39.20 -0.95 -57.45
CA TRP D 282 38.28 -0.92 -56.32
C TRP D 282 38.58 0.27 -55.41
N THR D 283 39.86 0.58 -55.22
CA THR D 283 40.30 1.76 -54.51
C THR D 283 39.68 3.06 -55.04
N ASP D 284 39.70 3.23 -56.36
CA ASP D 284 39.11 4.41 -57.00
C ASP D 284 37.65 4.54 -56.60
N GLY D 285 36.93 3.42 -56.67
CA GLY D 285 35.53 3.34 -56.30
C GLY D 285 35.29 3.81 -54.86
N ILE D 286 36.02 3.21 -53.91
CA ILE D 286 35.72 3.48 -52.50
C ILE D 286 36.08 4.93 -52.15
N VAL D 287 37.25 5.40 -52.61
CA VAL D 287 37.65 6.79 -52.33
C VAL D 287 36.71 7.82 -52.96
N ASN D 288 36.12 7.49 -54.12
CA ASN D 288 35.11 8.33 -54.75
C ASN D 288 33.84 8.47 -53.89
N GLU D 289 33.38 7.36 -53.30
CA GLU D 289 32.28 7.41 -52.32
C GLU D 289 32.65 8.24 -51.10
N PHE D 290 33.86 8.03 -50.58
CA PHE D 290 34.32 8.81 -49.42
C PHE D 290 34.33 10.32 -49.67
N TYR D 291 34.85 10.74 -50.83
CA TYR D 291 34.85 12.17 -51.18
C TYR D 291 33.47 12.73 -51.39
N GLU D 292 32.56 11.97 -51.99
CA GLU D 292 31.15 12.40 -52.11
C GLU D 292 30.52 12.64 -50.73
N GLN D 293 30.92 11.85 -49.74
CA GLN D 293 30.43 11.99 -48.37
C GLN D 293 31.06 13.23 -47.76
N GLY D 294 32.38 13.39 -47.98
CA GLY D 294 33.13 14.55 -47.53
C GLY D 294 32.50 15.85 -48.01
N ASP D 295 32.11 15.87 -49.29
CA ASP D 295 31.39 17.00 -49.87
C ASP D 295 30.14 17.30 -49.04
N GLU D 296 29.26 16.30 -48.89
CA GLU D 296 28.02 16.49 -48.13
C GLU D 296 28.25 16.89 -46.67
N GLU D 297 29.24 16.29 -46.02
CA GLU D 297 29.61 16.65 -44.63
C GLU D 297 29.96 18.15 -44.50
N ALA D 298 30.77 18.64 -45.44
CA ALA D 298 31.18 20.05 -45.49
C ALA D 298 29.96 20.97 -45.65
N SER D 299 29.17 20.71 -46.69
CA SER D 299 27.98 21.49 -46.98
C SER D 299 26.99 21.51 -45.81
N LEU D 300 27.03 20.47 -44.96
CA LEU D 300 26.20 20.41 -43.76
C LEU D 300 26.86 20.94 -42.49
N GLY D 301 28.06 21.50 -42.60
CA GLY D 301 28.70 22.12 -41.46
C GLY D 301 29.32 21.16 -40.45
N LEU D 302 29.32 19.87 -40.79
CA LEU D 302 30.01 18.85 -40.02
C LEU D 302 31.49 18.81 -40.41
N PRO D 303 32.38 18.40 -39.48
CA PRO D 303 33.79 18.20 -39.84
C PRO D 303 33.90 17.05 -40.85
N ILE D 304 34.72 17.24 -41.90
CA ILE D 304 34.94 16.18 -42.88
C ILE D 304 35.65 15.01 -42.19
N SER D 305 35.12 13.79 -42.38
CA SER D 305 35.65 12.58 -41.74
C SER D 305 37.05 12.27 -42.28
N PRO D 306 37.93 11.66 -41.45
CA PRO D 306 39.25 11.22 -41.92
C PRO D 306 39.24 10.48 -43.27
N PHE D 307 40.21 10.82 -44.12
CA PHE D 307 40.40 10.26 -45.45
C PHE D 307 39.30 10.57 -46.44
N MET D 308 38.40 11.51 -46.10
CA MET D 308 37.26 11.82 -46.96
C MET D 308 37.31 13.23 -47.56
N ASP D 309 38.47 13.88 -47.42
CA ASP D 309 38.64 15.25 -48.00
C ASP D 309 39.42 15.19 -49.31
N ARG D 310 38.77 15.52 -50.43
CA ARG D 310 39.44 15.53 -51.75
C ARG D 310 40.64 16.46 -51.66
N SER D 311 40.41 17.69 -51.19
CA SER D 311 41.56 18.59 -50.93
C SER D 311 42.23 18.05 -49.69
N ALA D 312 43.55 17.81 -49.73
CA ALA D 312 44.28 17.20 -48.60
C ALA D 312 43.83 15.75 -48.35
N PRO D 313 44.13 14.78 -49.24
CA PRO D 313 43.82 13.39 -48.97
C PRO D 313 44.99 12.56 -48.41
N GLN D 314 44.70 11.51 -47.64
CA GLN D 314 45.77 10.61 -47.16
C GLN D 314 45.54 9.22 -47.77
N LEU D 315 45.50 9.14 -49.11
CA LEU D 315 45.23 7.88 -49.80
C LEU D 315 46.13 6.75 -49.36
N ALA D 316 47.44 7.00 -49.31
CA ALA D 316 48.40 5.96 -48.96
C ALA D 316 48.24 5.55 -47.51
N ASN D 317 47.97 6.53 -46.63
CA ASN D 317 47.74 6.25 -45.22
C ASN D 317 46.48 5.40 -44.99
N LEU D 318 45.39 5.81 -45.62
CA LEU D 318 44.13 5.06 -45.66
C LEU D 318 44.40 3.58 -46.02
N GLN D 319 45.03 3.38 -47.18
CA GLN D 319 45.33 2.04 -47.68
C GLN D 319 46.19 1.24 -46.74
N GLU D 320 47.30 1.83 -46.29
CA GLU D 320 48.27 1.16 -45.42
C GLU D 320 47.65 0.79 -44.07
N SER D 321 46.93 1.73 -43.45
CA SER D 321 46.30 1.48 -42.16
C SER D 321 45.14 0.47 -42.27
N PHE D 322 44.35 0.58 -43.34
CA PHE D 322 43.28 -0.38 -43.59
C PHE D 322 43.81 -1.81 -43.71
N ILE D 323 44.93 -1.99 -44.41
CA ILE D 323 45.54 -3.31 -44.53
C ILE D 323 46.11 -3.77 -43.19
N SER D 324 46.79 -2.86 -42.49
CA SER D 324 47.47 -3.23 -41.23
C SER D 324 46.52 -3.53 -40.09
N HIS D 325 45.47 -2.71 -39.95
CA HIS D 325 44.52 -2.80 -38.82
C HIS D 325 43.30 -3.66 -39.04
N ILE D 326 42.91 -3.87 -40.30
CA ILE D 326 41.65 -4.56 -40.64
C ILE D 326 41.90 -5.84 -41.44
N VAL D 327 42.37 -5.69 -42.69
CA VAL D 327 42.50 -6.83 -43.61
C VAL D 327 43.55 -7.85 -43.16
N GLY D 328 44.72 -7.35 -42.77
CA GLY D 328 45.85 -8.18 -42.36
C GLY D 328 45.50 -9.11 -41.20
N PRO D 329 45.02 -8.58 -40.05
CA PRO D 329 44.62 -9.43 -38.94
C PRO D 329 43.53 -10.44 -39.33
N LEU D 330 42.62 -10.04 -40.21
CA LEU D 330 41.55 -10.93 -40.65
C LEU D 330 42.10 -12.10 -41.47
N CYS D 331 43.01 -11.81 -42.41
CA CYS D 331 43.66 -12.86 -43.20
C CYS D 331 44.51 -13.79 -42.32
N ASN D 332 45.27 -13.20 -41.40
CA ASN D 332 46.06 -13.94 -40.44
C ASN D 332 45.22 -14.91 -39.61
N SER D 333 44.13 -14.39 -39.05
CA SER D 333 43.18 -15.18 -38.30
C SER D 333 42.66 -16.37 -39.13
N TYR D 334 42.21 -16.10 -40.36
CA TYR D 334 41.64 -17.15 -41.27
C TYR D 334 42.72 -18.15 -41.65
N ASP D 335 43.89 -17.65 -42.01
CA ASP D 335 45.02 -18.52 -42.35
C ASP D 335 45.37 -19.44 -41.19
N SER D 336 45.40 -18.89 -39.96
CA SER D 336 45.74 -19.65 -38.75
C SER D 336 44.82 -20.84 -38.51
N ALA D 337 43.56 -20.70 -38.91
CA ALA D 337 42.59 -21.79 -38.86
C ALA D 337 42.82 -22.79 -39.99
N GLY D 338 43.66 -22.41 -40.95
CA GLY D 338 43.99 -23.24 -42.09
C GLY D 338 42.95 -23.28 -43.19
N LEU D 339 42.20 -22.20 -43.36
CA LEU D 339 41.10 -22.15 -44.34
C LEU D 339 41.44 -21.49 -45.68
N MET D 340 42.64 -20.91 -45.77
CA MET D 340 43.08 -20.16 -46.94
C MET D 340 43.31 -21.14 -48.09
N PRO D 341 42.69 -20.93 -49.28
CA PRO D 341 43.10 -21.68 -50.46
C PRO D 341 44.59 -21.47 -50.73
N GLY D 342 45.25 -22.48 -51.30
CA GLY D 342 46.67 -22.45 -51.54
C GLY D 342 47.18 -23.76 -52.12
N LYS D 343 48.48 -23.80 -52.43
CA LYS D 343 49.14 -24.97 -53.02
C LYS D 343 50.29 -25.45 -52.14
N TRP D 344 50.40 -26.77 -51.99
CA TRP D 344 51.60 -27.42 -51.48
C TRP D 344 52.73 -27.20 -52.48
N VAL D 345 53.89 -26.73 -52.00
CA VAL D 345 55.10 -26.66 -52.86
C VAL D 345 55.70 -28.04 -53.12
N ARG D 354 56.02 -29.76 -45.07
CA ARG D 354 55.97 -29.07 -46.36
C ARG D 354 55.55 -27.59 -46.28
N LYS D 355 55.86 -26.86 -47.35
CA LYS D 355 55.51 -25.45 -47.51
C LYS D 355 54.20 -25.31 -48.32
N ILE D 356 53.51 -24.20 -48.08
CA ILE D 356 52.28 -23.84 -48.76
C ILE D 356 52.46 -22.49 -49.46
N TYR D 357 52.14 -22.45 -50.75
CA TYR D 357 52.06 -21.21 -51.50
C TYR D 357 50.63 -20.68 -51.45
N CYS D 358 50.47 -19.45 -50.96
CA CYS D 358 49.15 -18.81 -50.77
C CYS D 358 49.06 -17.49 -51.54
N GLN D 359 48.43 -17.54 -52.71
CA GLN D 359 48.28 -16.39 -53.60
C GLN D 359 47.68 -15.15 -52.89
N ILE D 360 46.69 -15.40 -52.03
CA ILE D 360 45.92 -14.33 -51.39
C ILE D 360 46.78 -13.50 -50.45
N THR D 361 47.48 -14.15 -49.52
CA THR D 361 48.36 -13.44 -48.59
C THR D 361 49.57 -12.84 -49.33
N GLN D 362 50.04 -13.52 -50.39
CA GLN D 362 51.08 -12.96 -51.26
C GLN D 362 50.66 -11.59 -51.85
N HIS D 363 49.48 -11.51 -52.43
CA HIS D 363 48.97 -10.24 -53.00
C HIS D 363 48.85 -9.15 -51.93
N LEU D 364 48.37 -9.55 -50.75
CA LEU D 364 48.15 -8.60 -49.65
C LEU D 364 49.50 -7.99 -49.20
N LEU D 365 50.52 -8.84 -49.10
CA LEU D 365 51.88 -8.42 -48.80
C LEU D 365 52.42 -7.43 -49.82
N GLN D 366 52.31 -7.76 -51.11
CA GLN D 366 52.81 -6.90 -52.17
C GLN D 366 52.11 -5.55 -52.17
N ASN D 367 50.78 -5.55 -52.06
CA ASN D 367 50.01 -4.32 -52.03
C ASN D 367 50.38 -3.47 -50.78
N HIS D 368 50.65 -4.14 -49.67
CA HIS D 368 51.04 -3.46 -48.44
C HIS D 368 52.41 -2.78 -48.61
N LYS D 369 53.38 -3.52 -49.16
CA LYS D 369 54.71 -3.00 -49.49
C LYS D 369 54.57 -1.77 -50.35
N MET D 370 53.78 -1.88 -51.41
CA MET D 370 53.58 -0.80 -52.38
C MET D 370 53.15 0.52 -51.72
N TRP D 371 52.18 0.44 -50.80
CA TRP D 371 51.64 1.63 -50.12
C TRP D 371 52.62 2.19 -49.07
N LYS D 372 53.41 1.32 -48.44
CA LYS D 372 54.45 1.77 -47.51
C LYS D 372 55.49 2.63 -48.25
N LYS D 373 56.00 2.09 -49.36
CA LYS D 373 56.90 2.81 -50.25
C LYS D 373 56.35 4.20 -50.61
N VAL D 374 55.08 4.27 -50.99
CA VAL D 374 54.42 5.54 -51.32
C VAL D 374 54.41 6.51 -50.13
N ILE D 375 54.21 5.98 -48.92
CA ILE D 375 54.24 6.78 -47.70
C ILE D 375 55.64 7.35 -47.47
N GLU D 376 56.68 6.57 -47.77
CA GLU D 376 58.04 7.12 -47.82
C GLU D 376 58.15 8.01 -49.10
N GLU D 377 58.90 9.10 -48.99
CA GLU D 377 59.02 10.10 -50.04
C GLU D 377 57.82 11.03 -50.06
N GLU D 378 56.73 10.73 -49.33
CA GLU D 378 55.75 11.76 -48.95
C GLU D 378 55.94 12.21 -47.49
N GLN D 379 57.03 11.79 -46.85
CA GLN D 379 57.34 12.13 -45.46
C GLN D 379 58.76 12.64 -45.23
#